data_5EFV
#
_entry.id   5EFV
#
_cell.length_a   87.060
_cell.length_b   89.010
_cell.length_c   93.260
_cell.angle_alpha   93.02
_cell.angle_beta   105.25
_cell.angle_gamma   117.58
#
_symmetry.space_group_name_H-M   'P 1'
#
loop_
_entity.id
_entity.type
_entity.pdbx_description
1 polymer 'Phi ETA orf 56-like protein'
2 non-polymer 'FE (III) ION'
3 water water
#
_entity_poly.entity_id   1
_entity_poly.type   'polypeptide(L)'
_entity_poly.pdbx_seq_one_letter_code
;HHHHHHLVPRGSMSNKLITDLSRVFDYRYVDENEYNFKLISDMLTDFNFSLEYHRNKEVFAHDGEQIKYEHLNVTSNVSD
FLTYLNGRFSNMVLGHNGDGINEVKDARVDNTGYGHKTLQDRLYHDYSTLDVFTKKVEKAVDEHYKEYRATEYRFEPKEQ
EPEFITDLSPYTNAVMQSFWVDPRTKIIYMTQARPGNHYMLSRLKPNGQFIDRLLVKNGGHGTHNAYRYIDGELWIYSAV
LDSNKNNKFVRFQYRTGEITYGNEMQDVMPNIFNDRYTSAIYNPVENLMIFRREYKPTERQLKNSLNFVEVRSADDIDKG
IDKVLYQMDIPMEYTSDTQPMQGITYDAGILYWYTGDSNTANPNYLQGFDIKTKELLFKRRIDIGGVNNNFKGDFQEAEG
LDMYYDLETGRKALLIGVTIGPGNNRHHSIYSIGQRGVNQFLKNIAPQVSMTDSGGRVKPLPIQNPAYLSDITEVGHYYI
YTQDTQNALDFPLPKAFRDAGWFLDVLPGHYNGALRQVLTRNSTGRNMLKFERVIDIFNKKNNGAWNFCPQNAGYWEHIP
KSITKLSDLKIVGLDFYITTEESNRFTDFPKDFKGIAGWILEVKSNTPGNTTQVLRRNNFPSAHQFLVRNFGTGGVGKWS
LFEGKVVE
;
_entity_poly.pdbx_strand_id   A,B,C
#
loop_
_chem_comp.id
_chem_comp.type
_chem_comp.name
_chem_comp.formula
FE non-polymer 'FE (III) ION' 'Fe 3'
#
# COMPACT_ATOMS: atom_id res chain seq x y z
N GLY A 11 -7.99 -56.23 10.17
CA GLY A 11 -7.08 -55.65 9.18
C GLY A 11 -6.42 -54.38 9.69
N SER A 12 -7.27 -53.45 10.15
CA SER A 12 -7.00 -52.15 10.76
C SER A 12 -8.35 -51.57 11.21
N MET A 13 -8.31 -50.68 12.22
CA MET A 13 -9.46 -50.02 12.81
C MET A 13 -9.10 -48.58 13.19
N SER A 14 -9.52 -47.64 12.35
CA SER A 14 -9.28 -46.21 12.54
C SER A 14 -10.15 -45.67 13.66
N ASN A 15 -9.54 -44.94 14.60
CA ASN A 15 -10.26 -44.28 15.69
C ASN A 15 -10.61 -42.83 15.28
N LYS A 16 -10.50 -42.53 13.96
CA LYS A 16 -10.82 -41.21 13.41
C LYS A 16 -12.31 -41.06 13.09
N LEU A 17 -12.86 -39.93 13.52
CA LEU A 17 -14.25 -39.53 13.34
C LEU A 17 -14.56 -39.13 11.91
N ILE A 18 -15.79 -39.42 11.43
CA ILE A 18 -16.23 -39.03 10.09
C ILE A 18 -16.51 -37.53 10.15
N THR A 19 -15.73 -36.73 9.41
CA THR A 19 -15.87 -35.27 9.42
C THR A 19 -16.52 -34.75 8.13
N ASP A 20 -16.62 -35.62 7.10
CA ASP A 20 -17.29 -35.29 5.84
C ASP A 20 -18.55 -36.15 5.81
N LEU A 21 -19.70 -35.54 6.13
CA LEU A 21 -20.98 -36.26 6.21
C LEU A 21 -21.75 -36.30 4.88
N SER A 22 -22.74 -37.21 4.81
CA SER A 22 -23.66 -37.38 3.67
C SER A 22 -24.51 -36.10 3.58
N ARG A 23 -24.70 -35.57 2.35
CA ARG A 23 -25.49 -34.36 2.17
C ARG A 23 -27.01 -34.62 2.14
N VAL A 24 -27.41 -35.90 2.27
CA VAL A 24 -28.81 -36.34 2.28
C VAL A 24 -29.11 -37.13 3.56
N PHE A 25 -30.23 -36.81 4.23
CA PHE A 25 -30.64 -37.55 5.42
C PHE A 25 -31.09 -38.94 4.99
N ASP A 26 -30.19 -39.91 5.21
CA ASP A 26 -30.33 -41.32 4.88
C ASP A 26 -30.11 -42.18 6.11
N TYR A 27 -30.02 -43.50 5.88
CA TYR A 27 -29.66 -44.51 6.86
C TYR A 27 -28.16 -44.28 7.12
N ARG A 28 -27.39 -43.91 6.04
CA ARG A 28 -25.96 -43.65 5.99
C ARG A 28 -25.61 -42.43 6.86
N TYR A 29 -26.40 -41.34 6.76
CA TYR A 29 -26.23 -40.15 7.59
C TYR A 29 -26.39 -40.53 9.07
N VAL A 30 -27.45 -41.30 9.41
CA VAL A 30 -27.66 -41.76 10.80
C VAL A 30 -26.50 -42.66 11.24
N ASP A 31 -26.13 -43.65 10.38
CA ASP A 31 -25.05 -44.61 10.65
C ASP A 31 -23.67 -43.95 10.91
N GLU A 32 -23.39 -42.82 10.23
CA GLU A 32 -22.16 -42.04 10.39
C GLU A 32 -22.16 -41.33 11.74
N ASN A 33 -23.32 -40.76 12.13
CA ASN A 33 -23.48 -40.08 13.41
C ASN A 33 -23.39 -41.04 14.57
N GLU A 34 -23.97 -42.22 14.44
CA GLU A 34 -23.93 -43.25 15.50
C GLU A 34 -22.52 -43.74 15.66
N TYR A 35 -21.86 -44.05 14.53
CA TYR A 35 -20.47 -44.48 14.48
C TYR A 35 -19.60 -43.47 15.24
N ASN A 36 -19.77 -42.15 14.95
CA ASN A 36 -19.01 -41.10 15.62
C ASN A 36 -19.27 -41.07 17.10
N PHE A 37 -20.55 -41.12 17.50
CA PHE A 37 -20.90 -41.12 18.90
C PHE A 37 -20.39 -42.35 19.63
N LYS A 38 -20.33 -43.53 18.97
CA LYS A 38 -19.79 -44.77 19.54
C LYS A 38 -18.29 -44.62 19.80
N LEU A 39 -17.55 -44.09 18.83
CA LEU A 39 -16.12 -43.82 18.92
C LEU A 39 -15.84 -42.84 20.08
N ILE A 40 -16.59 -41.70 20.12
CA ILE A 40 -16.46 -40.67 21.17
C ILE A 40 -16.75 -41.24 22.55
N SER A 41 -17.80 -42.07 22.66
CA SER A 41 -18.18 -42.72 23.93
C SER A 41 -17.04 -43.59 24.46
N ASP A 42 -16.42 -44.40 23.57
CA ASP A 42 -15.28 -45.27 23.90
C ASP A 42 -14.05 -44.45 24.28
N MET A 43 -13.77 -43.34 23.57
CA MET A 43 -12.63 -42.47 23.91
C MET A 43 -12.81 -41.81 25.27
N LEU A 44 -14.06 -41.33 25.57
CA LEU A 44 -14.38 -40.72 26.86
C LEU A 44 -14.27 -41.73 28.00
N THR A 45 -14.75 -42.97 27.78
CA THR A 45 -14.66 -44.06 28.77
C THR A 45 -13.20 -44.41 29.02
N ASP A 46 -12.38 -44.44 27.96
CA ASP A 46 -10.93 -44.68 28.06
C ASP A 46 -10.25 -43.55 28.83
N PHE A 47 -10.64 -42.26 28.61
CA PHE A 47 -10.04 -41.15 29.38
C PHE A 47 -10.36 -41.25 30.87
N ASN A 48 -11.59 -41.66 31.20
CA ASN A 48 -12.02 -41.81 32.58
C ASN A 48 -11.25 -42.98 33.29
N PHE A 49 -11.08 -44.09 32.56
CA PHE A 49 -10.36 -45.27 33.04
C PHE A 49 -8.88 -44.91 33.23
N SER A 50 -8.27 -44.21 32.26
CA SER A 50 -6.87 -43.76 32.28
C SER A 50 -6.59 -42.87 33.48
N LEU A 51 -7.45 -41.89 33.81
CA LEU A 51 -7.23 -41.02 34.97
C LEU A 51 -7.26 -41.82 36.26
N GLU A 52 -8.24 -42.72 36.38
CA GLU A 52 -8.40 -43.55 37.57
C GLU A 52 -7.21 -44.49 37.73
N TYR A 53 -6.77 -45.10 36.63
CA TYR A 53 -5.63 -46.00 36.60
C TYR A 53 -4.34 -45.24 36.93
N HIS A 54 -4.18 -44.00 36.40
CA HIS A 54 -3.03 -43.16 36.67
C HIS A 54 -2.87 -42.93 38.18
N ARG A 55 -3.97 -42.55 38.82
CA ARG A 55 -4.05 -42.28 40.24
C ARG A 55 -3.76 -43.48 41.15
N ASN A 56 -4.39 -44.63 40.84
CA ASN A 56 -4.43 -45.81 41.69
C ASN A 56 -3.58 -47.02 41.32
N LYS A 57 -3.32 -47.28 40.05
CA LYS A 57 -2.65 -48.54 39.68
C LYS A 57 -1.43 -48.44 38.83
N GLU A 58 -1.36 -47.44 37.97
CA GLU A 58 -0.26 -47.30 37.04
C GLU A 58 1.09 -47.43 37.75
N VAL A 59 1.92 -48.38 37.29
CA VAL A 59 3.23 -48.55 37.88
C VAL A 59 4.17 -47.92 36.94
N PHE A 60 4.66 -46.85 37.51
CA PHE A 60 5.48 -45.75 37.09
C PHE A 60 4.54 -44.82 36.36
N ALA A 61 3.72 -44.17 37.22
CA ALA A 61 2.81 -43.08 36.90
C ALA A 61 3.70 -41.89 36.57
N HIS A 62 4.88 -41.80 37.26
CA HIS A 62 5.87 -40.73 37.08
C HIS A 62 7.28 -41.21 37.40
N ASP A 63 8.29 -40.45 36.96
CA ASP A 63 9.65 -40.66 37.43
C ASP A 63 9.83 -39.68 38.63
N GLY A 64 10.66 -40.03 39.60
CA GLY A 64 10.95 -39.19 40.78
C GLY A 64 11.52 -37.81 40.47
N GLU A 65 12.08 -37.59 39.25
CA GLU A 65 12.60 -36.29 38.75
C GLU A 65 11.47 -35.31 38.48
N GLN A 66 10.26 -35.82 38.28
CA GLN A 66 9.05 -35.02 38.02
C GLN A 66 8.41 -34.53 39.33
N ILE A 67 8.92 -35.00 40.48
CA ILE A 67 8.36 -34.69 41.79
C ILE A 67 9.19 -33.68 42.54
N LYS A 68 8.54 -32.59 42.88
CA LYS A 68 9.18 -31.51 43.62
C LYS A 68 9.41 -31.88 45.08
N TYR A 69 10.63 -31.58 45.57
CA TYR A 69 10.98 -31.68 46.97
C TYR A 69 11.49 -30.32 47.38
N GLU A 70 10.71 -29.65 48.20
CA GLU A 70 11.01 -28.32 48.69
C GLU A 70 10.96 -28.26 50.19
N HIS A 71 12.00 -27.72 50.79
CA HIS A 71 12.04 -27.56 52.23
C HIS A 71 12.87 -26.33 52.58
N LEU A 72 12.30 -25.43 53.41
CA LEU A 72 12.97 -24.23 53.89
C LEU A 72 13.80 -23.47 52.83
N ASN A 73 13.11 -23.01 51.76
CA ASN A 73 13.65 -22.20 50.65
C ASN A 73 14.61 -22.95 49.71
N VAL A 74 14.66 -24.29 49.82
CA VAL A 74 15.49 -25.13 48.94
C VAL A 74 14.48 -25.94 48.10
N THR A 75 14.67 -25.99 46.76
CA THR A 75 13.88 -26.82 45.84
C THR A 75 14.82 -27.79 45.11
N SER A 76 14.53 -29.08 45.18
CA SER A 76 15.16 -30.19 44.45
C SER A 76 14.01 -31.05 43.90
N ASN A 77 14.33 -32.25 43.41
CA ASN A 77 13.35 -33.21 42.97
C ASN A 77 13.57 -34.44 43.80
N VAL A 78 12.57 -35.31 43.90
CA VAL A 78 12.64 -36.49 44.75
C VAL A 78 13.78 -37.45 44.36
N SER A 79 13.99 -37.73 43.06
CA SER A 79 15.05 -38.66 42.65
C SER A 79 16.43 -38.15 43.00
N ASP A 80 16.74 -36.89 42.64
CA ASP A 80 18.04 -36.32 42.95
C ASP A 80 18.30 -36.23 44.45
N PHE A 81 17.25 -35.93 45.27
CA PHE A 81 17.40 -35.86 46.72
C PHE A 81 17.66 -37.25 47.33
N LEU A 82 17.05 -38.29 46.78
CA LEU A 82 17.24 -39.69 47.20
C LEU A 82 18.68 -40.12 46.89
N THR A 83 19.18 -39.74 45.69
CA THR A 83 20.55 -40.00 45.25
C THR A 83 21.52 -39.28 46.17
N TYR A 84 21.22 -38.02 46.51
CA TYR A 84 21.99 -37.22 47.45
C TYR A 84 22.08 -37.90 48.84
N LEU A 85 20.95 -38.35 49.41
CA LEU A 85 20.90 -39.01 50.73
C LEU A 85 21.68 -40.30 50.73
N ASN A 86 21.51 -41.14 49.68
CA ASN A 86 22.25 -42.38 49.58
C ASN A 86 23.77 -42.14 49.53
N GLY A 87 24.20 -41.11 48.79
CA GLY A 87 25.58 -40.67 48.67
C GLY A 87 26.16 -40.20 50.00
N ARG A 88 25.34 -39.52 50.82
CA ARG A 88 25.73 -39.05 52.16
C ARG A 88 26.03 -40.27 53.03
N PHE A 89 25.19 -41.33 52.94
CA PHE A 89 25.38 -42.61 53.63
C PHE A 89 26.66 -43.32 53.15
N SER A 90 26.78 -43.51 51.82
CA SER A 90 27.90 -44.23 51.20
C SER A 90 29.22 -43.58 51.58
N ASN A 91 29.30 -42.24 51.50
CA ASN A 91 30.51 -41.50 51.88
C ASN A 91 30.91 -41.70 53.36
N MET A 92 29.93 -41.79 54.25
CA MET A 92 30.16 -42.00 55.66
C MET A 92 30.70 -43.39 55.93
N VAL A 93 30.32 -44.38 55.12
CA VAL A 93 30.75 -45.76 55.20
C VAL A 93 32.15 -45.91 54.56
N LEU A 94 32.28 -45.50 53.29
CA LEU A 94 33.49 -45.62 52.46
C LEU A 94 34.57 -44.52 52.60
N GLY A 95 34.19 -43.31 52.94
CA GLY A 95 35.11 -42.17 53.01
C GLY A 95 36.20 -42.26 54.08
N HIS A 96 37.41 -41.77 53.74
CA HIS A 96 38.55 -41.75 54.66
C HIS A 96 38.36 -40.65 55.64
N ASN A 97 38.78 -40.92 56.90
CA ASN A 97 38.80 -39.95 57.97
C ASN A 97 40.05 -39.14 57.68
N GLY A 98 39.90 -37.84 57.54
CA GLY A 98 41.08 -37.02 57.28
C GLY A 98 41.77 -36.52 58.54
N ASP A 99 42.72 -35.60 58.34
CA ASP A 99 43.41 -34.86 59.39
C ASP A 99 42.52 -33.62 59.39
N GLY A 100 41.60 -33.55 60.35
CA GLY A 100 40.60 -32.49 60.50
C GLY A 100 41.05 -31.10 60.16
N ILE A 101 41.85 -30.52 61.05
CA ILE A 101 42.41 -29.17 60.98
C ILE A 101 43.07 -28.86 59.63
N ASN A 102 43.97 -29.74 59.14
CA ASN A 102 44.68 -29.52 57.87
C ASN A 102 43.77 -29.53 56.63
N GLU A 103 42.70 -30.33 56.64
CA GLU A 103 41.73 -30.39 55.56
C GLU A 103 40.90 -29.08 55.54
N VAL A 104 40.58 -28.57 56.74
CA VAL A 104 39.85 -27.31 56.92
C VAL A 104 40.72 -26.16 56.46
N LYS A 105 42.03 -26.18 56.82
CA LYS A 105 43.03 -25.17 56.42
C LYS A 105 43.14 -25.11 54.89
N ASP A 106 43.18 -26.28 54.24
CA ASP A 106 43.23 -26.35 52.78
C ASP A 106 42.00 -25.76 52.12
N ALA A 107 40.82 -25.91 52.74
CA ALA A 107 39.54 -25.43 52.24
C ALA A 107 39.40 -23.89 52.30
N ARG A 108 40.32 -23.20 52.99
CA ARG A 108 40.37 -21.74 53.10
C ARG A 108 40.84 -21.08 51.79
N VAL A 109 41.47 -21.87 50.91
CA VAL A 109 42.03 -21.39 49.64
C VAL A 109 40.94 -21.41 48.59
N ASP A 110 40.58 -20.23 48.04
CA ASP A 110 39.55 -20.20 47.02
C ASP A 110 40.10 -20.65 45.64
N ASN A 111 39.24 -20.68 44.61
CA ASN A 111 39.62 -21.15 43.27
C ASN A 111 40.72 -20.31 42.58
N THR A 112 40.93 -19.04 43.00
CA THR A 112 42.00 -18.20 42.43
C THR A 112 43.36 -18.50 43.08
N GLY A 113 43.34 -19.26 44.17
CA GLY A 113 44.54 -19.58 44.95
C GLY A 113 44.74 -18.66 46.14
N TYR A 114 43.75 -17.78 46.44
CA TYR A 114 43.82 -16.84 47.55
C TYR A 114 43.45 -17.52 48.86
N GLY A 115 44.36 -17.48 49.82
CA GLY A 115 44.16 -18.07 51.14
C GLY A 115 43.43 -17.15 52.10
N HIS A 116 42.16 -17.46 52.41
CA HIS A 116 41.37 -16.67 53.36
C HIS A 116 41.78 -17.07 54.76
N LYS A 117 41.45 -16.25 55.76
CA LYS A 117 41.86 -16.54 57.14
C LYS A 117 41.09 -17.67 57.76
N THR A 118 39.90 -17.94 57.24
CA THR A 118 38.96 -18.85 57.86
C THR A 118 38.12 -19.52 56.77
N LEU A 119 37.56 -20.73 57.06
CA LEU A 119 36.67 -21.45 56.14
C LEU A 119 35.41 -20.59 55.87
N GLN A 120 34.81 -20.02 56.93
CA GLN A 120 33.63 -19.17 56.85
C GLN A 120 33.89 -17.95 55.94
N ASP A 121 35.10 -17.35 56.02
CA ASP A 121 35.49 -16.21 55.19
C ASP A 121 35.55 -16.59 53.71
N ARG A 122 36.19 -17.72 53.40
CA ARG A 122 36.29 -18.27 52.07
C ARG A 122 34.88 -18.55 51.53
N LEU A 123 34.02 -19.24 52.31
CA LEU A 123 32.67 -19.62 51.83
C LEU A 123 31.83 -18.35 51.62
N TYR A 124 32.03 -17.35 52.52
CA TYR A 124 31.31 -16.08 52.41
C TYR A 124 31.69 -15.36 51.13
N HIS A 125 32.99 -15.25 50.86
CA HIS A 125 33.56 -14.61 49.69
C HIS A 125 33.05 -15.27 48.41
N ASP A 126 33.13 -16.61 48.33
CA ASP A 126 32.67 -17.38 47.16
C ASP A 126 31.19 -17.15 46.87
N TYR A 127 30.32 -17.31 47.88
CA TYR A 127 28.89 -17.15 47.72
C TYR A 127 28.53 -15.72 47.30
N SER A 128 29.13 -14.72 47.96
CA SER A 128 28.90 -13.30 47.69
C SER A 128 29.34 -12.95 46.27
N THR A 129 30.51 -13.42 45.82
CA THR A 129 31.00 -13.17 44.47
C THR A 129 29.97 -13.67 43.43
N LEU A 130 29.48 -14.91 43.60
CA LEU A 130 28.52 -15.49 42.66
C LEU A 130 27.13 -14.87 42.77
N ASP A 131 26.71 -14.50 43.99
CA ASP A 131 25.42 -13.87 44.23
C ASP A 131 25.39 -12.47 43.56
N VAL A 132 26.45 -11.66 43.73
CA VAL A 132 26.58 -10.32 43.12
C VAL A 132 26.63 -10.45 41.60
N PHE A 133 27.41 -11.41 41.08
CA PHE A 133 27.52 -11.65 39.65
C PHE A 133 26.17 -12.03 39.02
N THR A 134 25.48 -13.01 39.60
CA THR A 134 24.21 -13.49 39.07
C THR A 134 23.12 -12.41 39.16
N LYS A 135 23.14 -11.56 40.21
CA LYS A 135 22.19 -10.45 40.34
C LYS A 135 22.45 -9.39 39.25
N LYS A 136 23.72 -9.21 38.84
CA LYS A 136 24.12 -8.27 37.80
C LYS A 136 23.61 -8.78 36.45
N VAL A 137 23.72 -10.10 36.19
CA VAL A 137 23.22 -10.73 34.96
C VAL A 137 21.69 -10.62 34.92
N GLU A 138 21.00 -10.91 36.06
CA GLU A 138 19.53 -10.81 36.18
C GLU A 138 19.03 -9.39 35.92
N LYS A 139 19.73 -8.38 36.45
CA LYS A 139 19.38 -6.98 36.24
C LYS A 139 19.44 -6.63 34.74
N ALA A 140 20.51 -7.07 34.04
CA ALA A 140 20.68 -6.84 32.60
C ALA A 140 19.55 -7.54 31.81
N VAL A 141 19.14 -8.74 32.22
CA VAL A 141 18.06 -9.49 31.56
C VAL A 141 16.75 -8.71 31.65
N ASP A 142 16.37 -8.26 32.86
CA ASP A 142 15.15 -7.50 33.09
C ASP A 142 15.14 -6.19 32.35
N GLU A 143 16.28 -5.46 32.34
CA GLU A 143 16.44 -4.19 31.63
C GLU A 143 16.35 -4.31 30.11
N HIS A 144 16.99 -5.35 29.53
CA HIS A 144 16.96 -5.59 28.09
C HIS A 144 15.52 -5.95 27.69
N TYR A 145 14.84 -6.78 28.52
CA TYR A 145 13.46 -7.19 28.26
C TYR A 145 12.49 -6.04 28.38
N LYS A 146 12.68 -5.15 29.38
CA LYS A 146 11.83 -4.00 29.57
C LYS A 146 11.93 -3.05 28.38
N GLU A 147 13.17 -2.84 27.89
CA GLU A 147 13.46 -1.97 26.75
C GLU A 147 12.82 -2.56 25.48
N TYR A 148 12.98 -3.88 25.25
CA TYR A 148 12.41 -4.58 24.11
C TYR A 148 10.87 -4.46 24.07
N ARG A 149 10.21 -4.73 25.21
CA ARG A 149 8.75 -4.66 25.37
C ARG A 149 8.21 -3.24 25.18
N ALA A 150 8.95 -2.21 25.64
CA ALA A 150 8.56 -0.81 25.47
C ALA A 150 8.62 -0.41 23.99
N THR A 151 9.70 -0.81 23.27
CA THR A 151 9.91 -0.55 21.84
C THR A 151 8.82 -1.22 20.99
N GLU A 152 8.45 -2.46 21.32
CA GLU A 152 7.50 -3.25 20.56
C GLU A 152 6.03 -3.10 20.88
N TYR A 153 5.67 -3.00 22.18
CA TYR A 153 4.28 -3.06 22.62
C TYR A 153 3.75 -1.81 23.33
N ARG A 154 4.49 -0.72 23.29
CA ARG A 154 4.03 0.56 23.87
C ARG A 154 2.71 0.96 23.20
N PHE A 155 1.70 1.23 24.02
CA PHE A 155 0.38 1.63 23.59
C PHE A 155 -0.09 2.70 24.56
N GLU A 156 0.05 3.98 24.14
CA GLU A 156 -0.30 5.14 24.96
C GLU A 156 -1.22 6.15 24.26
N PRO A 157 -2.55 5.88 24.23
CA PRO A 157 -3.48 6.83 23.60
C PRO A 157 -3.48 8.24 24.18
N LYS A 158 -3.01 8.39 25.42
CA LYS A 158 -2.93 9.69 26.08
C LYS A 158 -1.78 10.56 25.52
N GLU A 159 -0.72 9.92 24.99
CA GLU A 159 0.50 10.60 24.54
C GLU A 159 0.80 10.57 23.06
N GLN A 160 0.71 9.38 22.42
CA GLN A 160 1.09 9.18 21.01
C GLN A 160 0.34 10.02 20.00
N GLU A 161 1.07 10.46 18.97
CA GLU A 161 0.45 11.23 17.90
C GLU A 161 -0.25 10.30 16.89
N PRO A 162 -1.55 10.55 16.59
CA PRO A 162 -2.23 9.73 15.57
C PRO A 162 -1.58 9.90 14.19
N GLU A 163 -1.45 8.78 13.48
CA GLU A 163 -0.87 8.70 12.15
C GLU A 163 -1.98 8.43 11.14
N PHE A 164 -1.94 9.11 9.99
CA PHE A 164 -2.88 8.90 8.89
C PHE A 164 -2.72 7.48 8.35
N ILE A 165 -3.86 6.79 8.15
CA ILE A 165 -3.89 5.44 7.60
C ILE A 165 -4.41 5.50 6.17
N THR A 166 -5.65 5.99 6.00
CA THR A 166 -6.33 6.00 4.71
C THR A 166 -7.51 6.95 4.69
N ASP A 167 -7.99 7.26 3.48
CA ASP A 167 -9.24 7.95 3.28
C ASP A 167 -10.28 6.85 3.15
N LEU A 168 -11.54 7.18 3.39
CA LEU A 168 -12.67 6.27 3.23
C LEU A 168 -13.52 6.93 2.18
N SER A 169 -13.88 6.18 1.12
CA SER A 169 -14.60 6.76 -0.01
C SER A 169 -15.97 6.13 -0.26
N PRO A 170 -16.98 6.37 0.62
CA PRO A 170 -18.33 5.89 0.30
C PRO A 170 -18.96 6.75 -0.80
N TYR A 171 -20.07 6.29 -1.36
CA TYR A 171 -20.81 7.04 -2.37
C TYR A 171 -22.06 7.66 -1.75
N THR A 172 -21.88 8.27 -0.56
CA THR A 172 -22.92 8.93 0.24
C THR A 172 -22.26 10.19 0.84
N ASN A 173 -22.92 11.34 0.66
CA ASN A 173 -22.44 12.60 1.19
C ASN A 173 -23.16 12.89 2.48
N ALA A 174 -22.55 12.44 3.60
CA ALA A 174 -23.02 12.56 4.97
C ALA A 174 -21.86 12.32 5.91
N VAL A 175 -21.94 12.85 7.14
CA VAL A 175 -20.92 12.60 8.15
C VAL A 175 -20.86 11.11 8.48
N MET A 176 -19.67 10.61 8.80
CA MET A 176 -19.50 9.22 9.17
C MET A 176 -19.90 9.07 10.63
N GLN A 177 -20.69 8.03 10.94
CA GLN A 177 -21.07 7.74 12.31
C GLN A 177 -20.04 6.83 12.92
N SER A 178 -19.80 5.67 12.30
CA SER A 178 -18.84 4.70 12.80
C SER A 178 -18.15 3.98 11.66
N PHE A 179 -17.12 3.20 12.02
CA PHE A 179 -16.35 2.38 11.08
C PHE A 179 -15.76 1.22 11.85
N TRP A 180 -15.53 0.11 11.16
CA TRP A 180 -14.93 -1.08 11.74
C TRP A 180 -14.07 -1.71 10.68
N VAL A 181 -12.82 -2.03 11.03
CA VAL A 181 -11.88 -2.69 10.14
C VAL A 181 -11.95 -4.19 10.45
N ASP A 182 -12.37 -5.00 9.47
CA ASP A 182 -12.48 -6.45 9.63
C ASP A 182 -11.06 -7.02 9.65
N PRO A 183 -10.57 -7.60 10.77
CA PRO A 183 -9.19 -8.11 10.80
C PRO A 183 -8.93 -9.32 9.89
N ARG A 184 -9.98 -10.05 9.52
CA ARG A 184 -9.83 -11.21 8.64
C ARG A 184 -9.79 -10.78 7.16
N THR A 185 -10.82 -10.09 6.69
CA THR A 185 -10.92 -9.69 5.28
C THR A 185 -10.27 -8.34 4.95
N LYS A 186 -10.06 -7.47 5.96
CA LYS A 186 -9.53 -6.10 5.84
C LYS A 186 -10.57 -5.13 5.22
N ILE A 187 -11.82 -5.61 5.06
CA ILE A 187 -12.90 -4.78 4.56
C ILE A 187 -13.28 -3.81 5.69
N ILE A 188 -13.54 -2.55 5.35
CA ILE A 188 -13.96 -1.52 6.29
C ILE A 188 -15.49 -1.35 6.20
N TYR A 189 -16.19 -1.52 7.32
CA TYR A 189 -17.64 -1.38 7.41
C TYR A 189 -17.92 -0.01 8.02
N MET A 190 -18.53 0.91 7.28
CA MET A 190 -18.83 2.21 7.84
C MET A 190 -20.31 2.57 7.80
N THR A 191 -20.77 3.38 8.77
CA THR A 191 -22.16 3.83 8.81
C THR A 191 -22.28 5.34 8.62
N GLN A 192 -23.38 5.75 7.96
CA GLN A 192 -23.74 7.14 7.71
C GLN A 192 -25.25 7.24 7.85
N ALA A 193 -25.73 8.17 8.69
CA ALA A 193 -27.15 8.40 8.89
C ALA A 193 -27.73 9.05 7.64
N ARG A 194 -28.99 8.70 7.32
CA ARG A 194 -29.73 9.18 6.16
C ARG A 194 -30.99 9.92 6.62
N PRO A 195 -31.55 10.84 5.81
CA PRO A 195 -32.69 11.65 6.28
C PRO A 195 -33.94 10.96 6.81
N GLY A 196 -34.32 9.78 6.34
CA GLY A 196 -35.59 9.19 6.79
C GLY A 196 -35.52 8.23 7.97
N ASN A 197 -34.66 8.56 8.95
CA ASN A 197 -34.29 7.74 10.10
C ASN A 197 -33.72 6.39 9.65
N HIS A 198 -33.00 6.39 8.50
CA HIS A 198 -32.34 5.21 7.95
C HIS A 198 -30.84 5.42 8.10
N TYR A 199 -30.06 4.36 7.98
CA TYR A 199 -28.62 4.49 7.96
C TYR A 199 -28.04 3.63 6.84
N MET A 200 -27.00 4.14 6.18
CA MET A 200 -26.29 3.45 5.11
C MET A 200 -25.04 2.76 5.67
N LEU A 201 -24.91 1.46 5.39
CA LEU A 201 -23.77 0.64 5.79
C LEU A 201 -22.95 0.29 4.54
N SER A 202 -21.87 1.06 4.32
CA SER A 202 -20.99 0.88 3.17
C SER A 202 -19.79 0.03 3.51
N ARG A 203 -19.40 -0.85 2.56
CA ARG A 203 -18.22 -1.71 2.71
C ARG A 203 -17.15 -1.17 1.79
N LEU A 204 -15.94 -1.01 2.33
CA LEU A 204 -14.84 -0.46 1.56
C LEU A 204 -13.62 -1.35 1.63
N LYS A 205 -12.72 -1.21 0.63
CA LYS A 205 -11.43 -1.90 0.62
C LYS A 205 -10.55 -1.19 1.69
N PRO A 206 -9.41 -1.76 2.15
CA PRO A 206 -8.59 -1.06 3.15
C PRO A 206 -7.92 0.26 2.66
N ASN A 207 -8.01 0.62 1.38
CA ASN A 207 -7.52 1.92 0.87
C ASN A 207 -8.73 2.90 0.76
N GLY A 208 -9.89 2.48 1.23
CA GLY A 208 -11.11 3.28 1.23
C GLY A 208 -12.00 3.12 0.02
N GLN A 209 -11.56 2.34 -1.00
CA GLN A 209 -12.36 2.17 -2.21
C GLN A 209 -13.68 1.47 -1.95
N PHE A 210 -14.77 2.06 -2.44
CA PHE A 210 -16.12 1.51 -2.32
C PHE A 210 -16.24 0.10 -2.94
N ILE A 211 -16.91 -0.82 -2.21
CA ILE A 211 -17.15 -2.18 -2.70
C ILE A 211 -18.63 -2.30 -3.02
N ASP A 212 -19.46 -2.17 -1.98
CA ASP A 212 -20.92 -2.30 -2.04
C ASP A 212 -21.55 -1.69 -0.76
N ARG A 213 -22.89 -1.66 -0.67
CA ARG A 213 -23.55 -1.05 0.47
C ARG A 213 -24.90 -1.67 0.80
N LEU A 214 -25.36 -1.39 2.01
CA LEU A 214 -26.62 -1.86 2.53
C LEU A 214 -27.34 -0.73 3.25
N LEU A 215 -28.58 -0.44 2.82
CA LEU A 215 -29.39 0.57 3.49
C LEU A 215 -30.22 -0.12 4.55
N VAL A 216 -29.96 0.22 5.81
CA VAL A 216 -30.74 -0.29 6.92
C VAL A 216 -31.93 0.68 7.11
N LYS A 217 -33.07 0.37 6.44
CA LYS A 217 -34.29 1.16 6.52
C LYS A 217 -34.81 1.14 7.95
N ASN A 218 -35.15 2.34 8.50
CA ASN A 218 -35.62 2.59 9.87
C ASN A 218 -34.64 2.03 10.93
N GLY A 219 -33.36 2.03 10.60
CA GLY A 219 -32.32 1.55 11.50
C GLY A 219 -31.86 2.61 12.46
N GLY A 220 -32.36 3.84 12.29
CA GLY A 220 -31.96 4.96 13.12
C GLY A 220 -30.70 5.61 12.58
N HIS A 221 -29.85 6.16 13.47
CA HIS A 221 -28.65 6.90 13.06
C HIS A 221 -27.42 6.04 12.73
N GLY A 222 -27.39 4.78 13.17
CA GLY A 222 -26.27 3.87 12.99
C GLY A 222 -25.02 4.31 13.74
N THR A 223 -25.20 4.93 14.94
CA THR A 223 -24.12 5.45 15.79
C THR A 223 -22.94 4.45 15.91
N HIS A 224 -23.25 3.16 16.05
CA HIS A 224 -22.29 2.06 16.03
C HIS A 224 -22.96 0.69 16.07
N ASN A 225 -22.28 -0.30 15.49
CA ASN A 225 -22.68 -1.69 15.45
C ASN A 225 -21.57 -2.53 16.09
N ALA A 226 -21.90 -3.75 16.53
CA ALA A 226 -20.94 -4.71 17.05
C ALA A 226 -20.72 -5.69 15.91
N TYR A 227 -19.46 -5.99 15.60
CA TYR A 227 -19.11 -6.88 14.51
C TYR A 227 -18.41 -8.08 15.07
N ARG A 228 -19.09 -9.26 14.99
CA ARG A 228 -18.62 -10.51 15.58
C ARG A 228 -18.57 -11.69 14.62
N TYR A 229 -17.40 -12.38 14.55
CA TYR A 229 -17.24 -13.62 13.80
C TYR A 229 -17.66 -14.79 14.70
N ILE A 230 -18.51 -15.68 14.16
CA ILE A 230 -19.01 -16.89 14.83
C ILE A 230 -18.80 -18.06 13.86
N ASP A 231 -17.75 -18.87 14.10
CA ASP A 231 -17.36 -20.04 13.30
C ASP A 231 -17.16 -19.68 11.81
N GLY A 232 -16.34 -18.66 11.57
CA GLY A 232 -16.02 -18.19 10.23
C GLY A 232 -17.08 -17.34 9.56
N GLU A 233 -18.24 -17.13 10.23
CA GLU A 233 -19.35 -16.32 9.71
C GLU A 233 -19.42 -14.95 10.45
N LEU A 234 -19.57 -13.84 9.70
CA LEU A 234 -19.63 -12.50 10.30
C LEU A 234 -21.07 -12.05 10.62
N TRP A 235 -21.28 -11.51 11.84
CA TRP A 235 -22.58 -11.02 12.34
C TRP A 235 -22.50 -9.57 12.77
N ILE A 236 -23.57 -8.81 12.48
CA ILE A 236 -23.67 -7.39 12.79
C ILE A 236 -24.79 -7.20 13.82
N TYR A 237 -24.47 -6.65 14.99
CA TYR A 237 -25.43 -6.38 16.06
C TYR A 237 -25.74 -4.88 16.00
N SER A 238 -26.99 -4.56 15.64
CA SER A 238 -27.48 -3.21 15.42
C SER A 238 -28.69 -2.77 16.26
N ALA A 239 -28.73 -1.46 16.57
CA ALA A 239 -29.80 -0.73 17.23
C ALA A 239 -30.70 -0.28 16.09
N VAL A 240 -32.00 -0.60 16.14
CA VAL A 240 -32.95 -0.25 15.07
C VAL A 240 -34.29 0.26 15.62
N LEU A 241 -35.27 0.47 14.71
CA LEU A 241 -36.64 0.87 15.01
C LEU A 241 -37.61 0.05 14.18
N ASP A 242 -38.75 -0.32 14.76
CA ASP A 242 -39.81 -1.08 14.09
C ASP A 242 -40.76 -0.13 13.35
N SER A 243 -41.93 -0.64 12.93
CA SER A 243 -42.98 0.12 12.23
C SER A 243 -43.54 1.29 13.07
N ASN A 244 -43.56 1.12 14.42
CA ASN A 244 -44.07 2.10 15.39
C ASN A 244 -42.98 3.03 15.93
N LYS A 245 -41.76 2.95 15.36
CA LYS A 245 -40.57 3.74 15.74
C LYS A 245 -40.12 3.44 17.19
N ASN A 246 -40.40 2.22 17.69
CA ASN A 246 -39.93 1.79 19.01
C ASN A 246 -38.60 1.10 18.87
N ASN A 247 -37.69 1.33 19.84
CA ASN A 247 -36.32 0.80 19.88
C ASN A 247 -36.23 -0.71 19.93
N LYS A 248 -35.34 -1.29 19.14
CA LYS A 248 -35.10 -2.74 19.04
C LYS A 248 -33.60 -3.05 18.88
N PHE A 249 -33.02 -3.92 19.75
CA PHE A 249 -31.61 -4.34 19.61
C PHE A 249 -31.62 -5.70 18.90
N VAL A 250 -31.21 -5.69 17.63
CA VAL A 250 -31.26 -6.83 16.71
C VAL A 250 -29.84 -7.22 16.18
N ARG A 251 -29.75 -8.31 15.39
CA ARG A 251 -28.53 -8.82 14.75
C ARG A 251 -28.86 -9.44 13.38
N PHE A 252 -27.89 -9.40 12.42
CA PHE A 252 -28.07 -9.91 11.05
C PHE A 252 -26.72 -10.03 10.36
N GLN A 253 -26.69 -10.81 9.28
CA GLN A 253 -25.49 -10.97 8.48
C GLN A 253 -25.58 -9.98 7.33
N TYR A 254 -24.42 -9.51 6.84
CA TYR A 254 -24.37 -8.56 5.74
C TYR A 254 -24.91 -9.15 4.43
N ARG A 255 -25.50 -8.27 3.60
CA ARG A 255 -25.97 -8.49 2.24
C ARG A 255 -26.11 -7.09 1.63
N THR A 256 -26.02 -6.98 0.32
CA THR A 256 -26.16 -5.68 -0.36
C THR A 256 -27.64 -5.33 -0.53
N GLY A 257 -27.93 -4.04 -0.74
CA GLY A 257 -29.27 -3.56 -0.99
C GLY A 257 -29.97 -2.93 0.19
N GLU A 258 -31.05 -3.58 0.64
CA GLU A 258 -31.89 -3.10 1.75
C GLU A 258 -32.22 -4.12 2.81
N ILE A 259 -32.49 -3.64 4.05
CA ILE A 259 -32.90 -4.43 5.20
C ILE A 259 -33.79 -3.59 6.13
N THR A 260 -34.84 -4.20 6.72
CA THR A 260 -35.76 -3.54 7.64
C THR A 260 -36.13 -4.48 8.77
N TYR A 261 -36.59 -3.94 9.92
CA TYR A 261 -37.01 -4.73 11.07
C TYR A 261 -38.11 -5.71 10.65
N GLY A 262 -37.86 -6.99 10.90
CA GLY A 262 -38.75 -8.07 10.54
C GLY A 262 -38.07 -9.42 10.64
N ASN A 263 -38.53 -10.39 9.85
CA ASN A 263 -37.98 -11.75 9.86
C ASN A 263 -36.54 -11.83 9.28
N GLU A 264 -36.07 -10.74 8.65
CA GLU A 264 -34.75 -10.65 8.02
C GLU A 264 -33.60 -10.51 9.03
N MET A 265 -33.94 -10.10 10.26
CA MET A 265 -33.02 -9.91 11.37
C MET A 265 -33.51 -10.54 12.69
N GLN A 266 -32.58 -10.97 13.56
CA GLN A 266 -32.86 -11.70 14.81
C GLN A 266 -32.78 -10.84 16.05
N ASP A 267 -33.85 -10.82 16.88
CA ASP A 267 -33.83 -10.08 18.15
C ASP A 267 -32.86 -10.78 19.11
N VAL A 268 -32.10 -10.02 19.92
CA VAL A 268 -31.12 -10.62 20.83
C VAL A 268 -31.81 -11.03 22.16
N MET A 269 -32.16 -10.03 22.99
CA MET A 269 -32.85 -10.19 24.27
C MET A 269 -33.80 -9.00 24.36
N PRO A 270 -34.87 -9.03 23.52
CA PRO A 270 -35.80 -7.89 23.48
C PRO A 270 -36.39 -7.47 24.83
N ASN A 271 -36.67 -8.45 25.70
CA ASN A 271 -37.24 -8.26 27.03
C ASN A 271 -36.45 -7.35 27.99
N ILE A 272 -35.11 -7.33 27.89
CA ILE A 272 -34.24 -6.52 28.79
C ILE A 272 -33.64 -5.29 28.12
N PHE A 273 -33.45 -5.33 26.79
CA PHE A 273 -32.83 -4.24 26.04
C PHE A 273 -33.80 -3.20 25.42
N ASN A 274 -35.04 -3.61 25.05
CA ASN A 274 -35.96 -2.72 24.34
C ASN A 274 -36.73 -1.71 25.23
N ASP A 275 -36.32 -1.53 26.48
CA ASP A 275 -36.94 -0.53 27.36
C ASP A 275 -36.26 0.84 27.13
N ARG A 276 -35.08 0.82 26.49
CA ARG A 276 -34.23 1.97 26.18
C ARG A 276 -33.60 1.80 24.78
N TYR A 277 -32.88 2.85 24.29
CA TYR A 277 -32.12 2.79 23.04
C TYR A 277 -30.90 1.95 23.37
N THR A 278 -30.70 0.83 22.66
CA THR A 278 -29.60 -0.10 22.94
C THR A 278 -28.70 -0.34 21.73
N SER A 279 -27.42 0.04 21.87
CA SER A 279 -26.38 -0.18 20.86
C SER A 279 -25.18 -0.86 21.53
N ALA A 280 -24.31 -1.51 20.74
CA ALA A 280 -23.17 -2.26 21.28
C ALA A 280 -21.92 -2.33 20.38
N ILE A 281 -20.77 -2.71 20.96
CA ILE A 281 -19.48 -2.95 20.32
C ILE A 281 -18.92 -4.29 20.81
N TYR A 282 -18.24 -5.07 19.95
CA TYR A 282 -17.72 -6.38 20.33
C TYR A 282 -16.18 -6.40 20.47
N ASN A 283 -15.68 -6.86 21.64
CA ASN A 283 -14.26 -7.00 21.93
C ASN A 283 -13.84 -8.47 21.71
N PRO A 284 -13.04 -8.78 20.65
CA PRO A 284 -12.68 -10.20 20.39
C PRO A 284 -11.65 -10.83 21.33
N VAL A 285 -10.85 -10.02 22.04
CA VAL A 285 -9.80 -10.50 22.94
C VAL A 285 -10.38 -11.16 24.17
N GLU A 286 -11.33 -10.48 24.81
CA GLU A 286 -11.97 -10.95 26.04
C GLU A 286 -13.36 -11.55 25.78
N ASN A 287 -13.81 -11.58 24.50
CA ASN A 287 -15.14 -12.09 24.08
C ASN A 287 -16.26 -11.36 24.85
N LEU A 288 -16.12 -10.02 24.95
CA LEU A 288 -17.05 -9.12 25.64
C LEU A 288 -17.92 -8.34 24.67
N MET A 289 -19.13 -7.98 25.13
CA MET A 289 -20.04 -7.14 24.40
C MET A 289 -20.44 -5.98 25.28
N ILE A 290 -19.86 -4.82 24.96
CA ILE A 290 -20.00 -3.54 25.65
C ILE A 290 -21.18 -2.83 25.04
N PHE A 291 -22.13 -2.42 25.89
CA PHE A 291 -23.37 -1.78 25.45
C PHE A 291 -23.43 -0.33 25.85
N ARG A 292 -23.95 0.50 24.94
CA ARG A 292 -24.17 1.92 25.18
C ARG A 292 -25.69 2.15 25.09
N ARG A 293 -26.33 2.23 26.26
CA ARG A 293 -27.77 2.41 26.36
C ARG A 293 -28.11 3.82 26.82
N GLU A 294 -29.10 4.45 26.18
CA GLU A 294 -29.54 5.80 26.54
C GLU A 294 -30.52 5.70 27.71
N TYR A 295 -30.28 6.47 28.79
CA TYR A 295 -31.19 6.48 29.93
C TYR A 295 -32.44 7.26 29.51
N LYS A 296 -33.64 6.82 29.99
CA LYS A 296 -34.93 7.44 29.67
C LYS A 296 -34.94 8.96 29.94
N PRO A 297 -35.62 9.79 29.11
CA PRO A 297 -35.57 11.27 29.31
C PRO A 297 -35.81 11.78 30.73
N THR A 298 -36.64 11.09 31.53
CA THR A 298 -36.94 11.44 32.92
C THR A 298 -35.71 11.30 33.85
N GLU A 299 -34.76 10.40 33.52
CA GLU A 299 -33.53 10.15 34.30
C GLU A 299 -32.45 11.22 34.15
N ARG A 300 -32.41 11.92 33.00
CA ARG A 300 -31.42 12.97 32.68
C ARG A 300 -31.40 14.15 33.65
N GLN A 301 -32.54 14.43 34.31
CA GLN A 301 -32.69 15.51 35.29
C GLN A 301 -32.22 15.12 36.70
N LEU A 302 -32.25 13.81 37.02
CA LEU A 302 -31.88 13.26 38.33
C LEU A 302 -30.48 12.64 38.38
N LYS A 303 -30.09 11.90 37.33
CA LYS A 303 -28.79 11.22 37.23
C LYS A 303 -27.67 12.10 36.67
N ASN A 304 -28.03 13.19 35.94
CA ASN A 304 -27.12 14.15 35.28
C ASN A 304 -26.13 13.48 34.30
N SER A 305 -26.47 12.23 33.89
CA SER A 305 -25.72 11.36 32.98
C SER A 305 -26.64 10.88 31.86
N LEU A 306 -26.52 11.52 30.68
CA LEU A 306 -27.30 11.28 29.45
C LEU A 306 -27.13 9.87 28.86
N ASN A 307 -25.93 9.27 29.01
CA ASN A 307 -25.61 7.92 28.51
C ASN A 307 -25.00 7.04 29.61
N PHE A 308 -25.18 5.71 29.49
CA PHE A 308 -24.60 4.73 30.39
C PHE A 308 -24.03 3.53 29.62
N VAL A 309 -22.95 2.93 30.14
CA VAL A 309 -22.24 1.79 29.54
C VAL A 309 -22.30 0.56 30.46
N GLU A 310 -22.70 -0.59 29.89
CA GLU A 310 -22.77 -1.86 30.62
C GLU A 310 -21.95 -2.92 29.92
N VAL A 311 -21.02 -3.54 30.66
CA VAL A 311 -20.15 -4.58 30.14
C VAL A 311 -20.82 -5.93 30.46
N ARG A 312 -20.94 -6.79 29.43
CA ARG A 312 -21.56 -8.12 29.50
C ARG A 312 -20.71 -9.10 28.67
N SER A 313 -20.91 -10.41 28.86
CA SER A 313 -20.15 -11.44 28.13
C SER A 313 -20.87 -11.82 26.84
N ALA A 314 -20.10 -12.12 25.79
CA ALA A 314 -20.68 -12.49 24.49
C ALA A 314 -21.26 -13.90 24.55
N ASP A 315 -20.51 -14.89 25.08
CA ASP A 315 -21.00 -16.28 25.23
C ASP A 315 -22.27 -16.27 26.07
N ASP A 316 -22.30 -15.39 27.09
CA ASP A 316 -23.46 -15.17 27.95
C ASP A 316 -24.54 -14.35 27.27
N ILE A 317 -24.22 -13.55 26.23
CA ILE A 317 -25.24 -12.79 25.49
C ILE A 317 -25.98 -13.72 24.51
N ASP A 318 -25.35 -14.85 24.14
CA ASP A 318 -25.97 -15.83 23.27
C ASP A 318 -27.17 -16.50 23.99
N LYS A 319 -27.27 -16.38 25.36
CA LYS A 319 -28.39 -16.96 26.13
C LYS A 319 -28.85 -16.20 27.43
N ILE A 321 -27.92 -15.86 28.37
CA ILE A 321 -28.23 -15.34 29.72
C ILE A 321 -28.05 -13.77 29.91
N ASP A 322 -28.70 -13.25 30.99
CA ASP A 322 -28.78 -11.85 31.41
C ASP A 322 -27.93 -11.58 32.68
N LYS A 323 -26.78 -10.88 32.50
CA LYS A 323 -25.82 -10.56 33.57
C LYS A 323 -24.89 -9.40 33.22
N VAL A 324 -25.09 -8.23 33.88
CA VAL A 324 -24.26 -7.03 33.72
C VAL A 324 -23.02 -7.18 34.63
N LEU A 325 -21.85 -7.42 34.01
CA LEU A 325 -20.58 -7.63 34.70
C LEU A 325 -20.07 -6.37 35.41
N TYR A 326 -20.09 -5.22 34.71
CA TYR A 326 -19.72 -3.90 35.20
C TYR A 326 -20.61 -2.85 34.54
N GLN A 327 -20.96 -1.81 35.29
CA GLN A 327 -21.81 -0.73 34.79
C GLN A 327 -21.23 0.61 35.16
N MET A 328 -21.39 1.60 34.27
CA MET A 328 -20.87 2.94 34.47
C MET A 328 -21.70 3.98 33.72
N ASP A 329 -22.02 5.07 34.41
CA ASP A 329 -22.75 6.19 33.82
C ASP A 329 -21.74 7.12 33.19
N ILE A 330 -22.07 7.66 32.01
CA ILE A 330 -21.19 8.61 31.35
C ILE A 330 -21.59 9.99 31.85
N PRO A 331 -20.70 10.67 32.61
CA PRO A 331 -21.05 12.01 33.11
C PRO A 331 -21.15 13.05 31.99
N MET A 332 -21.50 14.27 32.36
CA MET A 332 -21.59 15.40 31.44
C MET A 332 -20.53 16.42 31.93
N GLU A 333 -19.83 17.16 31.04
CA GLU A 333 -20.04 17.24 29.60
C GLU A 333 -19.19 16.28 28.77
N TYR A 334 -19.77 15.10 28.48
CA TYR A 334 -19.21 14.06 27.60
C TYR A 334 -20.31 13.65 26.61
N THR A 335 -21.53 14.21 26.81
CA THR A 335 -22.74 14.04 26.00
C THR A 335 -23.43 15.42 25.90
N SER A 336 -22.95 16.24 24.94
CA SER A 336 -23.38 17.62 24.62
C SER A 336 -22.85 18.64 25.66
N ASP A 337 -23.03 19.96 25.45
CA ASP A 337 -23.65 20.59 24.29
C ASP A 337 -22.58 20.98 23.28
N THR A 338 -21.39 21.33 23.81
CA THR A 338 -20.18 21.71 23.08
C THR A 338 -19.27 20.47 22.93
N GLN A 339 -19.63 19.35 23.61
CA GLN A 339 -18.90 18.07 23.56
C GLN A 339 -19.82 16.82 23.42
N PRO A 340 -20.62 16.66 22.33
CA PRO A 340 -21.46 15.45 22.20
C PRO A 340 -20.64 14.21 21.85
N MET A 341 -21.17 13.01 22.16
CA MET A 341 -20.49 11.75 21.83
C MET A 341 -20.34 11.59 20.30
N GLN A 342 -19.12 11.27 19.87
CA GLN A 342 -18.77 11.07 18.46
C GLN A 342 -18.12 9.72 18.20
N GLY A 343 -17.56 9.10 19.24
CA GLY A 343 -16.89 7.82 19.13
C GLY A 343 -16.79 7.07 20.44
N ILE A 344 -16.84 5.75 20.34
CA ILE A 344 -16.75 4.82 21.47
C ILE A 344 -16.01 3.56 21.04
N THR A 345 -15.12 3.08 21.89
CA THR A 345 -14.42 1.80 21.75
C THR A 345 -13.98 1.33 23.16
N TYR A 346 -13.37 0.13 23.23
CA TYR A 346 -12.91 -0.45 24.48
C TYR A 346 -11.71 -1.34 24.21
N ASP A 347 -10.76 -1.35 25.17
CA ASP A 347 -9.56 -2.19 25.18
C ASP A 347 -9.03 -2.29 26.61
N ALA A 348 -8.67 -3.52 27.03
CA ALA A 348 -8.04 -3.87 28.30
C ALA A 348 -8.55 -3.04 29.50
N GLY A 349 -9.85 -3.17 29.76
CA GLY A 349 -10.54 -2.51 30.88
C GLY A 349 -10.71 -1.01 30.79
N ILE A 350 -10.38 -0.41 29.65
CA ILE A 350 -10.48 1.04 29.43
C ILE A 350 -11.52 1.35 28.36
N LEU A 351 -12.48 2.23 28.71
CA LEU A 351 -13.52 2.71 27.82
C LEU A 351 -13.03 4.01 27.20
N TYR A 352 -12.89 4.01 25.86
CA TYR A 352 -12.46 5.19 25.10
C TYR A 352 -13.68 5.93 24.58
N TRP A 353 -13.71 7.24 24.82
CA TRP A 353 -14.82 8.11 24.50
C TRP A 353 -14.31 9.34 23.76
N TYR A 354 -14.84 9.57 22.56
CA TYR A 354 -14.46 10.65 21.67
C TYR A 354 -15.60 11.67 21.58
N THR A 355 -15.31 12.93 21.94
CA THR A 355 -16.21 14.08 21.89
C THR A 355 -15.47 15.12 20.97
N GLY A 356 -16.10 16.05 20.26
CA GLY A 356 -17.50 16.42 20.14
C GLY A 356 -17.56 17.72 19.36
N ASP A 357 -18.75 18.08 18.80
CA ASP A 357 -19.04 19.29 18.00
C ASP A 357 -18.66 20.66 18.68
N SER A 358 -17.78 21.52 18.10
CA SER A 358 -16.94 21.44 16.89
C SER A 358 -17.63 20.81 15.64
N ASN A 359 -18.04 21.54 14.57
CA ASN A 359 -17.94 22.96 14.15
C ASN A 359 -18.10 24.09 15.23
N THR A 360 -17.05 24.93 15.46
CA THR A 360 -15.64 24.80 15.01
C THR A 360 -14.75 25.03 16.24
N ALA A 361 -14.75 26.28 16.76
CA ALA A 361 -14.00 26.80 17.91
C ALA A 361 -13.40 25.74 18.86
N ASN A 362 -14.25 25.09 19.68
CA ASN A 362 -13.89 24.10 20.71
C ASN A 362 -13.14 22.85 20.17
N PRO A 363 -12.08 22.40 20.86
CA PRO A 363 -11.36 21.20 20.36
C PRO A 363 -12.05 19.87 20.64
N ASN A 364 -11.70 18.85 19.82
CA ASN A 364 -12.19 17.49 19.96
C ASN A 364 -11.37 16.82 21.04
N TYR A 365 -12.00 16.02 21.88
CA TYR A 365 -11.34 15.34 22.97
C TYR A 365 -11.48 13.84 22.96
N LEU A 366 -10.39 13.16 23.31
CA LEU A 366 -10.37 11.72 23.52
C LEU A 366 -10.18 11.52 25.01
N GLN A 367 -11.09 10.75 25.62
CA GLN A 367 -11.05 10.44 27.04
C GLN A 367 -10.91 8.95 27.21
N GLY A 368 -10.41 8.56 28.36
CA GLY A 368 -10.24 7.18 28.76
C GLY A 368 -10.79 7.03 30.16
N PHE A 369 -11.62 6.02 30.37
CA PHE A 369 -12.20 5.74 31.68
C PHE A 369 -11.93 4.31 32.07
N ASP A 370 -11.63 4.07 33.37
CA ASP A 370 -11.44 2.73 33.88
C ASP A 370 -12.85 2.21 34.11
N ILE A 371 -13.30 1.24 33.29
CA ILE A 371 -14.66 0.70 33.36
C ILE A 371 -15.04 0.09 34.74
N LYS A 372 -14.07 -0.44 35.50
CA LYS A 372 -14.35 -1.02 36.83
C LYS A 372 -14.35 0.01 37.99
N THR A 373 -13.48 1.05 37.94
CA THR A 373 -13.44 2.09 38.99
C THR A 373 -14.27 3.35 38.64
N LYS A 374 -14.68 3.50 37.35
CA LYS A 374 -15.45 4.63 36.79
C LYS A 374 -14.66 5.96 36.73
N GLU A 375 -13.35 5.93 37.05
CA GLU A 375 -12.49 7.12 37.04
C GLU A 375 -11.96 7.52 35.65
N LEU A 376 -11.83 8.83 35.43
CA LEU A 376 -11.25 9.37 34.20
C LEU A 376 -9.72 9.21 34.31
N LEU A 377 -9.11 8.47 33.38
CA LEU A 377 -7.67 8.21 33.35
C LEU A 377 -6.92 9.30 32.60
N PHE A 378 -7.50 9.82 31.51
CA PHE A 378 -6.92 10.88 30.68
C PHE A 378 -7.99 11.60 29.87
N LYS A 379 -7.69 12.85 29.50
CA LYS A 379 -8.49 13.70 28.63
C LYS A 379 -7.45 14.41 27.78
N ARG A 380 -7.58 14.25 26.48
CA ARG A 380 -6.58 14.75 25.55
C ARG A 380 -7.22 15.37 24.31
N ARG A 381 -6.69 16.51 23.87
CA ARG A 381 -7.11 17.21 22.66
C ARG A 381 -6.58 16.41 21.47
N ILE A 382 -7.46 16.13 20.49
CA ILE A 382 -7.13 15.43 19.26
C ILE A 382 -7.19 16.44 18.12
N ASP A 383 -6.04 16.74 17.49
CA ASP A 383 -5.96 17.68 16.38
C ASP A 383 -4.99 17.24 15.28
N ILE A 384 -5.42 17.36 14.01
CA ILE A 384 -4.59 17.01 12.85
C ILE A 384 -4.26 18.23 11.98
N GLY A 385 -2.99 18.32 11.55
CA GLY A 385 -2.50 19.38 10.68
C GLY A 385 -1.61 18.88 9.55
N GLY A 386 -2.19 18.12 8.63
CA GLY A 386 -1.47 17.53 7.50
C GLY A 386 -1.93 17.96 6.13
N VAL A 387 -3.09 18.66 6.09
CA VAL A 387 -3.75 19.20 4.89
C VAL A 387 -3.66 20.75 4.88
N ASN A 388 -2.75 21.30 5.72
CA ASN A 388 -2.40 22.70 5.94
C ASN A 388 -2.18 23.52 4.64
N PHE A 395 -13.02 23.71 11.91
CA PHE A 395 -11.76 23.23 11.36
C PHE A 395 -11.88 21.73 10.99
N GLN A 396 -11.70 20.85 11.99
CA GLN A 396 -11.75 19.39 11.87
C GLN A 396 -12.73 18.81 12.87
N GLU A 397 -13.53 17.81 12.47
CA GLU A 397 -14.52 17.24 13.38
C GLU A 397 -14.42 15.69 13.51
N ALA A 398 -14.71 15.22 14.73
CA ALA A 398 -14.68 13.82 15.16
C ALA A 398 -15.65 12.92 14.39
N GLU A 399 -15.34 11.60 14.33
CA GLU A 399 -16.14 10.61 13.62
C GLU A 399 -15.79 9.15 13.97
N GLY A 400 -16.07 8.73 15.19
CA GLY A 400 -15.88 7.34 15.57
C GLY A 400 -14.50 6.90 16.02
N LEU A 401 -14.51 5.77 16.72
CA LEU A 401 -13.36 5.08 17.26
C LEU A 401 -13.50 3.62 16.95
N ASP A 402 -12.37 2.92 16.90
CA ASP A 402 -12.36 1.47 16.69
C ASP A 402 -11.09 0.95 17.32
N MET A 403 -11.11 -0.33 17.73
CA MET A 403 -9.94 -0.97 18.29
C MET A 403 -9.56 -2.07 17.34
N TYR A 404 -8.46 -1.89 16.59
CA TYR A 404 -7.99 -2.89 15.64
C TYR A 404 -7.12 -3.93 16.36
N TYR A 405 -7.40 -5.23 16.16
CA TYR A 405 -6.60 -6.33 16.72
C TYR A 405 -6.06 -7.17 15.57
N ASP A 406 -4.73 -7.19 15.40
CA ASP A 406 -4.07 -7.88 14.29
C ASP A 406 -4.12 -9.38 14.47
N LEU A 407 -4.66 -10.06 13.44
CA LEU A 407 -4.83 -11.51 13.43
C LEU A 407 -3.49 -12.26 13.47
N GLU A 408 -2.54 -11.86 12.63
CA GLU A 408 -1.22 -12.51 12.58
C GLU A 408 -0.34 -12.32 13.82
N THR A 409 -0.28 -11.09 14.37
CA THR A 409 0.64 -10.76 15.46
C THR A 409 0.02 -10.52 16.85
N GLY A 410 -1.29 -10.32 16.92
CA GLY A 410 -1.93 -10.01 18.19
C GLY A 410 -1.75 -8.54 18.59
N ARG A 411 -1.03 -7.75 17.75
CA ARG A 411 -0.77 -6.34 17.97
C ARG A 411 -2.02 -5.52 17.77
N LYS A 412 -2.08 -4.36 18.41
CA LYS A 412 -3.29 -3.54 18.38
C LYS A 412 -3.07 -2.07 18.04
N ALA A 413 -4.16 -1.40 17.70
CA ALA A 413 -4.19 0.02 17.41
C ALA A 413 -5.55 0.61 17.72
N LEU A 414 -5.53 1.84 18.24
CA LEU A 414 -6.72 2.63 18.48
C LEU A 414 -6.91 3.46 17.19
N LEU A 415 -8.01 3.20 16.47
CA LEU A 415 -8.34 3.89 15.23
C LEU A 415 -9.26 5.06 15.52
N ILE A 416 -8.95 6.22 14.92
CA ILE A 416 -9.69 7.46 15.13
C ILE A 416 -10.19 7.91 13.77
N GLY A 417 -11.49 7.91 13.59
CA GLY A 417 -12.08 8.34 12.33
C GLY A 417 -12.41 9.81 12.36
N VAL A 418 -12.09 10.50 11.28
CA VAL A 418 -12.36 11.93 11.09
C VAL A 418 -13.13 12.17 9.77
N THR A 419 -14.06 13.13 9.81
CA THR A 419 -14.81 13.65 8.67
C THR A 419 -14.38 15.10 8.65
N ILE A 420 -13.72 15.55 7.56
CA ILE A 420 -13.25 16.95 7.42
C ILE A 420 -13.99 17.71 6.29
N GLY A 421 -14.13 19.02 6.49
CA GLY A 421 -14.72 19.92 5.50
C GLY A 421 -16.17 20.30 5.70
N PRO A 422 -16.64 21.36 5.00
CA PRO A 422 -18.02 21.82 5.17
C PRO A 422 -19.01 21.32 4.10
N GLY A 423 -20.01 20.56 4.55
CA GLY A 423 -21.10 20.03 3.74
C GLY A 423 -20.74 19.29 2.47
N ASN A 424 -20.60 20.03 1.36
CA ASN A 424 -20.26 19.49 0.04
C ASN A 424 -18.89 18.82 0.02
N ASN A 425 -17.90 19.47 0.67
CA ASN A 425 -16.52 18.99 0.73
C ASN A 425 -16.28 18.08 1.93
N ARG A 426 -17.13 17.05 2.09
CA ARG A 426 -16.98 16.07 3.17
C ARG A 426 -16.09 14.89 2.76
N HIS A 427 -14.90 14.78 3.38
CA HIS A 427 -13.96 13.69 3.18
C HIS A 427 -13.67 12.98 4.51
N HIS A 428 -13.56 11.65 4.47
CA HIS A 428 -13.33 10.83 5.65
C HIS A 428 -11.97 10.19 5.66
N SER A 429 -11.37 10.08 6.85
CA SER A 429 -10.06 9.49 7.06
C SER A 429 -10.00 8.74 8.36
N ILE A 430 -9.10 7.75 8.40
CA ILE A 430 -8.78 6.97 9.60
C ILE A 430 -7.35 7.36 9.96
N TYR A 431 -7.15 7.68 11.25
CA TYR A 431 -5.89 7.98 11.91
C TYR A 431 -5.71 6.89 12.96
N SER A 432 -4.47 6.63 13.37
CA SER A 432 -4.24 5.56 14.32
C SER A 432 -3.12 5.82 15.31
N ILE A 433 -3.33 5.29 16.52
CA ILE A 433 -2.37 5.23 17.63
C ILE A 433 -2.17 3.71 17.75
N GLY A 434 -1.04 3.21 17.27
CA GLY A 434 -0.79 1.78 17.29
C GLY A 434 0.50 1.34 17.94
N GLN A 435 0.61 0.02 18.15
CA GLN A 435 1.85 -0.61 18.64
C GLN A 435 2.77 -0.69 17.42
N ARG A 436 4.08 -0.95 17.63
CA ARG A 436 5.08 -0.97 16.56
C ARG A 436 4.68 -1.83 15.35
N GLY A 437 4.81 -1.22 14.17
CA GLY A 437 4.52 -1.82 12.87
C GLY A 437 3.05 -1.92 12.48
N VAL A 438 2.09 -1.63 13.39
CA VAL A 438 0.65 -1.77 13.09
C VAL A 438 0.17 -0.76 12.03
N ASN A 439 0.54 0.52 12.20
CA ASN A 439 0.18 1.60 11.30
C ASN A 439 0.75 1.40 9.92
N GLN A 440 2.01 0.95 9.82
CA GLN A 440 2.70 0.65 8.55
C GLN A 440 1.98 -0.46 7.84
N PHE A 441 1.57 -1.49 8.59
CA PHE A 441 0.80 -2.62 8.06
C PHE A 441 -0.54 -2.14 7.52
N LEU A 442 -1.34 -1.41 8.32
CA LEU A 442 -2.66 -0.91 7.89
C LEU A 442 -2.60 0.01 6.67
N LYS A 443 -1.62 0.91 6.63
CA LYS A 443 -1.43 1.86 5.51
C LYS A 443 -1.10 1.13 4.20
N ASN A 444 -0.49 -0.06 4.28
CA ASN A 444 0.01 -0.73 3.08
C ASN A 444 -0.70 -2.04 2.66
N ILE A 445 -1.88 -2.38 3.25
CA ILE A 445 -2.62 -3.58 2.87
C ILE A 445 -2.99 -3.50 1.38
N ALA A 446 -3.52 -2.36 0.97
CA ALA A 446 -3.89 -2.12 -0.42
C ALA A 446 -3.31 -0.76 -0.82
N PRO A 447 -2.53 -0.68 -1.93
CA PRO A 447 -2.04 0.62 -2.38
C PRO A 447 -3.21 1.54 -2.78
N GLN A 448 -2.99 2.85 -2.72
CA GLN A 448 -4.04 3.78 -3.09
C GLN A 448 -4.47 3.53 -4.54
N VAL A 449 -5.74 3.83 -4.84
CA VAL A 449 -6.31 3.63 -6.18
C VAL A 449 -5.50 4.36 -7.22
N SER A 450 -5.24 3.67 -8.33
CA SER A 450 -4.46 4.14 -9.47
C SER A 450 -5.28 3.98 -10.78
N MET A 451 -4.98 4.76 -11.81
CA MET A 451 -5.64 4.62 -13.12
C MET A 451 -5.05 3.44 -13.91
N THR A 452 -3.87 2.96 -13.48
CA THR A 452 -3.16 1.85 -14.13
C THR A 452 -2.88 0.74 -13.11
N ASP A 453 -2.26 -0.35 -13.56
CA ASP A 453 -1.77 -1.37 -12.63
C ASP A 453 -0.47 -0.74 -12.03
N SER A 454 0.20 -1.39 -11.07
CA SER A 454 1.40 -0.77 -10.47
C SER A 454 2.54 -0.39 -11.46
N GLY A 455 2.62 -1.09 -12.59
CA GLY A 455 3.64 -0.87 -13.61
C GLY A 455 3.29 0.08 -14.73
N GLY A 456 2.15 0.77 -14.63
CA GLY A 456 1.72 1.76 -15.61
C GLY A 456 1.06 1.21 -16.85
N ARG A 457 0.62 -0.06 -16.79
CA ARG A 457 -0.10 -0.69 -17.88
C ARG A 457 -1.60 -0.54 -17.65
N VAL A 458 -2.38 -0.67 -18.72
CA VAL A 458 -3.84 -0.65 -18.73
C VAL A 458 -4.35 -1.68 -17.69
N LYS A 459 -5.38 -1.34 -16.90
CA LYS A 459 -5.95 -2.26 -15.92
C LYS A 459 -6.76 -3.35 -16.64
N PRO A 460 -6.93 -4.59 -16.11
CA PRO A 460 -7.76 -5.57 -16.85
C PRO A 460 -9.25 -5.24 -16.74
N LEU A 461 -10.05 -5.62 -17.73
CA LEU A 461 -11.51 -5.42 -17.70
C LEU A 461 -12.14 -6.42 -16.71
N PRO A 462 -13.20 -6.04 -15.94
CA PRO A 462 -13.82 -7.04 -15.04
C PRO A 462 -14.72 -8.07 -15.75
N ILE A 463 -15.17 -7.79 -17.00
CA ILE A 463 -16.09 -8.65 -17.77
C ILE A 463 -15.60 -8.82 -19.22
N GLN A 464 -15.76 -10.04 -19.78
CA GLN A 464 -15.41 -10.37 -21.16
C GLN A 464 -16.66 -10.18 -22.03
N ASN A 465 -16.51 -9.42 -23.16
CA ASN A 465 -17.60 -9.03 -24.09
C ASN A 465 -18.81 -8.53 -23.26
N PRO A 466 -18.61 -7.43 -22.49
CA PRO A 466 -19.67 -6.99 -21.55
C PRO A 466 -20.98 -6.59 -22.20
N ALA A 467 -22.08 -6.89 -21.50
CA ALA A 467 -23.42 -6.46 -21.94
C ALA A 467 -23.47 -4.93 -21.76
N TYR A 468 -22.93 -4.41 -20.65
CA TYR A 468 -22.91 -2.97 -20.38
C TYR A 468 -21.53 -2.47 -20.02
N LEU A 469 -21.07 -1.41 -20.73
CA LEU A 469 -19.82 -0.74 -20.43
C LEU A 469 -19.98 -0.01 -19.11
N SER A 470 -21.23 0.32 -18.71
CA SER A 470 -21.52 1.01 -17.44
C SER A 470 -21.25 0.09 -16.24
N ASP A 471 -20.99 -1.22 -16.49
CA ASP A 471 -20.64 -2.20 -15.43
C ASP A 471 -19.16 -2.03 -15.04
N ILE A 472 -18.40 -1.23 -15.80
CA ILE A 472 -16.99 -0.91 -15.49
C ILE A 472 -17.08 0.36 -14.65
N THR A 473 -17.14 0.16 -13.32
CA THR A 473 -17.39 1.21 -12.33
C THR A 473 -16.18 1.61 -11.52
N GLU A 474 -15.01 1.01 -11.75
CA GLU A 474 -13.82 1.45 -11.04
C GLU A 474 -13.06 2.35 -11.98
N VAL A 475 -12.58 3.52 -11.49
CA VAL A 475 -11.80 4.43 -12.31
C VAL A 475 -10.54 3.72 -12.89
N GLY A 476 -10.17 4.09 -14.10
CA GLY A 476 -8.98 3.51 -14.71
C GLY A 476 -8.93 3.60 -16.21
N HIS A 477 -7.76 3.26 -16.74
CA HIS A 477 -7.52 3.18 -18.18
C HIS A 477 -7.63 1.68 -18.53
N TYR A 478 -8.49 1.38 -19.49
CA TYR A 478 -8.81 0.04 -19.97
C TYR A 478 -8.73 0.01 -21.48
N TYR A 479 -8.76 -1.21 -22.05
CA TYR A 479 -8.75 -1.44 -23.47
C TYR A 479 -9.79 -2.48 -23.82
N ILE A 480 -10.63 -2.19 -24.81
CA ILE A 480 -11.67 -3.11 -25.25
C ILE A 480 -11.36 -3.52 -26.69
N TYR A 481 -11.13 -4.82 -26.93
CA TYR A 481 -10.88 -5.37 -28.27
C TYR A 481 -12.17 -5.37 -29.08
N THR A 482 -12.06 -5.44 -30.43
CA THR A 482 -13.22 -5.45 -31.35
C THR A 482 -14.30 -6.45 -30.91
N GLN A 483 -13.89 -7.69 -30.62
CA GLN A 483 -14.80 -8.77 -30.23
C GLN A 483 -15.52 -8.48 -28.90
N ASP A 484 -14.92 -7.69 -27.99
CA ASP A 484 -15.51 -7.30 -26.70
C ASP A 484 -16.51 -6.13 -26.80
N THR A 485 -16.66 -5.53 -28.01
CA THR A 485 -17.59 -4.43 -28.23
C THR A 485 -18.88 -4.93 -28.91
N GLN A 486 -18.87 -6.18 -29.41
CA GLN A 486 -19.98 -6.77 -30.17
C GLN A 486 -21.30 -6.88 -29.38
N ASN A 487 -21.22 -7.24 -28.07
CA ASN A 487 -22.38 -7.44 -27.19
C ASN A 487 -22.85 -6.20 -26.45
N ALA A 488 -22.04 -5.13 -26.46
CA ALA A 488 -22.38 -3.93 -25.70
C ALA A 488 -23.73 -3.36 -26.09
N LEU A 489 -24.60 -3.23 -25.09
CA LEU A 489 -25.96 -2.72 -25.24
C LEU A 489 -26.01 -1.20 -25.11
N ASP A 490 -24.92 -0.61 -24.60
CA ASP A 490 -24.76 0.82 -24.36
C ASP A 490 -23.53 1.41 -25.08
N PHE A 491 -23.18 0.88 -26.25
CA PHE A 491 -22.06 1.35 -27.06
C PHE A 491 -22.46 2.62 -27.82
N PRO A 492 -21.54 3.59 -28.03
CA PRO A 492 -21.90 4.84 -28.72
C PRO A 492 -22.21 4.73 -30.22
N LEU A 493 -21.79 3.62 -30.82
CA LEU A 493 -22.02 3.35 -32.24
C LEU A 493 -22.82 2.10 -32.40
N PRO A 494 -23.73 2.08 -33.41
CA PRO A 494 -24.48 0.84 -33.70
C PRO A 494 -23.52 -0.29 -34.12
N LYS A 495 -23.98 -1.55 -34.05
CA LYS A 495 -23.19 -2.74 -34.34
C LYS A 495 -22.53 -2.75 -35.73
N ALA A 496 -23.14 -2.14 -36.76
CA ALA A 496 -22.59 -2.08 -38.13
C ALA A 496 -21.23 -1.36 -38.19
N PHE A 497 -20.94 -0.51 -37.19
CA PHE A 497 -19.71 0.30 -37.08
C PHE A 497 -18.67 -0.31 -36.14
N ARG A 498 -18.97 -1.45 -35.50
CA ARG A 498 -18.08 -2.05 -34.50
C ARG A 498 -17.01 -2.96 -35.08
N ASP A 499 -16.02 -2.33 -35.73
CA ASP A 499 -14.89 -3.02 -36.38
C ASP A 499 -13.52 -2.64 -35.78
N ALA A 500 -13.49 -2.09 -34.57
CA ALA A 500 -12.23 -1.65 -33.96
C ALA A 500 -12.13 -1.84 -32.45
N GLY A 501 -10.91 -1.74 -31.93
CA GLY A 501 -10.61 -1.74 -30.51
C GLY A 501 -10.70 -0.30 -29.99
N TRP A 502 -11.01 -0.12 -28.71
CA TRP A 502 -11.20 1.20 -28.11
C TRP A 502 -10.49 1.32 -26.80
N PHE A 503 -10.00 2.52 -26.50
CA PHE A 503 -9.42 2.83 -25.19
C PHE A 503 -10.60 3.29 -24.34
N LEU A 504 -10.73 2.76 -23.12
CA LEU A 504 -11.81 3.18 -22.22
C LEU A 504 -11.22 3.81 -20.98
N ASP A 505 -11.62 5.06 -20.69
CA ASP A 505 -11.17 5.76 -19.49
C ASP A 505 -12.37 5.94 -18.61
N VAL A 506 -12.27 5.46 -17.36
CA VAL A 506 -13.35 5.62 -16.39
C VAL A 506 -12.80 6.62 -15.38
N LEU A 507 -13.47 7.75 -15.27
CA LEU A 507 -12.98 8.84 -14.41
C LEU A 507 -13.94 9.14 -13.28
N PRO A 508 -13.45 9.76 -12.18
CA PRO A 508 -14.37 10.13 -11.09
C PRO A 508 -15.41 11.14 -11.59
N GLY A 509 -16.55 11.13 -10.94
CA GLY A 509 -17.62 12.05 -11.26
C GLY A 509 -17.88 12.94 -10.07
N HIS A 510 -18.84 12.51 -9.22
CA HIS A 510 -19.09 13.23 -7.98
C HIS A 510 -19.04 12.26 -6.77
N TYR A 511 -19.57 12.69 -5.62
CA TYR A 511 -19.57 11.94 -4.35
C TYR A 511 -20.69 10.89 -4.20
N ASN A 512 -21.73 10.89 -5.07
CA ASN A 512 -22.88 9.99 -4.92
C ASN A 512 -23.00 8.83 -5.94
N GLY A 513 -22.07 8.71 -6.87
CA GLY A 513 -22.13 7.60 -7.80
C GLY A 513 -22.11 7.93 -9.27
N ALA A 514 -21.95 9.22 -9.62
CA ALA A 514 -21.80 9.58 -11.03
C ALA A 514 -20.34 9.44 -11.38
N LEU A 515 -20.06 8.79 -12.52
CA LEU A 515 -18.71 8.63 -13.04
C LEU A 515 -18.71 9.08 -14.49
N ARG A 516 -17.54 9.39 -15.06
CA ARG A 516 -17.43 9.72 -16.47
C ARG A 516 -16.80 8.52 -17.16
N GLN A 517 -17.18 8.29 -18.40
CA GLN A 517 -16.57 7.25 -19.22
C GLN A 517 -16.21 7.92 -20.53
N VAL A 518 -15.00 7.66 -21.02
CA VAL A 518 -14.49 8.21 -22.29
C VAL A 518 -14.07 7.00 -23.13
N LEU A 519 -14.57 6.92 -24.38
CA LEU A 519 -14.19 5.89 -25.36
C LEU A 519 -13.46 6.59 -26.53
N THR A 520 -12.29 6.05 -26.93
CA THR A 520 -11.47 6.58 -28.01
C THR A 520 -11.12 5.42 -28.91
N ARG A 521 -11.40 5.54 -30.22
CA ARG A 521 -11.11 4.47 -31.16
C ARG A 521 -9.62 4.28 -31.38
N ASN A 522 -9.17 3.03 -31.30
CA ASN A 522 -7.77 2.73 -31.55
C ASN A 522 -7.61 2.65 -33.07
N SER A 523 -7.24 3.82 -33.61
CA SER A 523 -7.07 4.12 -35.02
C SER A 523 -5.76 4.83 -35.28
N THR A 524 -5.02 4.36 -36.28
CA THR A 524 -3.78 4.95 -36.76
C THR A 524 -4.03 5.48 -38.19
N GLY A 525 -4.80 4.71 -38.99
CA GLY A 525 -5.18 5.02 -40.37
C GLY A 525 -6.60 5.49 -40.57
N ARG A 526 -7.32 5.76 -39.47
CA ARG A 526 -8.68 6.31 -39.43
C ARG A 526 -8.68 7.33 -38.28
N ASN A 527 -9.68 8.21 -38.23
CA ASN A 527 -9.76 9.24 -37.18
C ASN A 527 -10.06 8.60 -35.82
N MET A 528 -9.50 9.17 -34.75
CA MET A 528 -9.72 8.66 -33.40
C MET A 528 -11.02 9.20 -32.87
N LEU A 529 -12.11 8.48 -33.15
CA LEU A 529 -13.46 8.83 -32.69
C LEU A 529 -13.44 8.85 -31.19
N LYS A 530 -14.03 9.88 -30.59
CA LYS A 530 -14.05 10.05 -29.14
C LYS A 530 -15.45 10.34 -28.64
N PHE A 531 -15.89 9.57 -27.64
CA PHE A 531 -17.18 9.74 -27.02
C PHE A 531 -17.02 9.85 -25.51
N GLU A 532 -17.90 10.63 -24.88
CA GLU A 532 -17.89 10.81 -23.43
C GLU A 532 -19.31 10.84 -22.88
N ARG A 533 -19.51 10.24 -21.69
CA ARG A 533 -20.82 10.26 -21.03
C ARG A 533 -20.63 10.23 -19.52
N VAL A 534 -21.73 10.46 -18.80
CA VAL A 534 -21.83 10.35 -17.34
C VAL A 534 -22.67 9.10 -17.10
N ILE A 535 -22.27 8.26 -16.15
CA ILE A 535 -23.04 7.07 -15.76
C ILE A 535 -23.40 7.20 -14.30
N ASP A 536 -24.53 6.60 -13.90
CA ASP A 536 -24.93 6.53 -12.49
C ASP A 536 -24.71 5.07 -12.14
N ILE A 537 -23.69 4.77 -11.34
CA ILE A 537 -23.35 3.37 -11.03
C ILE A 537 -24.45 2.65 -10.22
N PHE A 538 -25.39 3.40 -9.60
CA PHE A 538 -26.49 2.84 -8.82
C PHE A 538 -27.80 2.67 -9.61
N ASN A 539 -27.86 3.23 -10.85
CA ASN A 539 -29.04 3.14 -11.71
C ASN A 539 -28.69 3.50 -13.15
N LYS A 540 -28.52 2.47 -14.01
CA LYS A 540 -28.15 2.68 -15.41
C LYS A 540 -29.25 3.41 -16.22
N LYS A 541 -30.50 3.44 -15.71
CA LYS A 541 -31.59 4.17 -16.38
C LYS A 541 -31.33 5.68 -16.42
N ASN A 542 -30.50 6.18 -15.48
CA ASN A 542 -30.08 7.58 -15.37
C ASN A 542 -28.84 7.89 -16.22
N ASN A 543 -28.31 6.88 -16.95
CA ASN A 543 -27.09 7.08 -17.76
C ASN A 543 -27.29 8.03 -18.90
N GLY A 544 -26.33 8.93 -19.01
CA GLY A 544 -26.36 9.94 -20.06
C GLY A 544 -26.00 9.39 -21.42
N ALA A 545 -26.45 10.09 -22.47
CA ALA A 545 -26.15 9.74 -23.85
C ALA A 545 -24.68 10.10 -24.11
N TRP A 546 -24.06 9.39 -25.05
CA TRP A 546 -22.68 9.59 -25.42
C TRP A 546 -22.54 10.87 -26.24
N ASN A 547 -21.59 11.73 -25.83
CA ASN A 547 -21.27 12.98 -26.53
C ASN A 547 -20.13 12.69 -27.48
N PHE A 548 -20.34 12.94 -28.77
CA PHE A 548 -19.30 12.79 -29.75
C PHE A 548 -18.41 14.01 -29.75
N CYS A 549 -17.08 13.84 -29.57
CA CYS A 549 -16.14 14.97 -29.59
C CYS A 549 -15.33 14.89 -30.87
N PRO A 550 -15.63 15.72 -31.89
CA PRO A 550 -14.88 15.60 -33.14
C PRO A 550 -13.37 15.90 -33.06
N GLN A 551 -12.60 15.00 -33.61
CA GLN A 551 -11.17 15.15 -33.81
C GLN A 551 -10.84 14.47 -35.12
N ASN A 552 -9.89 15.03 -35.87
CA ASN A 552 -9.68 14.56 -37.22
C ASN A 552 -8.20 14.59 -37.59
N ALA A 553 -7.70 13.49 -38.19
CA ALA A 553 -6.33 13.35 -38.65
C ALA A 553 -6.20 13.53 -40.17
N GLY A 554 -7.30 13.83 -40.84
CA GLY A 554 -7.31 13.99 -42.30
C GLY A 554 -7.80 12.76 -43.04
N TYR A 555 -8.37 11.79 -42.30
CA TYR A 555 -8.92 10.57 -42.90
C TYR A 555 -10.42 10.68 -43.18
N TRP A 556 -10.89 9.89 -44.14
CA TRP A 556 -12.30 9.78 -44.44
C TRP A 556 -12.93 8.70 -43.55
N GLU A 557 -14.26 8.69 -43.47
CA GLU A 557 -15.05 7.73 -42.70
C GLU A 557 -16.09 7.17 -43.65
N HIS A 558 -16.13 5.85 -43.78
CA HIS A 558 -17.05 5.16 -44.69
C HIS A 558 -18.34 4.75 -44.02
N ILE A 559 -19.42 4.75 -44.77
CA ILE A 559 -20.73 4.31 -44.27
C ILE A 559 -20.83 2.77 -44.44
N PRO A 560 -21.17 2.00 -43.39
CA PRO A 560 -21.37 0.54 -43.57
C PRO A 560 -22.36 0.23 -44.70
N LYS A 561 -22.01 -0.79 -45.54
CA LYS A 561 -22.76 -1.22 -46.73
C LYS A 561 -24.24 -1.60 -46.46
N SER A 562 -24.60 -2.00 -45.22
CA SER A 562 -25.98 -2.36 -44.85
C SER A 562 -26.93 -1.15 -44.84
N ILE A 563 -26.37 0.04 -44.69
CA ILE A 563 -27.14 1.28 -44.62
C ILE A 563 -27.44 1.79 -46.02
N THR A 564 -28.72 1.98 -46.35
CA THR A 564 -29.17 2.49 -47.66
C THR A 564 -29.89 3.85 -47.51
N LYS A 565 -30.02 4.35 -46.28
CA LYS A 565 -30.66 5.63 -46.02
C LYS A 565 -29.71 6.53 -45.25
N LEU A 566 -29.50 7.75 -45.77
CA LEU A 566 -28.68 8.75 -45.12
C LEU A 566 -29.33 9.16 -43.80
N SER A 567 -30.67 9.03 -43.70
CA SER A 567 -31.44 9.34 -42.49
C SER A 567 -31.06 8.47 -41.26
N ASP A 568 -30.33 7.35 -41.46
CA ASP A 568 -29.84 6.45 -40.41
C ASP A 568 -28.62 7.05 -39.69
N LEU A 569 -27.96 8.05 -40.32
CA LEU A 569 -26.75 8.69 -39.81
C LEU A 569 -27.08 9.96 -39.06
N LYS A 570 -27.13 9.83 -37.72
CA LYS A 570 -27.62 10.88 -36.82
C LYS A 570 -26.61 11.40 -35.79
N ILE A 571 -25.36 10.84 -35.73
CA ILE A 571 -24.35 11.35 -34.78
C ILE A 571 -23.85 12.70 -35.27
N VAL A 572 -24.04 13.72 -34.45
CA VAL A 572 -23.66 15.11 -34.70
C VAL A 572 -22.13 15.29 -34.76
N GLY A 573 -21.62 15.84 -35.88
CA GLY A 573 -20.20 16.13 -36.05
C GLY A 573 -19.37 15.04 -36.67
N LEU A 574 -19.99 13.86 -36.91
CA LEU A 574 -19.33 12.69 -37.50
C LEU A 574 -19.63 12.65 -39.01
N ASP A 575 -18.64 13.13 -39.80
CA ASP A 575 -18.76 13.21 -41.25
C ASP A 575 -18.49 11.85 -41.89
N PHE A 576 -19.04 11.65 -43.09
CA PHE A 576 -18.84 10.46 -43.89
C PHE A 576 -18.50 10.88 -45.31
N TYR A 577 -17.73 10.03 -46.02
CA TYR A 577 -17.44 10.29 -47.42
C TYR A 577 -18.27 9.33 -48.23
N ILE A 578 -18.93 9.84 -49.27
CA ILE A 578 -19.76 9.05 -50.18
C ILE A 578 -19.14 9.15 -51.57
N THR A 579 -18.57 8.04 -52.10
CA THR A 579 -18.01 8.00 -53.46
C THR A 579 -19.13 8.14 -54.49
N THR A 580 -18.75 8.35 -55.77
CA THR A 580 -19.65 8.47 -56.92
C THR A 580 -20.54 7.23 -57.02
N GLU A 581 -19.95 6.04 -56.93
CA GLU A 581 -20.64 4.76 -57.02
C GLU A 581 -21.59 4.53 -55.84
N GLU A 582 -21.12 4.82 -54.60
CA GLU A 582 -21.89 4.68 -53.36
C GLU A 582 -23.13 5.57 -53.32
N SER A 583 -23.08 6.75 -53.97
CA SER A 583 -24.20 7.70 -53.99
C SER A 583 -25.49 7.14 -54.64
N ASN A 584 -25.35 6.10 -55.46
CA ASN A 584 -26.47 5.43 -56.14
C ASN A 584 -27.31 4.56 -55.19
N ARG A 585 -26.67 4.06 -54.12
CA ARG A 585 -27.23 3.13 -53.12
C ARG A 585 -28.29 3.80 -52.23
N PHE A 586 -28.18 5.11 -52.01
CA PHE A 586 -29.02 5.84 -51.05
C PHE A 586 -30.34 6.27 -51.62
N THR A 587 -31.45 5.69 -51.10
CA THR A 587 -32.82 6.00 -51.58
C THR A 587 -33.26 7.45 -51.27
N ASP A 588 -32.67 8.08 -50.23
CA ASP A 588 -32.99 9.46 -49.86
C ASP A 588 -31.93 10.46 -50.32
N PHE A 589 -31.06 10.04 -51.27
CA PHE A 589 -30.02 10.92 -51.84
C PHE A 589 -30.75 11.88 -52.79
N PRO A 590 -30.39 13.19 -52.87
CA PRO A 590 -31.07 14.07 -53.84
C PRO A 590 -31.13 13.39 -55.22
N LYS A 591 -32.36 13.13 -55.69
CA LYS A 591 -32.75 12.39 -56.92
C LYS A 591 -31.87 12.65 -58.15
N ASP A 592 -31.62 13.92 -58.47
CA ASP A 592 -30.84 14.27 -59.67
C ASP A 592 -29.34 14.44 -59.42
N PHE A 593 -28.83 13.91 -58.29
CA PHE A 593 -27.42 14.06 -57.91
C PHE A 593 -26.73 12.72 -57.64
N LYS A 594 -27.37 11.60 -58.04
CA LYS A 594 -26.84 10.24 -57.84
C LYS A 594 -25.87 9.83 -58.97
N GLY A 595 -24.82 9.11 -58.61
CA GLY A 595 -23.79 8.57 -59.50
C GLY A 595 -23.04 9.57 -60.37
N ILE A 596 -22.86 10.82 -59.90
CA ILE A 596 -22.18 11.87 -60.68
C ILE A 596 -20.90 12.40 -59.99
N ALA A 597 -20.82 12.33 -58.64
CA ALA A 597 -19.66 12.84 -57.90
C ALA A 597 -19.50 12.22 -56.53
N GLY A 598 -18.38 12.55 -55.89
CA GLY A 598 -18.07 12.24 -54.51
C GLY A 598 -18.61 13.36 -53.64
N TRP A 599 -19.03 13.04 -52.42
CA TRP A 599 -19.64 14.00 -51.49
C TRP A 599 -19.19 13.76 -50.06
N ILE A 600 -19.21 14.85 -49.25
CA ILE A 600 -18.97 14.73 -47.82
C ILE A 600 -20.33 14.95 -47.18
N LEU A 601 -20.78 13.97 -46.37
CA LEU A 601 -22.01 14.10 -45.61
C LEU A 601 -21.66 14.63 -44.22
N GLU A 602 -22.22 15.80 -43.87
CA GLU A 602 -22.09 16.43 -42.56
C GLU A 602 -23.42 16.22 -41.84
N VAL A 603 -23.35 15.87 -40.56
CA VAL A 603 -24.51 15.66 -39.69
C VAL A 603 -24.40 16.74 -38.60
N LYS A 604 -25.39 17.61 -38.56
CA LYS A 604 -25.40 18.80 -37.69
C LYS A 604 -26.52 18.77 -36.66
N SER A 605 -26.38 19.60 -35.61
CA SER A 605 -27.32 19.67 -34.49
C SER A 605 -28.73 20.10 -34.90
N ASN A 606 -29.73 19.72 -34.11
CA ASN A 606 -31.12 20.08 -34.29
C ASN A 606 -31.83 19.86 -32.95
N THR A 607 -33.17 19.76 -32.95
CA THR A 607 -33.98 19.53 -31.74
C THR A 607 -34.05 18.02 -31.50
N PRO A 608 -34.47 17.52 -30.30
CA PRO A 608 -34.58 16.06 -30.14
C PRO A 608 -35.60 15.48 -31.12
N GLY A 609 -35.24 14.37 -31.73
CA GLY A 609 -36.08 13.72 -32.72
C GLY A 609 -35.85 14.24 -34.12
N ASN A 610 -34.97 15.27 -34.28
CA ASN A 610 -34.63 15.83 -35.59
C ASN A 610 -33.12 15.84 -35.85
N THR A 611 -32.74 15.89 -37.14
CA THR A 611 -31.35 15.92 -37.60
C THR A 611 -31.23 16.89 -38.77
N THR A 612 -30.06 17.55 -38.88
CA THR A 612 -29.70 18.37 -40.03
C THR A 612 -28.59 17.63 -40.77
N GLN A 613 -28.70 17.55 -42.10
CA GLN A 613 -27.67 16.95 -42.94
C GLN A 613 -27.24 17.90 -44.07
N VAL A 614 -25.94 17.86 -44.41
CA VAL A 614 -25.37 18.65 -45.49
C VAL A 614 -24.58 17.69 -46.37
N LEU A 615 -24.83 17.72 -47.68
CA LEU A 615 -24.05 16.97 -48.64
C LEU A 615 -23.29 18.02 -49.42
N ARG A 616 -21.96 18.05 -49.29
CA ARG A 616 -21.16 19.02 -50.04
C ARG A 616 -20.33 18.27 -51.06
N ARG A 617 -20.38 18.74 -52.31
CA ARG A 617 -19.73 18.11 -53.44
C ARG A 617 -18.23 18.12 -53.38
N ASN A 618 -17.61 17.06 -53.88
CA ASN A 618 -16.16 17.00 -53.96
C ASN A 618 -15.77 17.28 -55.43
N ASN A 619 -16.18 18.47 -55.90
CA ASN A 619 -15.94 18.99 -57.24
C ASN A 619 -14.52 19.51 -57.36
N PHE A 620 -13.96 19.40 -58.55
CA PHE A 620 -12.62 19.94 -58.75
C PHE A 620 -12.70 21.06 -59.81
N PRO A 621 -12.87 20.81 -61.14
CA PRO A 621 -12.97 21.95 -62.07
C PRO A 621 -14.36 22.62 -62.11
N SER A 622 -15.44 21.85 -61.88
CA SER A 622 -16.82 22.32 -61.91
C SER A 622 -17.21 23.19 -60.67
N ALA A 623 -18.44 23.76 -60.69
CA ALA A 623 -18.97 24.61 -59.63
C ALA A 623 -19.30 23.85 -58.34
N HIS A 624 -19.00 24.44 -57.15
CA HIS A 624 -19.34 23.81 -55.88
C HIS A 624 -20.83 23.80 -55.68
N GLN A 625 -21.32 22.69 -55.12
CA GLN A 625 -22.71 22.49 -54.79
C GLN A 625 -22.79 21.91 -53.40
N PHE A 626 -23.77 22.37 -52.62
CA PHE A 626 -24.07 21.77 -51.33
C PHE A 626 -25.59 21.76 -51.14
N LEU A 627 -26.07 20.68 -50.52
CA LEU A 627 -27.49 20.44 -50.30
C LEU A 627 -27.72 20.26 -48.80
N VAL A 628 -28.75 20.94 -48.29
CA VAL A 628 -29.11 20.98 -46.87
C VAL A 628 -30.53 20.44 -46.67
N ARG A 629 -30.74 19.66 -45.59
CA ARG A 629 -32.06 19.16 -45.21
C ARG A 629 -32.16 19.01 -43.69
N ASN A 630 -33.39 19.09 -43.17
CA ASN A 630 -33.73 18.89 -41.76
C ASN A 630 -34.80 17.78 -41.76
N PHE A 631 -34.67 16.76 -40.89
CA PHE A 631 -35.63 15.66 -40.91
C PHE A 631 -35.80 15.00 -39.56
N GLY A 632 -36.95 14.34 -39.36
CA GLY A 632 -37.28 13.62 -38.15
C GLY A 632 -38.72 13.78 -37.75
N THR A 633 -38.99 14.07 -36.46
CA THR A 633 -40.34 14.29 -35.93
C THR A 633 -41.03 15.52 -36.55
N GLY A 634 -40.24 16.47 -37.05
CA GLY A 634 -40.74 17.65 -37.73
C GLY A 634 -41.21 17.35 -39.15
N GLY A 635 -40.93 16.13 -39.59
CA GLY A 635 -41.26 15.61 -40.92
C GLY A 635 -40.01 15.25 -41.70
N VAL A 636 -40.17 14.78 -42.93
CA VAL A 636 -39.02 14.47 -43.77
C VAL A 636 -38.86 15.70 -44.64
N GLY A 637 -37.97 16.58 -44.22
CA GLY A 637 -37.71 17.83 -44.92
C GLY A 637 -37.12 17.58 -46.30
N LYS A 638 -37.33 18.53 -47.20
CA LYS A 638 -36.80 18.43 -48.54
C LYS A 638 -35.37 18.98 -48.60
N TRP A 639 -34.58 18.50 -49.57
CA TRP A 639 -33.22 18.96 -49.80
C TRP A 639 -33.28 20.31 -50.50
N SER A 640 -32.41 21.26 -50.11
CA SER A 640 -32.30 22.56 -50.77
C SER A 640 -30.90 22.68 -51.33
N LEU A 641 -30.77 22.98 -52.63
CA LEU A 641 -29.51 23.12 -53.33
C LEU A 641 -28.95 24.54 -53.27
N PHE A 642 -27.64 24.65 -53.07
CA PHE A 642 -26.87 25.89 -53.07
C PHE A 642 -25.72 25.66 -54.04
N GLU A 643 -25.60 26.53 -55.03
CA GLU A 643 -24.58 26.40 -56.06
C GLU A 643 -23.76 27.68 -56.17
N GLY A 644 -22.46 27.52 -56.33
CA GLY A 644 -21.51 28.63 -56.44
C GLY A 644 -21.12 28.96 -57.87
N LYS A 645 -20.35 30.04 -58.03
CA LYS A 645 -19.85 30.49 -59.31
C LYS A 645 -18.33 30.35 -59.33
N VAL A 646 -17.82 29.53 -60.27
CA VAL A 646 -16.38 29.30 -60.49
C VAL A 646 -15.70 30.64 -60.81
N VAL A 647 -14.60 30.91 -60.13
CA VAL A 647 -13.81 32.14 -60.30
C VAL A 647 -12.36 31.72 -60.48
N GLU A 648 -11.48 32.67 -60.85
CA GLU A 648 -10.05 32.38 -61.01
C GLU A 648 -9.29 32.47 -59.68
N SER B 14 -25.75 -42.38 36.15
CA SER B 14 -25.21 -41.27 35.37
C SER B 14 -25.51 -41.36 33.84
N ASN B 15 -25.43 -40.20 33.18
CA ASN B 15 -25.72 -39.99 31.77
C ASN B 15 -24.64 -40.51 30.83
N LYS B 16 -25.09 -41.19 29.78
CA LYS B 16 -24.27 -41.77 28.72
C LYS B 16 -24.73 -41.21 27.39
N LEU B 17 -23.87 -41.33 26.37
CA LEU B 17 -24.15 -40.89 25.00
C LEU B 17 -25.20 -41.79 24.38
N ILE B 18 -26.11 -41.21 23.59
CA ILE B 18 -27.10 -41.97 22.87
C ILE B 18 -26.38 -42.41 21.58
N THR B 19 -26.23 -43.74 21.42
CA THR B 19 -25.55 -44.32 20.25
C THR B 19 -26.55 -45.00 19.30
N ASP B 20 -27.80 -45.18 19.76
CA ASP B 20 -28.89 -45.73 18.96
C ASP B 20 -29.84 -44.57 18.76
N LEU B 21 -29.67 -43.85 17.65
CA LEU B 21 -30.43 -42.65 17.29
C LEU B 21 -31.70 -42.98 16.55
N SER B 22 -32.63 -41.99 16.49
CA SER B 22 -33.87 -42.09 15.74
C SER B 22 -33.55 -42.29 14.26
N ARG B 23 -34.38 -43.07 13.57
CA ARG B 23 -34.15 -43.35 12.15
C ARG B 23 -34.84 -42.33 11.23
N VAL B 24 -35.61 -41.41 11.81
CA VAL B 24 -36.28 -40.34 11.08
C VAL B 24 -35.77 -39.00 11.56
N PHE B 25 -35.52 -38.03 10.64
CA PHE B 25 -35.10 -36.68 11.01
C PHE B 25 -36.32 -36.03 11.65
N ASP B 26 -36.43 -36.26 12.94
CA ASP B 26 -37.50 -35.86 13.81
C ASP B 26 -37.02 -34.74 14.69
N TYR B 27 -37.81 -34.47 15.73
CA TYR B 27 -37.43 -33.52 16.75
C TYR B 27 -36.51 -34.29 17.73
N ARG B 28 -36.82 -35.61 17.91
CA ARG B 28 -36.09 -36.55 18.76
C ARG B 28 -34.66 -36.68 18.26
N TYR B 29 -34.45 -36.74 16.91
CA TYR B 29 -33.13 -36.81 16.30
C TYR B 29 -32.26 -35.61 16.69
N VAL B 30 -32.78 -34.37 16.47
CA VAL B 30 -32.07 -33.12 16.78
C VAL B 30 -31.72 -33.03 18.28
N ASP B 31 -32.67 -33.43 19.15
CA ASP B 31 -32.52 -33.44 20.62
C ASP B 31 -31.42 -34.37 21.08
N GLU B 32 -31.41 -35.62 20.54
CA GLU B 32 -30.42 -36.64 20.88
C GLU B 32 -29.01 -36.16 20.54
N ASN B 33 -28.86 -35.47 19.40
CA ASN B 33 -27.61 -34.88 18.94
C ASN B 33 -27.23 -33.72 19.85
N GLU B 34 -28.23 -32.87 20.24
CA GLU B 34 -28.02 -31.73 21.15
C GLU B 34 -27.53 -32.22 22.51
N TYR B 35 -28.20 -33.26 23.04
CA TYR B 35 -27.89 -33.91 24.31
C TYR B 35 -26.46 -34.45 24.27
N ASN B 36 -26.10 -35.22 23.22
CA ASN B 36 -24.76 -35.78 23.10
C ASN B 36 -23.66 -34.74 23.08
N PHE B 37 -23.82 -33.68 22.28
CA PHE B 37 -22.81 -32.61 22.17
C PHE B 37 -22.58 -31.90 23.47
N LYS B 38 -23.68 -31.64 24.21
CA LYS B 38 -23.63 -31.00 25.53
C LYS B 38 -22.96 -31.94 26.54
N LEU B 39 -23.25 -33.26 26.45
CA LEU B 39 -22.69 -34.26 27.34
C LEU B 39 -21.20 -34.47 27.09
N ILE B 40 -20.77 -34.45 25.79
CA ILE B 40 -19.35 -34.54 25.39
C ILE B 40 -18.60 -33.33 25.94
N SER B 41 -19.16 -32.12 25.72
CA SER B 41 -18.57 -30.86 26.19
C SER B 41 -18.38 -30.86 27.73
N ASP B 42 -19.40 -31.32 28.48
CA ASP B 42 -19.36 -31.41 29.93
C ASP B 42 -18.35 -32.42 30.43
N MET B 43 -18.26 -33.58 29.74
CA MET B 43 -17.33 -34.63 30.11
C MET B 43 -15.90 -34.18 29.93
N LEU B 44 -15.60 -33.49 28.83
CA LEU B 44 -14.27 -32.98 28.53
C LEU B 44 -13.85 -31.89 29.50
N THR B 45 -14.80 -31.03 29.91
CA THR B 45 -14.58 -29.97 30.91
C THR B 45 -14.24 -30.64 32.24
N ASP B 46 -15.03 -31.65 32.65
CA ASP B 46 -14.81 -32.41 33.88
C ASP B 46 -13.46 -33.10 33.87
N PHE B 47 -13.05 -33.75 32.73
CA PHE B 47 -11.73 -34.39 32.62
C PHE B 47 -10.62 -33.37 32.74
N ASN B 48 -10.79 -32.17 32.13
CA ASN B 48 -9.76 -31.13 32.20
C ASN B 48 -9.65 -30.57 33.63
N PHE B 49 -10.77 -30.40 34.36
CA PHE B 49 -10.79 -29.96 35.75
C PHE B 49 -10.09 -31.00 36.65
N SER B 50 -10.44 -32.28 36.45
CA SER B 50 -9.88 -33.39 37.22
C SER B 50 -8.36 -33.50 37.08
N LEU B 51 -7.83 -33.36 35.84
CA LEU B 51 -6.40 -33.39 35.58
C LEU B 51 -5.69 -32.19 36.23
N GLU B 52 -6.29 -31.00 36.19
CA GLU B 52 -5.72 -29.79 36.79
C GLU B 52 -5.71 -29.91 38.31
N TYR B 53 -6.79 -30.46 38.88
CA TYR B 53 -6.88 -30.66 40.32
C TYR B 53 -5.88 -31.75 40.78
N HIS B 54 -5.72 -32.82 39.97
CA HIS B 54 -4.76 -33.90 40.23
C HIS B 54 -3.34 -33.32 40.33
N ARG B 55 -2.98 -32.45 39.38
CA ARG B 55 -1.66 -31.82 39.29
C ARG B 55 -1.36 -30.89 40.47
N ASN B 56 -2.31 -30.01 40.81
CA ASN B 56 -2.12 -28.91 41.75
C ASN B 56 -2.67 -29.04 43.17
N LYS B 57 -3.77 -29.77 43.36
CA LYS B 57 -4.37 -29.78 44.70
C LYS B 57 -4.58 -31.16 45.33
N GLU B 58 -4.73 -32.22 44.53
CA GLU B 58 -5.02 -33.54 45.06
C GLU B 58 -3.99 -34.03 46.10
N VAL B 59 -4.46 -34.36 47.30
CA VAL B 59 -3.56 -34.90 48.30
C VAL B 59 -3.81 -36.36 48.40
N PHE B 60 -2.75 -36.98 47.99
CA PHE B 60 -2.39 -38.30 47.61
C PHE B 60 -2.93 -38.47 46.22
N ALA B 61 -2.20 -37.78 45.33
CA ALA B 61 -2.32 -37.81 43.89
C ALA B 61 -1.80 -39.18 43.46
N HIS B 62 -0.80 -39.71 44.22
CA HIS B 62 -0.15 -41.00 43.97
C HIS B 62 0.40 -41.62 45.24
N ASP B 63 0.73 -42.92 45.18
CA ASP B 63 1.46 -43.61 46.23
C ASP B 63 2.91 -43.62 45.72
N GLY B 64 3.89 -43.58 46.63
CA GLY B 64 5.31 -43.60 46.28
C GLY B 64 5.78 -44.80 45.49
N GLU B 65 5.04 -45.93 45.54
CA GLU B 65 5.32 -47.14 44.77
C GLU B 65 5.10 -46.95 43.26
N GLN B 66 4.30 -45.95 42.88
CA GLN B 66 3.99 -45.60 41.49
C GLN B 66 5.07 -44.69 40.90
N ILE B 67 6.00 -44.21 41.73
CA ILE B 67 7.03 -43.24 41.33
C ILE B 67 8.36 -43.93 41.22
N LYS B 68 8.94 -43.91 40.02
CA LYS B 68 10.20 -44.58 39.71
C LYS B 68 11.41 -43.88 40.31
N TYR B 69 12.32 -44.69 40.86
CA TYR B 69 13.62 -44.23 41.30
C TYR B 69 14.65 -45.13 40.69
N GLU B 70 15.44 -44.61 39.78
CA GLU B 70 16.49 -45.41 39.14
C GLU B 70 17.76 -44.60 39.09
N HIS B 71 18.85 -45.20 39.55
CA HIS B 71 20.15 -44.55 39.54
C HIS B 71 21.19 -45.64 39.49
N LEU B 72 21.99 -45.62 38.43
CA LEU B 72 23.07 -46.59 38.19
C LEU B 72 22.61 -48.06 38.38
N ASN B 73 23.16 -48.83 39.36
CA ASN B 73 22.79 -50.25 39.56
C ASN B 73 21.53 -50.47 40.48
N VAL B 74 20.88 -49.36 40.92
CA VAL B 74 19.65 -49.33 41.70
C VAL B 74 18.43 -49.12 40.78
N THR B 75 17.43 -50.00 40.90
CA THR B 75 16.13 -49.94 40.21
C THR B 75 15.10 -50.11 41.30
N SER B 76 14.29 -49.05 41.52
CA SER B 76 13.37 -49.14 42.60
C SER B 76 12.18 -48.16 42.41
N ASN B 77 11.44 -47.95 43.47
CA ASN B 77 10.35 -46.99 43.53
C ASN B 77 10.64 -46.08 44.71
N VAL B 78 10.02 -44.92 44.78
CA VAL B 78 10.26 -43.94 45.83
C VAL B 78 9.97 -44.49 47.26
N SER B 79 8.83 -45.18 47.47
CA SER B 79 8.48 -45.73 48.79
C SER B 79 9.50 -46.76 49.29
N ASP B 80 9.83 -47.75 48.45
CA ASP B 80 10.77 -48.78 48.83
C ASP B 80 12.18 -48.22 49.05
N PHE B 81 12.58 -47.19 48.28
CA PHE B 81 13.92 -46.60 48.48
C PHE B 81 14.00 -45.79 49.77
N LEU B 82 12.87 -45.17 50.18
CA LEU B 82 12.78 -44.44 51.45
C LEU B 82 12.88 -45.42 52.61
N THR B 83 12.21 -46.58 52.49
CA THR B 83 12.27 -47.68 53.46
C THR B 83 13.71 -48.20 53.57
N TYR B 84 14.37 -48.37 52.42
CA TYR B 84 15.75 -48.80 52.35
C TYR B 84 16.69 -47.81 53.08
N LEU B 85 16.56 -46.50 52.79
CA LEU B 85 17.39 -45.45 53.42
C LEU B 85 17.19 -45.39 54.93
N ASN B 86 15.93 -45.46 55.38
CA ASN B 86 15.64 -45.46 56.81
C ASN B 86 16.29 -46.66 57.52
N GLY B 87 16.25 -47.83 56.90
CA GLY B 87 16.88 -49.07 57.36
C GLY B 87 18.39 -48.95 57.46
N ARG B 88 19.01 -48.27 56.48
CA ARG B 88 20.45 -48.00 56.50
C ARG B 88 20.85 -47.18 57.73
N PHE B 89 20.03 -46.19 58.15
CA PHE B 89 20.27 -45.37 59.35
C PHE B 89 20.49 -46.19 60.55
N SER B 90 19.56 -47.12 60.81
CA SER B 90 19.58 -47.98 61.98
C SER B 90 20.83 -48.84 62.02
N ASN B 91 21.02 -49.77 61.04
CA ASN B 91 22.19 -50.66 61.02
C ASN B 91 23.54 -49.96 60.69
N MET B 92 23.58 -48.61 60.59
CA MET B 92 24.84 -47.95 60.31
C MET B 92 25.67 -47.82 61.57
N VAL B 93 26.94 -48.23 61.49
CA VAL B 93 27.85 -48.12 62.62
C VAL B 93 28.84 -47.00 62.32
N LEU B 94 28.60 -45.85 62.93
CA LEU B 94 29.45 -44.69 62.81
C LEU B 94 30.42 -44.70 63.98
N GLY B 95 31.69 -44.41 63.69
CA GLY B 95 32.70 -44.34 64.73
C GLY B 95 32.75 -42.96 65.33
N HIS B 96 33.37 -42.86 66.52
CA HIS B 96 33.65 -41.58 67.18
C HIS B 96 35.06 -41.31 66.68
N ASN B 97 35.12 -40.76 65.44
CA ASN B 97 36.33 -40.62 64.62
C ASN B 97 37.18 -39.37 64.92
N GLY B 98 36.79 -38.60 65.93
CA GLY B 98 37.53 -37.42 66.34
C GLY B 98 36.77 -36.12 66.15
N ASP B 99 37.29 -35.04 66.75
CA ASP B 99 36.68 -33.71 66.70
C ASP B 99 36.47 -33.21 65.29
N GLY B 100 35.21 -33.01 64.93
CA GLY B 100 34.81 -32.55 63.62
C GLY B 100 35.18 -33.44 62.44
N ILE B 101 35.69 -34.67 62.68
CA ILE B 101 36.11 -35.60 61.61
C ILE B 101 34.96 -36.04 60.71
N ASN B 102 33.84 -36.52 61.30
CA ASN B 102 32.68 -36.97 60.57
C ASN B 102 31.96 -35.82 59.87
N GLU B 103 32.02 -34.61 60.45
CA GLU B 103 31.38 -33.45 59.85
C GLU B 103 32.14 -33.01 58.61
N VAL B 104 33.49 -32.98 58.66
CA VAL B 104 34.32 -32.61 57.51
C VAL B 104 34.14 -33.62 56.39
N LYS B 105 34.22 -34.91 56.71
CA LYS B 105 34.03 -36.02 55.78
C LYS B 105 32.67 -35.90 55.09
N ASP B 106 31.62 -35.66 55.86
CA ASP B 106 30.24 -35.48 55.34
C ASP B 106 30.11 -34.27 54.39
N ALA B 107 30.85 -33.19 54.66
CA ALA B 107 30.86 -31.96 53.85
C ALA B 107 31.50 -32.16 52.45
N ARG B 108 32.18 -33.29 52.24
CA ARG B 108 32.83 -33.59 50.96
C ARG B 108 31.80 -34.05 49.91
N VAL B 109 30.57 -34.34 50.32
CA VAL B 109 29.50 -34.82 49.43
C VAL B 109 28.83 -33.63 48.81
N ASP B 110 28.86 -33.51 47.47
CA ASP B 110 28.19 -32.39 46.80
C ASP B 110 26.67 -32.65 46.68
N ASN B 111 25.93 -31.70 46.09
CA ASN B 111 24.46 -31.81 45.96
C ASN B 111 23.98 -32.99 45.11
N THR B 112 24.83 -33.57 44.23
CA THR B 112 24.44 -34.72 43.42
C THR B 112 24.60 -36.03 44.21
N GLY B 113 25.25 -35.95 45.38
CA GLY B 113 25.56 -37.11 46.21
C GLY B 113 26.95 -37.67 45.95
N TYR B 114 27.79 -36.96 45.14
CA TYR B 114 29.14 -37.40 44.81
C TYR B 114 30.09 -37.04 45.96
N GLY B 115 30.80 -38.05 46.48
CA GLY B 115 31.75 -37.89 47.56
C GLY B 115 33.14 -37.55 47.06
N HIS B 116 33.56 -36.28 47.27
CA HIS B 116 34.88 -35.82 46.85
C HIS B 116 35.90 -36.33 47.87
N LYS B 117 37.18 -36.38 47.50
CA LYS B 117 38.21 -36.89 48.43
C LYS B 117 38.49 -35.94 49.54
N THR B 118 38.24 -34.67 49.31
CA THR B 118 38.63 -33.61 50.23
C THR B 118 37.56 -32.49 50.25
N LEU B 119 37.47 -31.72 51.35
CA LEU B 119 36.55 -30.59 51.46
C LEU B 119 36.95 -29.52 50.40
N GLN B 120 38.25 -29.24 50.24
CA GLN B 120 38.77 -28.29 49.26
C GLN B 120 38.39 -28.70 47.82
N ASP B 121 38.45 -29.99 47.48
CA ASP B 121 38.11 -30.52 46.15
C ASP B 121 36.63 -30.26 45.88
N ARG B 122 35.79 -30.57 46.86
CA ARG B 122 34.35 -30.42 46.76
C ARG B 122 33.99 -28.94 46.58
N LEU B 123 34.65 -28.03 47.31
CA LEU B 123 34.43 -26.58 47.20
C LEU B 123 34.92 -26.05 45.89
N TYR B 124 36.07 -26.57 45.40
CA TYR B 124 36.65 -26.19 44.11
C TYR B 124 35.69 -26.53 42.96
N HIS B 125 35.20 -27.80 42.95
CA HIS B 125 34.27 -28.35 41.99
C HIS B 125 32.97 -27.52 41.95
N ASP B 126 32.36 -27.25 43.13
CA ASP B 126 31.13 -26.47 43.23
C ASP B 126 31.30 -25.05 42.66
N TYR B 127 32.35 -24.34 43.09
CA TYR B 127 32.60 -22.99 42.63
C TYR B 127 32.84 -22.92 41.12
N SER B 128 33.68 -23.81 40.59
CA SER B 128 34.01 -23.90 39.17
C SER B 128 32.76 -24.19 38.34
N THR B 129 31.91 -25.15 38.77
CA THR B 129 30.66 -25.46 38.08
C THR B 129 29.78 -24.22 37.94
N LEU B 130 29.57 -23.48 39.06
CA LEU B 130 28.72 -22.29 39.05
C LEU B 130 29.35 -21.11 38.33
N ASP B 131 30.68 -20.97 38.40
CA ASP B 131 31.40 -19.92 37.71
C ASP B 131 31.30 -20.08 36.20
N VAL B 132 31.51 -21.31 35.69
CA VAL B 132 31.42 -21.64 34.26
C VAL B 132 29.98 -21.43 33.78
N PHE B 133 29.01 -21.91 34.57
CA PHE B 133 27.59 -21.77 34.22
C PHE B 133 27.15 -20.30 34.11
N THR B 134 27.45 -19.49 35.15
CA THR B 134 27.05 -18.09 35.16
C THR B 134 27.74 -17.28 34.05
N LYS B 135 29.00 -17.62 33.69
CA LYS B 135 29.71 -16.96 32.59
C LYS B 135 29.07 -17.31 31.24
N LYS B 136 28.52 -18.53 31.11
CA LYS B 136 27.83 -19.00 29.91
C LYS B 136 26.51 -18.20 29.76
N VAL B 137 25.76 -18.00 30.85
CA VAL B 137 24.53 -17.23 30.85
C VAL B 137 24.85 -15.76 30.47
N GLU B 138 25.89 -15.17 31.10
CA GLU B 138 26.33 -13.78 30.82
C GLU B 138 26.71 -13.58 29.34
N LYS B 139 27.44 -14.55 28.75
CA LYS B 139 27.86 -14.48 27.37
C LYS B 139 26.62 -14.45 26.45
N ALA B 140 25.62 -15.31 26.73
CA ALA B 140 24.39 -15.35 25.93
C ALA B 140 23.60 -14.02 26.07
N VAL B 141 23.59 -13.42 27.26
CA VAL B 141 22.91 -12.14 27.49
C VAL B 141 23.53 -11.01 26.63
N ASP B 142 24.87 -10.89 26.68
CA ASP B 142 25.60 -9.88 25.91
C ASP B 142 25.44 -10.08 24.41
N GLU B 143 25.49 -11.36 23.94
CA GLU B 143 25.32 -11.70 22.53
C GLU B 143 23.93 -11.43 21.99
N HIS B 144 22.88 -11.74 22.79
CA HIS B 144 21.49 -11.48 22.39
C HIS B 144 21.28 -9.97 22.30
N TYR B 145 21.84 -9.22 23.27
CA TYR B 145 21.71 -7.76 23.29
C TYR B 145 22.46 -7.10 22.17
N LYS B 146 23.67 -7.60 21.84
CA LYS B 146 24.47 -7.07 20.74
C LYS B 146 23.74 -7.28 19.41
N GLU B 147 23.13 -8.47 19.22
CA GLU B 147 22.37 -8.82 18.03
C GLU B 147 21.14 -7.92 17.90
N TYR B 148 20.40 -7.74 19.01
CA TYR B 148 19.20 -6.89 19.05
C TYR B 148 19.53 -5.41 18.67
N ARG B 149 20.58 -4.85 19.27
CA ARG B 149 21.04 -3.48 19.04
C ARG B 149 21.54 -3.27 17.61
N ALA B 150 22.22 -4.26 17.02
CA ALA B 150 22.70 -4.21 15.63
C ALA B 150 21.49 -4.21 14.67
N THR B 151 20.47 -5.06 14.91
CA THR B 151 19.24 -5.16 14.11
C THR B 151 18.44 -3.85 14.15
N GLU B 152 18.33 -3.24 15.32
CA GLU B 152 17.51 -2.04 15.53
C GLU B 152 18.16 -0.70 15.30
N TYR B 153 19.43 -0.53 15.71
CA TYR B 153 20.09 0.76 15.75
C TYR B 153 21.36 0.88 14.92
N ARG B 154 21.64 -0.09 14.05
CA ARG B 154 22.78 -0.02 13.14
C ARG B 154 22.66 1.24 12.29
N PHE B 155 23.72 2.04 12.31
CA PHE B 155 23.82 3.27 11.56
C PHE B 155 25.24 3.35 11.04
N GLU B 156 25.43 2.98 9.77
CA GLU B 156 26.72 2.93 9.08
C GLU B 156 26.71 3.67 7.72
N PRO B 157 26.79 5.02 7.72
CA PRO B 157 26.86 5.72 6.42
C PRO B 157 27.99 5.28 5.48
N LYS B 158 29.06 4.64 6.01
CA LYS B 158 30.20 4.12 5.22
C LYS B 158 29.83 2.94 4.34
N GLU B 159 28.81 2.17 4.70
CA GLU B 159 28.50 0.99 3.89
C GLU B 159 27.03 0.78 3.51
N GLN B 160 26.06 1.26 4.31
CA GLN B 160 24.63 1.10 4.00
C GLN B 160 24.27 1.73 2.67
N GLU B 161 23.37 1.08 1.94
CA GLU B 161 22.92 1.60 0.66
C GLU B 161 21.79 2.62 0.83
N PRO B 162 21.92 3.84 0.27
CA PRO B 162 20.82 4.82 0.37
C PRO B 162 19.53 4.33 -0.30
N GLU B 163 18.40 4.56 0.36
CA GLU B 163 17.07 4.16 -0.11
C GLU B 163 16.32 5.43 -0.52
N PHE B 164 15.57 5.37 -1.61
CA PHE B 164 14.71 6.44 -2.11
C PHE B 164 13.57 6.72 -1.14
N ILE B 165 13.40 7.99 -0.80
CA ILE B 165 12.33 8.43 0.10
C ILE B 165 11.22 9.11 -0.69
N THR B 166 11.56 10.20 -1.40
CA THR B 166 10.58 11.00 -2.13
C THR B 166 11.26 11.93 -3.15
N ASP B 167 10.46 12.48 -4.06
CA ASP B 167 10.84 13.54 -4.96
C ASP B 167 10.48 14.82 -4.22
N LEU B 168 11.08 15.93 -4.61
CA LEU B 168 10.80 17.26 -4.08
C LEU B 168 10.33 18.05 -5.26
N SER B 169 9.18 18.74 -5.14
CA SER B 169 8.59 19.42 -6.29
C SER B 169 8.38 20.93 -6.10
N PRO B 170 9.47 21.74 -6.04
CA PRO B 170 9.28 23.19 -5.96
C PRO B 170 8.83 23.72 -7.33
N TYR B 171 8.38 24.98 -7.35
CA TYR B 171 7.99 25.65 -8.58
C TYR B 171 9.06 26.66 -8.98
N THR B 172 10.31 26.19 -8.96
CA THR B 172 11.54 26.94 -9.31
C THR B 172 12.48 25.96 -10.04
N ASN B 173 12.97 26.36 -11.22
CA ASN B 173 13.88 25.58 -12.03
C ASN B 173 15.33 26.00 -11.71
N ALA B 174 15.93 25.25 -10.77
CA ALA B 174 17.29 25.51 -10.29
C ALA B 174 17.72 24.35 -9.46
N VAL B 175 19.04 24.15 -9.36
CA VAL B 175 19.60 23.08 -8.53
C VAL B 175 19.24 23.34 -7.08
N MET B 176 19.04 22.26 -6.31
CA MET B 176 18.71 22.41 -4.89
C MET B 176 20.04 22.63 -4.15
N GLN B 177 20.05 23.59 -3.21
CA GLN B 177 21.24 23.84 -2.40
C GLN B 177 21.17 23.02 -1.14
N SER B 178 20.02 23.00 -0.50
CA SER B 178 19.85 22.31 0.77
C SER B 178 18.41 21.99 0.99
N PHE B 179 18.15 21.16 2.01
CA PHE B 179 16.82 20.74 2.42
C PHE B 179 16.89 20.36 3.91
N TRP B 180 15.76 20.50 4.57
CA TRP B 180 15.61 20.13 5.96
C TRP B 180 14.23 19.58 6.16
N VAL B 181 14.13 18.41 6.79
CA VAL B 181 12.85 17.77 7.09
C VAL B 181 12.49 18.16 8.51
N ASP B 182 11.38 18.89 8.70
CA ASP B 182 10.93 19.31 10.01
C ASP B 182 10.38 18.07 10.74
N PRO B 183 11.01 17.61 11.86
CA PRO B 183 10.50 16.39 12.52
C PRO B 183 9.13 16.55 13.19
N ARG B 184 8.74 17.79 13.50
CA ARG B 184 7.46 18.04 14.13
C ARG B 184 6.33 18.11 13.10
N THR B 185 6.44 19.00 12.11
CA THR B 185 5.40 19.18 11.09
C THR B 185 5.53 18.27 9.87
N LYS B 186 6.74 17.73 9.59
CA LYS B 186 7.08 16.88 8.44
C LYS B 186 7.19 17.71 7.15
N ILE B 187 7.12 19.05 7.29
CA ILE B 187 7.28 19.96 6.17
C ILE B 187 8.77 19.95 5.78
N ILE B 188 9.06 19.91 4.49
CA ILE B 188 10.42 19.97 3.96
C ILE B 188 10.75 21.41 3.54
N TYR B 189 11.82 21.98 4.10
CA TYR B 189 12.27 23.34 3.78
C TYR B 189 13.44 23.18 2.82
N MET B 190 13.32 23.66 1.57
CA MET B 190 14.43 23.54 0.66
C MET B 190 14.87 24.90 0.11
N THR B 191 16.16 25.05 -0.20
CA THR B 191 16.68 26.30 -0.74
C THR B 191 17.22 26.07 -2.14
N GLN B 192 17.04 27.08 -3.01
CA GLN B 192 17.51 27.12 -4.38
C GLN B 192 18.02 28.53 -4.62
N ALA B 193 19.26 28.65 -5.09
CA ALA B 193 19.87 29.92 -5.41
C ALA B 193 19.20 30.46 -6.68
N ARG B 194 19.07 31.79 -6.75
CA ARG B 194 18.44 32.52 -7.86
C ARG B 194 19.44 33.53 -8.42
N PRO B 195 19.30 33.97 -9.69
CA PRO B 195 20.19 35.05 -10.19
C PRO B 195 19.98 36.34 -9.36
N GLY B 196 20.96 37.23 -9.36
CA GLY B 196 20.86 38.47 -8.58
C GLY B 196 21.17 38.30 -7.10
N ASN B 197 21.82 37.18 -6.75
CA ASN B 197 22.28 36.80 -5.41
C ASN B 197 21.14 36.62 -4.38
N HIS B 198 20.01 36.05 -4.84
CA HIS B 198 18.83 35.77 -4.01
C HIS B 198 18.74 34.27 -3.86
N TYR B 199 17.98 33.79 -2.88
CA TYR B 199 17.67 32.38 -2.79
C TYR B 199 16.18 32.20 -2.48
N MET B 200 15.58 31.16 -3.06
CA MET B 200 14.19 30.80 -2.83
C MET B 200 14.11 29.70 -1.76
N LEU B 201 13.31 29.95 -0.73
CA LEU B 201 13.08 29.00 0.33
C LEU B 201 11.65 28.43 0.12
N SER B 202 11.54 27.21 -0.43
CA SER B 202 10.23 26.57 -0.67
C SER B 202 9.90 25.57 0.44
N ARG B 203 8.62 25.51 0.82
CA ARG B 203 8.12 24.57 1.81
C ARG B 203 7.31 23.52 1.09
N LEU B 204 7.58 22.26 1.39
CA LEU B 204 6.90 21.15 0.72
C LEU B 204 6.33 20.17 1.71
N LYS B 205 5.32 19.40 1.27
CA LYS B 205 4.75 18.32 2.07
C LYS B 205 5.78 17.18 2.08
N PRO B 206 5.71 16.16 2.98
CA PRO B 206 6.72 15.08 2.95
C PRO B 206 6.71 14.18 1.68
N ASN B 207 5.74 14.34 0.75
CA ASN B 207 5.75 13.66 -0.54
C ASN B 207 6.34 14.59 -1.63
N GLY B 208 6.84 15.75 -1.23
CA GLY B 208 7.44 16.73 -2.12
C GLY B 208 6.51 17.78 -2.68
N GLN B 209 5.19 17.68 -2.40
CA GLN B 209 4.22 18.62 -2.94
C GLN B 209 4.41 20.03 -2.40
N PHE B 210 4.46 21.01 -3.31
CA PHE B 210 4.62 22.41 -3.00
C PHE B 210 3.51 22.94 -2.09
N ILE B 211 3.90 23.70 -1.04
CA ILE B 211 2.94 24.32 -0.11
C ILE B 211 2.93 25.83 -0.38
N ASP B 212 4.09 26.46 -0.15
CA ASP B 212 4.31 27.91 -0.27
C ASP B 212 5.82 28.19 -0.31
N ARG B 213 6.21 29.47 -0.49
CA ARG B 213 7.61 29.84 -0.61
C ARG B 213 7.94 31.24 -0.12
N LEU B 214 9.22 31.47 0.09
CA LEU B 214 9.77 32.74 0.53
C LEU B 214 10.98 33.07 -0.31
N LEU B 215 11.00 34.26 -0.93
CA LEU B 215 12.18 34.72 -1.65
C LEU B 215 13.06 35.53 -0.67
N VAL B 216 14.26 35.04 -0.41
CA VAL B 216 15.20 35.69 0.51
C VAL B 216 16.08 36.56 -0.36
N LYS B 217 15.65 37.80 -0.57
CA LYS B 217 16.31 38.82 -1.37
C LYS B 217 17.68 39.14 -0.77
N ASN B 218 18.73 39.13 -1.63
CA ASN B 218 20.13 39.32 -1.24
C ASN B 218 20.54 38.35 -0.14
N GLY B 219 19.95 37.16 -0.14
CA GLY B 219 20.24 36.13 0.83
C GLY B 219 21.50 35.39 0.49
N GLY B 220 22.00 35.56 -0.73
CA GLY B 220 23.16 34.82 -1.21
C GLY B 220 22.71 33.51 -1.83
N HIS B 221 23.54 32.46 -1.74
CA HIS B 221 23.23 31.17 -2.37
C HIS B 221 22.29 30.24 -1.58
N GLY B 222 22.15 30.47 -0.27
CA GLY B 222 21.33 29.62 0.59
C GLY B 222 21.92 28.22 0.76
N THR B 223 23.26 28.12 0.77
CA THR B 223 24.02 26.85 0.88
C THR B 223 23.43 25.94 1.98
N HIS B 224 23.08 26.53 3.12
CA HIS B 224 22.37 25.88 4.22
C HIS B 224 21.98 26.85 5.31
N ASN B 225 20.86 26.50 5.97
CA ASN B 225 20.28 27.21 7.08
C ASN B 225 20.23 26.28 8.27
N ALA B 226 20.17 26.84 9.47
CA ALA B 226 20.01 26.08 10.71
C ALA B 226 18.55 26.26 11.06
N TYR B 227 17.86 25.16 11.35
CA TYR B 227 16.43 25.18 11.66
C TYR B 227 16.27 24.68 13.08
N ARG B 228 15.74 25.54 13.92
CA ARG B 228 15.69 25.26 15.35
C ARG B 228 14.39 25.70 15.97
N TYR B 229 13.80 24.81 16.77
CA TYR B 229 12.61 25.12 17.56
C TYR B 229 13.04 25.68 18.91
N ILE B 230 12.45 26.81 19.32
CA ILE B 230 12.68 27.48 20.61
C ILE B 230 11.29 27.75 21.21
N ASP B 231 10.88 26.94 22.22
CA ASP B 231 9.57 27.06 22.89
C ASP B 231 8.39 26.98 21.89
N GLY B 232 8.42 25.96 21.03
CA GLY B 232 7.37 25.74 20.03
C GLY B 232 7.44 26.63 18.81
N GLU B 233 8.45 27.54 18.75
CA GLU B 233 8.64 28.48 17.64
C GLU B 233 9.81 28.10 16.76
N LEU B 234 9.57 27.92 15.46
CA LEU B 234 10.64 27.56 14.56
C LEU B 234 11.41 28.81 14.08
N TRP B 235 12.73 28.77 14.22
CA TRP B 235 13.65 29.83 13.80
C TRP B 235 14.58 29.33 12.72
N ILE B 236 14.88 30.21 11.75
CA ILE B 236 15.76 29.92 10.62
C ILE B 236 16.98 30.84 10.74
N TYR B 237 18.17 30.24 10.85
CA TYR B 237 19.45 30.96 10.96
C TYR B 237 20.09 30.86 9.58
N SER B 238 20.24 32.01 8.93
CA SER B 238 20.72 32.10 7.57
C SER B 238 21.89 33.05 7.44
N ALA B 239 22.72 32.83 6.42
CA ALA B 239 23.73 33.78 5.98
C ALA B 239 22.90 34.64 5.03
N VAL B 240 23.08 35.95 5.09
CA VAL B 240 22.38 36.89 4.19
C VAL B 240 23.36 38.02 3.88
N LEU B 241 23.04 38.87 2.91
CA LEU B 241 23.86 40.04 2.59
C LEU B 241 23.05 41.29 2.86
N ASP B 242 23.71 42.38 3.23
CA ASP B 242 23.03 43.67 3.41
C ASP B 242 23.11 44.43 2.07
N SER B 243 22.54 45.66 2.01
CA SER B 243 22.54 46.54 0.84
C SER B 243 23.94 46.75 0.20
N ASN B 244 25.01 46.72 1.03
CA ASN B 244 26.40 46.92 0.62
C ASN B 244 27.11 45.60 0.30
N LYS B 245 26.36 44.48 0.22
CA LYS B 245 26.87 43.14 -0.06
C LYS B 245 27.84 42.62 1.03
N ASN B 246 27.65 43.10 2.29
CA ASN B 246 28.41 42.63 3.45
C ASN B 246 27.69 41.45 4.08
N ASN B 247 28.45 40.44 4.52
CA ASN B 247 27.95 39.20 5.13
C ASN B 247 27.28 39.46 6.48
N LYS B 248 26.04 38.93 6.63
CA LYS B 248 25.27 39.06 7.85
C LYS B 248 24.70 37.70 8.27
N PHE B 249 25.08 37.24 9.47
CA PHE B 249 24.54 36.02 10.08
C PHE B 249 23.32 36.44 10.87
N VAL B 250 22.17 35.89 10.50
CA VAL B 250 20.88 36.32 11.07
C VAL B 250 19.98 35.14 11.41
N ARG B 251 18.82 35.48 11.99
CA ARG B 251 17.72 34.57 12.25
C ARG B 251 16.41 35.29 11.98
N PHE B 252 15.42 34.52 11.55
CA PHE B 252 14.06 34.98 11.30
C PHE B 252 13.14 33.78 11.32
N GLN B 253 11.86 34.06 11.52
CA GLN B 253 10.82 33.04 11.48
C GLN B 253 10.26 33.04 10.08
N TYR B 254 9.80 31.88 9.60
CA TYR B 254 9.22 31.77 8.27
C TYR B 254 7.98 32.62 8.06
N ARG B 255 7.83 33.16 6.84
CA ARG B 255 6.65 33.85 6.31
C ARG B 255 6.70 33.58 4.81
N THR B 256 5.57 33.71 4.11
CA THR B 256 5.52 33.55 2.65
C THR B 256 5.82 34.92 2.01
N GLY B 257 6.20 34.91 0.73
CA GLY B 257 6.45 36.14 -0.02
C GLY B 257 7.90 36.47 -0.23
N GLU B 258 8.34 37.58 0.38
CA GLU B 258 9.69 38.12 0.27
C GLU B 258 10.21 38.62 1.60
N ILE B 259 11.53 38.49 1.82
CA ILE B 259 12.23 38.99 3.00
C ILE B 259 13.61 39.49 2.56
N THR B 260 14.12 40.49 3.26
CA THR B 260 15.45 41.04 2.98
C THR B 260 16.08 41.49 4.27
N TYR B 261 17.41 41.68 4.27
CA TYR B 261 18.12 42.17 5.45
C TYR B 261 17.58 43.51 5.88
N GLY B 262 17.27 43.61 7.17
CA GLY B 262 16.67 44.79 7.77
C GLY B 262 15.92 44.38 9.02
N ASN B 263 14.87 45.16 9.37
CA ASN B 263 14.02 44.99 10.56
C ASN B 263 13.37 43.63 10.75
N GLU B 264 13.15 42.90 9.64
CA GLU B 264 12.52 41.57 9.63
C GLU B 264 13.49 40.46 10.05
N MET B 265 14.79 40.75 10.04
CA MET B 265 15.79 39.77 10.39
C MET B 265 16.58 40.23 11.60
N GLN B 266 16.80 39.31 12.55
CA GLN B 266 17.57 39.60 13.76
C GLN B 266 19.02 39.20 13.58
N ASP B 267 19.98 40.12 13.88
CA ASP B 267 21.40 39.81 13.86
C ASP B 267 21.70 38.80 14.96
N VAL B 268 22.62 37.87 14.69
CA VAL B 268 23.02 36.85 15.64
C VAL B 268 24.51 37.02 15.87
N MET B 269 24.89 37.61 17.03
CA MET B 269 26.27 37.88 17.45
C MET B 269 27.05 38.50 16.28
N PRO B 270 26.58 39.65 15.70
CA PRO B 270 27.25 40.23 14.52
C PRO B 270 28.74 40.52 14.68
N ASN B 271 29.17 40.97 15.89
CA ASN B 271 30.57 41.26 16.20
C ASN B 271 31.49 40.02 16.14
N ILE B 272 30.89 38.82 16.24
CA ILE B 272 31.63 37.56 16.21
C ILE B 272 31.63 36.89 14.83
N PHE B 273 30.50 36.95 14.11
CA PHE B 273 30.35 36.22 12.86
C PHE B 273 30.43 37.02 11.56
N ASN B 274 30.32 38.36 11.61
CA ASN B 274 30.27 39.14 10.37
C ASN B 274 31.64 39.61 9.84
N ASP B 275 32.74 39.03 10.36
CA ASP B 275 34.09 39.27 9.84
C ASP B 275 34.34 38.36 8.60
N ARG B 276 33.41 37.44 8.32
CA ARG B 276 33.45 36.47 7.21
C ARG B 276 32.08 35.86 6.89
N TYR B 277 32.03 35.08 5.80
CA TYR B 277 30.85 34.33 5.41
C TYR B 277 30.65 33.26 6.49
N THR B 278 29.43 33.20 7.06
CA THR B 278 29.07 32.27 8.12
C THR B 278 27.67 31.69 7.87
N SER B 279 27.58 30.36 7.90
CA SER B 279 26.33 29.63 7.76
C SER B 279 26.34 28.56 8.84
N ALA B 280 25.16 28.04 9.18
CA ALA B 280 25.04 27.06 10.23
C ALA B 280 24.02 25.99 9.97
N ILE B 281 24.10 24.96 10.80
CA ILE B 281 23.17 23.83 10.89
C ILE B 281 22.94 23.66 12.40
N TYR B 282 21.76 23.15 12.78
CA TYR B 282 21.48 22.98 14.20
C TYR B 282 21.25 21.51 14.52
N ASN B 283 22.00 21.00 15.50
CA ASN B 283 21.83 19.62 15.95
C ASN B 283 20.93 19.63 17.21
N PRO B 284 19.70 19.04 17.16
CA PRO B 284 18.80 19.07 18.34
C PRO B 284 19.12 18.11 19.48
N VAL B 285 19.91 17.06 19.21
CA VAL B 285 20.27 16.03 20.20
C VAL B 285 21.19 16.60 21.26
N GLU B 286 22.25 17.28 20.84
CA GLU B 286 23.25 17.85 21.73
C GLU B 286 23.08 19.38 21.89
N ASN B 287 22.05 19.98 21.24
CA ASN B 287 21.76 21.42 21.30
C ASN B 287 22.99 22.24 20.84
N LEU B 288 23.57 21.83 19.71
CA LEU B 288 24.75 22.45 19.12
C LEU B 288 24.42 23.17 17.84
N MET B 289 25.06 24.31 17.63
CA MET B 289 24.97 25.03 16.38
C MET B 289 26.32 24.78 15.68
N ILE B 290 26.28 24.16 14.49
CA ILE B 290 27.49 23.81 13.76
C ILE B 290 27.69 24.82 12.66
N PHE B 291 28.83 25.54 12.72
CA PHE B 291 29.16 26.61 11.79
C PHE B 291 30.15 26.23 10.70
N ARG B 292 29.82 26.60 9.47
CA ARG B 292 30.71 26.47 8.32
C ARG B 292 31.06 27.89 7.93
N ARG B 293 32.35 28.22 8.03
CA ARG B 293 32.85 29.56 7.78
C ARG B 293 33.98 29.54 6.78
N GLU B 294 34.21 30.69 6.14
CA GLU B 294 35.24 30.83 5.13
C GLU B 294 36.48 31.53 5.66
N TYR B 295 37.64 31.12 5.18
CA TYR B 295 38.91 31.79 5.42
C TYR B 295 38.94 32.88 4.39
N LYS B 296 39.46 34.04 4.78
CA LYS B 296 39.56 35.18 3.88
C LYS B 296 40.88 35.07 3.15
N PRO B 297 41.02 35.66 1.93
CA PRO B 297 42.33 35.60 1.23
C PRO B 297 43.59 36.02 2.03
N THR B 298 43.46 37.01 2.94
CA THR B 298 44.58 37.50 3.77
C THR B 298 45.04 36.44 4.78
N GLU B 299 44.16 35.48 5.09
CA GLU B 299 44.42 34.40 6.04
C GLU B 299 44.94 33.14 5.39
N ARG B 300 45.04 33.10 4.05
CA ARG B 300 45.49 31.93 3.32
C ARG B 300 46.83 32.07 2.60
N GLN B 301 47.66 31.03 2.73
CA GLN B 301 48.91 30.83 1.99
C GLN B 301 48.55 29.88 0.80
N LEU B 302 49.52 29.56 -0.07
CA LEU B 302 49.41 28.79 -1.34
C LEU B 302 48.20 27.85 -1.49
N LYS B 303 48.20 26.70 -0.79
CA LYS B 303 47.13 25.72 -1.00
C LYS B 303 46.27 25.49 0.25
N ASN B 304 46.23 26.49 1.13
CA ASN B 304 45.49 26.48 2.39
C ASN B 304 44.00 26.24 2.21
N SER B 305 43.37 25.74 3.28
CA SER B 305 41.96 25.42 3.28
C SER B 305 41.08 26.69 3.14
N LEU B 306 39.89 26.53 2.55
CA LEU B 306 38.93 27.60 2.29
C LEU B 306 37.86 27.70 3.38
N ASN B 307 37.51 26.56 3.97
CA ASN B 307 36.46 26.40 4.97
C ASN B 307 36.94 25.80 6.27
N PHE B 308 36.26 26.19 7.32
CA PHE B 308 36.47 25.66 8.64
C PHE B 308 35.13 25.52 9.33
N VAL B 309 35.06 24.61 10.28
CA VAL B 309 33.85 24.25 10.99
C VAL B 309 34.08 24.41 12.46
N GLU B 310 33.15 25.12 13.10
CA GLU B 310 33.13 25.36 14.52
C GLU B 310 31.93 24.66 15.08
N VAL B 311 32.08 24.08 16.26
CA VAL B 311 31.02 23.46 17.04
C VAL B 311 30.78 24.45 18.19
N ARG B 312 29.54 24.92 18.35
CA ARG B 312 29.23 25.86 19.44
C ARG B 312 27.92 25.42 20.08
N SER B 313 27.72 25.77 21.34
CA SER B 313 26.49 25.46 22.06
C SER B 313 25.42 26.48 21.62
N ALA B 314 24.20 26.03 21.31
CA ALA B 314 23.10 26.93 20.92
C ALA B 314 22.65 27.81 22.12
N ASP B 315 22.91 27.36 23.37
CA ASP B 315 22.63 28.13 24.58
C ASP B 315 23.58 29.34 24.63
N ASP B 316 24.88 29.12 24.32
CA ASP B 316 25.92 30.14 24.25
C ASP B 316 25.57 31.17 23.18
N ILE B 317 25.04 30.72 22.03
CA ILE B 317 24.59 31.61 20.95
C ILE B 317 23.46 32.53 21.45
N ASP B 318 22.46 31.92 22.14
CA ASP B 318 21.31 32.61 22.75
C ASP B 318 21.75 33.67 23.74
N LYS B 319 22.83 33.38 24.52
CA LYS B 319 23.37 34.28 25.56
C LYS B 319 24.41 35.27 25.00
N GLY B 320 24.82 35.08 23.75
CA GLY B 320 25.82 35.95 23.11
C GLY B 320 27.25 35.69 23.54
N ILE B 321 27.50 34.46 24.03
CA ILE B 321 28.80 33.99 24.51
C ILE B 321 29.62 33.42 23.33
N ASP B 322 30.85 33.94 23.12
CA ASP B 322 31.76 33.46 22.07
C ASP B 322 32.65 32.37 22.67
N LYS B 323 32.39 31.10 22.33
CA LYS B 323 33.13 29.93 22.83
C LYS B 323 33.08 28.76 21.83
N VAL B 324 34.18 28.58 21.08
CA VAL B 324 34.33 27.50 20.10
C VAL B 324 34.67 26.23 20.88
N LEU B 325 33.73 25.27 20.93
CA LEU B 325 33.92 24.01 21.65
C LEU B 325 34.96 23.14 20.95
N TYR B 326 34.80 22.99 19.62
CA TYR B 326 35.68 22.22 18.73
C TYR B 326 35.71 22.90 17.37
N GLN B 327 36.88 22.91 16.74
CA GLN B 327 37.07 23.54 15.45
C GLN B 327 37.89 22.63 14.58
N MET B 328 37.63 22.70 13.28
CA MET B 328 38.33 21.86 12.32
C MET B 328 38.38 22.55 10.97
N ASP B 329 39.54 22.51 10.31
CA ASP B 329 39.69 23.05 8.97
C ASP B 329 39.33 21.96 7.99
N ILE B 330 38.66 22.31 6.89
CA ILE B 330 38.33 21.32 5.88
C ILE B 330 39.50 21.29 4.88
N PRO B 331 40.24 20.15 4.69
CA PRO B 331 41.33 20.16 3.71
C PRO B 331 40.84 20.54 2.31
N MET B 332 41.67 21.32 1.58
CA MET B 332 41.43 21.88 0.24
C MET B 332 40.91 20.86 -0.80
N GLU B 333 41.27 19.58 -0.64
CA GLU B 333 40.84 18.49 -1.51
C GLU B 333 39.31 18.23 -1.42
N TYR B 334 38.66 18.67 -0.31
CA TYR B 334 37.20 18.54 -0.08
C TYR B 334 36.40 19.83 -0.41
N THR B 335 37.09 20.89 -0.89
CA THR B 335 36.52 22.17 -1.30
C THR B 335 37.28 22.61 -2.58
N SER B 336 37.46 21.68 -3.55
CA SER B 336 38.23 21.92 -4.77
C SER B 336 37.34 22.12 -6.00
N ASP B 337 37.96 22.31 -7.17
CA ASP B 337 37.27 22.46 -8.44
C ASP B 337 36.57 21.17 -8.85
N THR B 338 37.26 20.03 -8.64
CA THR B 338 36.80 18.67 -8.95
C THR B 338 35.99 18.02 -7.81
N GLN B 339 36.17 18.49 -6.57
CA GLN B 339 35.46 17.97 -5.39
C GLN B 339 34.87 19.16 -4.56
N PRO B 340 34.00 20.06 -5.11
CA PRO B 340 33.49 21.17 -4.28
C PRO B 340 32.46 20.68 -3.27
N MET B 341 32.27 21.44 -2.18
CA MET B 341 31.29 21.13 -1.16
C MET B 341 29.86 21.20 -1.72
N GLN B 342 29.05 20.20 -1.41
CA GLN B 342 27.67 20.13 -1.84
C GLN B 342 26.75 19.98 -0.63
N GLY B 343 27.21 19.23 0.35
CA GLY B 343 26.40 18.92 1.52
C GLY B 343 27.19 18.81 2.79
N ILE B 344 26.53 19.19 3.90
CA ILE B 344 27.10 19.16 5.24
C ILE B 344 26.02 18.79 6.24
N THR B 345 26.39 17.91 7.18
CA THR B 345 25.55 17.56 8.33
C THR B 345 26.48 17.04 9.42
N TYR B 346 25.92 16.80 10.60
CA TYR B 346 26.64 16.36 11.78
C TYR B 346 25.77 15.40 12.59
N ASP B 347 26.42 14.42 13.24
CA ASP B 347 25.75 13.49 14.12
C ASP B 347 26.76 12.81 15.00
N ALA B 348 26.47 12.73 16.31
CA ALA B 348 27.25 12.01 17.33
C ALA B 348 28.78 12.07 17.11
N GLY B 349 29.32 13.29 17.19
CA GLY B 349 30.74 13.57 17.02
C GLY B 349 31.32 13.46 15.62
N ILE B 350 30.46 13.23 14.61
CA ILE B 350 30.94 13.08 13.23
C ILE B 350 30.40 14.18 12.32
N LEU B 351 31.31 14.80 11.55
CA LEU B 351 30.98 15.79 10.54
C LEU B 351 30.90 15.09 9.19
N TYR B 352 29.72 15.11 8.56
CA TYR B 352 29.49 14.51 7.26
C TYR B 352 29.62 15.56 6.18
N TRP B 353 30.40 15.25 5.15
CA TRP B 353 30.75 16.16 4.08
C TRP B 353 30.53 15.47 2.74
N TYR B 354 29.70 16.07 1.91
CA TYR B 354 29.30 15.55 0.60
C TYR B 354 29.89 16.45 -0.50
N THR B 355 30.71 15.86 -1.39
CA THR B 355 31.38 16.60 -2.46
C THR B 355 30.98 16.06 -3.83
N GLY B 356 30.99 16.95 -4.82
CA GLY B 356 30.68 16.57 -6.19
C GLY B 356 30.72 17.68 -7.21
N ASP B 357 31.24 17.36 -8.39
CA ASP B 357 31.36 18.19 -9.58
C ASP B 357 30.52 17.47 -10.64
N SER B 358 29.39 18.10 -11.01
CA SER B 358 28.36 17.61 -11.93
C SER B 358 28.80 17.32 -13.37
N ASN B 359 29.60 18.23 -13.99
CA ASN B 359 30.00 18.11 -15.40
C ASN B 359 31.37 17.44 -15.67
N THR B 360 32.15 17.09 -14.63
CA THR B 360 33.48 16.51 -14.86
C THR B 360 33.48 14.96 -15.00
N ALA B 361 32.33 14.29 -14.74
CA ALA B 361 32.13 12.83 -14.79
C ALA B 361 32.92 12.03 -13.72
N ASN B 362 33.67 12.75 -12.83
CA ASN B 362 34.38 12.16 -11.69
C ASN B 362 33.29 11.84 -10.63
N PRO B 363 33.50 10.90 -9.67
CA PRO B 363 32.40 10.58 -8.73
C PRO B 363 32.12 11.59 -7.62
N ASN B 364 30.95 11.41 -6.95
CA ASN B 364 30.55 12.19 -5.80
C ASN B 364 30.91 11.36 -4.61
N TYR B 365 31.37 12.00 -3.55
CA TYR B 365 31.78 11.30 -2.36
C TYR B 365 31.11 11.78 -1.11
N LEU B 366 30.97 10.86 -0.14
CA LEU B 366 30.49 11.13 1.19
C LEU B 366 31.66 10.82 2.10
N GLN B 367 32.05 11.77 2.92
CA GLN B 367 33.14 11.61 3.87
C GLN B 367 32.61 11.88 5.25
N GLY B 368 33.22 11.22 6.21
CA GLY B 368 32.95 11.37 7.63
C GLY B 368 34.25 11.75 8.31
N PHE B 369 34.20 12.79 9.14
CA PHE B 369 35.35 13.24 9.93
C PHE B 369 34.97 13.24 11.39
N ASP B 370 35.90 12.79 12.24
CA ASP B 370 35.73 12.83 13.69
C ASP B 370 36.05 14.29 14.04
N ILE B 371 35.05 15.05 14.49
CA ILE B 371 35.17 16.49 14.75
C ILE B 371 36.17 16.83 15.87
N LYS B 372 36.37 15.92 16.85
CA LYS B 372 37.30 16.13 17.96
C LYS B 372 38.75 15.90 17.55
N THR B 373 39.06 14.77 16.87
CA THR B 373 40.43 14.39 16.46
C THR B 373 40.86 14.93 15.08
N LYS B 374 39.90 15.44 14.27
CA LYS B 374 40.08 15.99 12.91
C LYS B 374 40.39 14.91 11.84
N GLU B 375 40.35 13.63 12.22
CA GLU B 375 40.68 12.51 11.33
C GLU B 375 39.53 12.11 10.39
N LEU B 376 39.90 11.71 9.16
CA LEU B 376 38.96 11.21 8.16
C LEU B 376 38.66 9.75 8.57
N LEU B 377 37.38 9.44 8.84
CA LEU B 377 36.95 8.10 9.26
C LEU B 377 36.63 7.20 8.06
N PHE B 378 36.04 7.80 7.00
CA PHE B 378 35.66 7.10 5.78
C PHE B 378 35.48 8.07 4.62
N LYS B 379 35.62 7.55 3.40
CA LYS B 379 35.40 8.24 2.13
C LYS B 379 34.76 7.18 1.25
N ARG B 380 33.55 7.43 0.77
CA ARG B 380 32.87 6.47 -0.11
C ARG B 380 32.22 7.18 -1.28
N ARG B 381 32.16 6.50 -2.39
CA ARG B 381 31.50 6.97 -3.60
C ARG B 381 30.00 6.76 -3.38
N ILE B 382 29.20 7.79 -3.67
CA ILE B 382 27.75 7.73 -3.59
C ILE B 382 27.20 7.70 -5.03
N ASP B 383 26.64 6.55 -5.42
CA ASP B 383 26.02 6.39 -6.72
C ASP B 383 24.60 5.95 -6.42
N ILE B 384 23.65 6.89 -6.54
CA ILE B 384 22.25 6.61 -6.24
C ILE B 384 21.47 6.26 -7.51
N GLY B 385 22.21 6.03 -8.61
CA GLY B 385 21.62 5.63 -9.88
C GLY B 385 21.00 4.26 -9.76
N GLY B 386 19.68 4.22 -9.77
CA GLY B 386 18.94 2.96 -9.63
C GLY B 386 17.58 3.01 -10.30
N VAL B 387 16.72 2.07 -9.90
CA VAL B 387 15.35 1.87 -10.42
C VAL B 387 14.44 3.10 -10.22
N ASN B 388 14.73 3.93 -9.20
CA ASN B 388 13.93 5.10 -8.89
C ASN B 388 14.29 6.33 -9.73
N ASN B 389 15.38 6.27 -10.52
CA ASN B 389 15.74 7.45 -11.32
C ASN B 389 16.08 7.12 -12.79
N ASN B 390 15.57 5.98 -13.30
CA ASN B 390 15.54 5.52 -14.70
C ASN B 390 16.84 5.43 -15.58
N PHE B 391 18.07 5.08 -15.16
CA PHE B 391 18.80 4.93 -13.91
C PHE B 391 19.86 6.04 -14.18
N LYS B 392 19.49 7.31 -13.88
CA LYS B 392 20.26 8.51 -14.21
C LYS B 392 21.34 8.92 -13.16
N GLY B 393 22.23 7.98 -12.87
CA GLY B 393 23.34 8.15 -11.94
C GLY B 393 24.45 9.07 -12.40
N ASP B 394 24.74 9.07 -13.72
CA ASP B 394 25.76 9.91 -14.35
C ASP B 394 25.36 11.39 -14.37
N PHE B 395 24.06 11.67 -14.17
CA PHE B 395 23.49 13.01 -14.21
C PHE B 395 23.25 13.69 -12.83
N GLN B 396 23.90 13.21 -11.73
CA GLN B 396 23.79 13.83 -10.38
C GLN B 396 24.42 15.25 -10.42
N GLU B 397 23.54 16.29 -10.47
CA GLU B 397 23.81 17.73 -10.70
C GLU B 397 24.18 18.59 -9.47
N ALA B 398 23.54 18.34 -8.33
CA ALA B 398 23.75 19.05 -7.06
C ALA B 398 23.35 18.10 -5.94
N GLU B 399 23.77 18.39 -4.71
CA GLU B 399 23.48 17.54 -3.57
C GLU B 399 23.47 18.31 -2.25
N GLY B 400 22.75 17.83 -1.25
CA GLY B 400 22.74 18.36 0.12
C GLY B 400 22.63 17.19 1.08
N LEU B 401 22.85 17.43 2.38
CA LEU B 401 22.72 16.41 3.43
C LEU B 401 21.81 16.98 4.54
N ASP B 402 21.28 16.10 5.41
CA ASP B 402 20.46 16.46 6.56
C ASP B 402 20.46 15.24 7.48
N MET B 403 20.35 15.45 8.81
CA MET B 403 20.23 14.37 9.79
C MET B 403 18.82 14.43 10.30
N TYR B 404 18.04 13.41 9.97
CA TYR B 404 16.69 13.35 10.47
C TYR B 404 16.69 12.69 11.85
N TYR B 405 16.02 13.30 12.82
CA TYR B 405 15.87 12.73 14.17
C TYR B 405 14.39 12.57 14.44
N ASP B 406 13.93 11.34 14.56
CA ASP B 406 12.51 11.04 14.74
C ASP B 406 12.04 11.42 16.13
N LEU B 407 11.00 12.26 16.19
CA LEU B 407 10.42 12.79 17.42
C LEU B 407 9.86 11.70 18.32
N GLU B 408 9.08 10.77 17.76
CA GLU B 408 8.45 9.67 18.49
C GLU B 408 9.41 8.63 19.05
N THR B 409 10.40 8.18 18.26
CA THR B 409 11.29 7.07 18.65
C THR B 409 12.75 7.43 18.98
N GLY B 410 13.19 8.63 18.61
CA GLY B 410 14.59 9.02 18.79
C GLY B 410 15.52 8.40 17.75
N ARG B 411 14.96 7.59 16.81
CA ARG B 411 15.69 6.96 15.73
C ARG B 411 16.12 8.00 14.70
N LYS B 412 17.19 7.72 13.96
CA LYS B 412 17.78 8.67 13.05
C LYS B 412 18.06 8.14 11.67
N ALA B 413 18.30 9.05 10.74
CA ALA B 413 18.66 8.77 9.37
C ALA B 413 19.49 9.89 8.80
N LEU B 414 20.46 9.54 7.97
CA LEU B 414 21.27 10.46 7.20
C LEU B 414 20.54 10.60 5.86
N LEU B 415 20.03 11.82 5.58
CA LEU B 415 19.33 12.12 4.33
C LEU B 415 20.30 12.70 3.30
N ILE B 416 20.21 12.20 2.09
CA ILE B 416 21.08 12.58 0.98
C ILE B 416 20.19 13.14 -0.12
N GLY B 417 20.43 14.40 -0.41
CA GLY B 417 19.65 15.11 -1.41
C GLY B 417 20.37 15.09 -2.71
N VAL B 418 19.59 14.98 -3.77
CA VAL B 418 20.14 14.93 -5.10
C VAL B 418 19.23 15.69 -6.06
N THR B 419 19.84 16.24 -7.09
CA THR B 419 19.22 16.90 -8.21
C THR B 419 19.76 16.13 -9.40
N ILE B 420 18.89 15.50 -10.17
CA ILE B 420 19.35 14.83 -11.38
C ILE B 420 18.94 15.71 -12.56
N GLY B 421 19.94 16.15 -13.34
CA GLY B 421 19.74 16.99 -14.51
C GLY B 421 19.52 16.20 -15.78
N PRO B 422 19.70 16.80 -16.98
CA PRO B 422 20.16 18.17 -17.27
C PRO B 422 19.07 19.25 -17.52
N GLY B 423 19.44 20.49 -17.19
CA GLY B 423 18.65 21.73 -17.40
C GLY B 423 17.16 21.68 -17.13
N ASN B 424 16.36 21.65 -18.21
CA ASN B 424 14.91 21.62 -18.14
C ASN B 424 14.36 20.33 -17.53
N ASN B 425 15.07 19.20 -17.71
CA ASN B 425 14.65 17.89 -17.18
C ASN B 425 15.12 17.64 -15.72
N ARG B 426 15.42 18.73 -15.01
CA ARG B 426 15.90 18.79 -13.63
C ARG B 426 14.85 18.36 -12.59
N HIS B 427 15.18 17.34 -11.78
CA HIS B 427 14.31 16.76 -10.78
C HIS B 427 15.06 16.46 -9.48
N HIS B 428 14.40 16.65 -8.32
CA HIS B 428 15.03 16.50 -7.00
C HIS B 428 14.44 15.35 -6.24
N SER B 429 15.29 14.67 -5.46
CA SER B 429 14.94 13.51 -4.65
C SER B 429 15.74 13.47 -3.34
N ILE B 430 15.18 12.77 -2.36
CA ILE B 430 15.81 12.51 -1.07
C ILE B 430 15.99 11.00 -1.01
N TYR B 431 17.21 10.57 -0.66
CA TYR B 431 17.64 9.20 -0.38
C TYR B 431 18.05 9.16 1.08
N SER B 432 18.02 7.98 1.68
CA SER B 432 18.34 7.90 3.10
C SER B 432 19.08 6.64 3.51
N ILE B 433 19.96 6.80 4.51
CA ILE B 433 20.68 5.75 5.22
C ILE B 433 20.09 5.90 6.63
N GLY B 434 19.19 4.99 7.00
CA GLY B 434 18.54 5.10 8.30
C GLY B 434 18.64 3.91 9.21
N GLN B 435 18.23 4.09 10.47
CA GLN B 435 18.13 2.99 11.44
C GLN B 435 16.81 2.27 11.11
N ARG B 436 16.59 1.07 11.65
CA ARG B 436 15.40 0.25 11.36
C ARG B 436 14.07 0.99 11.49
N GLY B 437 13.25 0.85 10.44
CA GLY B 437 11.93 1.45 10.29
C GLY B 437 11.88 2.93 9.92
N VAL B 438 13.02 3.66 9.95
CA VAL B 438 13.01 5.11 9.69
C VAL B 438 12.63 5.44 8.23
N ASN B 439 13.25 4.75 7.27
CA ASN B 439 13.02 4.97 5.85
C ASN B 439 11.59 4.64 5.47
N GLN B 440 11.03 3.54 6.01
CA GLN B 440 9.64 3.13 5.79
C GLN B 440 8.70 4.19 6.30
N PHE B 441 9.00 4.74 7.48
CA PHE B 441 8.24 5.83 8.08
C PHE B 441 8.27 7.07 7.20
N LEU B 442 9.48 7.55 6.82
CA LEU B 442 9.61 8.75 6.00
C LEU B 442 8.92 8.63 4.63
N LYS B 443 9.06 7.46 3.98
CA LYS B 443 8.46 7.19 2.66
C LYS B 443 6.93 7.25 2.72
N ASN B 444 6.33 6.92 3.88
CA ASN B 444 4.88 6.76 3.98
C ASN B 444 4.12 7.79 4.82
N ILE B 445 4.74 8.93 5.23
CA ILE B 445 4.05 9.98 6.00
C ILE B 445 2.84 10.49 5.20
N ALA B 446 3.08 10.80 3.91
CA ALA B 446 2.07 11.26 2.98
C ALA B 446 2.22 10.42 1.72
N PRO B 447 1.15 9.73 1.25
CA PRO B 447 1.26 9.01 -0.02
C PRO B 447 1.54 9.98 -1.19
N GLN B 448 2.15 9.48 -2.24
CA GLN B 448 2.46 10.31 -3.40
C GLN B 448 1.16 10.95 -3.92
N VAL B 449 1.29 12.13 -4.54
CA VAL B 449 0.14 12.88 -5.07
C VAL B 449 -0.64 12.01 -6.04
N SER B 450 -1.96 12.02 -5.84
CA SER B 450 -2.95 11.28 -6.62
C SER B 450 -4.00 12.25 -7.14
N MET B 451 -4.66 11.88 -8.24
CA MET B 451 -5.73 12.69 -8.84
C MET B 451 -7.04 12.51 -8.03
N THR B 452 -7.10 11.43 -7.24
CA THR B 452 -8.26 11.09 -6.42
C THR B 452 -7.88 10.98 -4.94
N ASP B 453 -8.85 10.72 -4.08
CA ASP B 453 -8.52 10.39 -2.68
C ASP B 453 -8.00 8.94 -2.73
N SER B 454 -7.54 8.35 -1.61
CA SER B 454 -6.98 7.00 -1.66
C SER B 454 -7.95 5.90 -2.22
N GLY B 455 -9.26 6.11 -2.08
CA GLY B 455 -10.27 5.17 -2.56
C GLY B 455 -10.80 5.39 -3.97
N GLY B 456 -10.19 6.29 -4.73
CA GLY B 456 -10.59 6.58 -6.12
C GLY B 456 -11.78 7.48 -6.32
N ARG B 457 -12.16 8.22 -5.28
CA ARG B 457 -13.26 9.15 -5.34
C ARG B 457 -12.68 10.55 -5.62
N VAL B 458 -13.53 11.44 -6.13
CA VAL B 458 -13.22 12.84 -6.40
C VAL B 458 -12.64 13.48 -5.11
N LYS B 459 -11.58 14.31 -5.23
CA LYS B 459 -10.97 14.98 -4.07
C LYS B 459 -11.87 16.10 -3.57
N PRO B 460 -11.82 16.47 -2.27
CA PRO B 460 -12.65 17.63 -1.82
C PRO B 460 -12.11 18.97 -2.31
N LEU B 461 -12.99 19.97 -2.50
CA LEU B 461 -12.55 21.31 -2.92
C LEU B 461 -11.95 22.06 -1.72
N PRO B 462 -10.92 22.91 -1.90
CA PRO B 462 -10.39 23.66 -0.74
C PRO B 462 -11.26 24.86 -0.29
N ILE B 463 -12.20 25.34 -1.13
CA ILE B 463 -13.07 26.49 -0.84
C ILE B 463 -14.54 26.22 -1.24
N GLN B 464 -15.49 26.72 -0.45
CA GLN B 464 -16.93 26.61 -0.72
C GLN B 464 -17.40 27.90 -1.40
N ASN B 465 -18.19 27.79 -2.49
CA ASN B 465 -18.66 28.88 -3.36
C ASN B 465 -17.44 29.81 -3.68
N PRO B 466 -16.38 29.26 -4.32
CA PRO B 466 -15.15 30.05 -4.53
C PRO B 466 -15.31 31.26 -5.42
N ALA B 467 -14.59 32.38 -5.11
CA ALA B 467 -14.57 33.59 -5.92
C ALA B 467 -13.81 33.25 -7.21
N TYR B 468 -12.70 32.49 -7.09
CA TYR B 468 -11.90 32.09 -8.25
C TYR B 468 -11.64 30.60 -8.29
N LEU B 469 -11.96 29.98 -9.44
CA LEU B 469 -11.65 28.56 -9.67
C LEU B 469 -10.14 28.39 -9.79
N SER B 470 -9.42 29.47 -10.14
CA SER B 470 -7.96 29.47 -10.24
C SER B 470 -7.29 29.31 -8.86
N ASP B 471 -8.09 29.39 -7.76
CA ASP B 471 -7.59 29.16 -6.39
C ASP B 471 -7.41 27.68 -6.11
N ILE B 472 -7.94 26.82 -7.01
CA ILE B 472 -7.81 25.36 -6.91
C ILE B 472 -6.54 25.02 -7.69
N THR B 473 -5.42 24.99 -6.96
CA THR B 473 -4.06 24.87 -7.50
C THR B 473 -3.40 23.52 -7.30
N GLU B 474 -4.09 22.57 -6.67
CA GLU B 474 -3.49 21.25 -6.52
C GLU B 474 -4.12 20.37 -7.59
N VAL B 475 -3.29 19.55 -8.26
CA VAL B 475 -3.77 18.66 -9.31
C VAL B 475 -4.81 17.70 -8.71
N GLY B 476 -5.79 17.28 -9.50
CA GLY B 476 -6.84 16.39 -9.05
C GLY B 476 -8.14 16.50 -9.79
N HIS B 477 -9.03 15.53 -9.53
CA HIS B 477 -10.40 15.48 -10.05
C HIS B 477 -11.27 15.97 -8.91
N TYR B 478 -12.08 16.98 -9.21
CA TYR B 478 -13.00 17.66 -8.27
C TYR B 478 -14.39 17.74 -8.84
N TYR B 479 -15.35 18.12 -8.00
CA TYR B 479 -16.72 18.31 -8.43
C TYR B 479 -17.25 19.59 -7.81
N ILE B 480 -17.85 20.43 -8.64
CA ILE B 480 -18.43 21.69 -8.16
C ILE B 480 -19.93 21.61 -8.34
N TYR B 481 -20.70 21.71 -7.24
CA TYR B 481 -22.16 21.72 -7.26
C TYR B 481 -22.63 23.05 -7.81
N THR B 482 -23.87 23.07 -8.36
CA THR B 482 -24.49 24.26 -8.95
C THR B 482 -24.31 25.50 -8.07
N GLN B 483 -24.65 25.39 -6.77
CA GLN B 483 -24.60 26.49 -5.81
C GLN B 483 -23.19 27.03 -5.61
N ASP B 484 -22.16 26.20 -5.84
CA ASP B 484 -20.78 26.61 -5.69
C ASP B 484 -20.19 27.27 -6.96
N THR B 485 -20.98 27.39 -8.03
CA THR B 485 -20.54 28.05 -9.28
C THR B 485 -21.14 29.47 -9.36
N GLN B 486 -22.12 29.77 -8.50
CA GLN B 486 -22.86 31.03 -8.53
C GLN B 486 -22.00 32.30 -8.35
N ASN B 487 -20.97 32.30 -7.51
CA ASN B 487 -20.27 33.58 -7.33
C ASN B 487 -18.87 33.60 -7.96
N ALA B 488 -18.52 32.53 -8.76
CA ALA B 488 -17.25 32.44 -9.50
C ALA B 488 -17.09 33.68 -10.44
N LEU B 489 -15.94 34.34 -10.30
CA LEU B 489 -15.57 35.54 -11.05
C LEU B 489 -14.85 35.19 -12.34
N ASP B 490 -14.40 33.92 -12.47
CA ASP B 490 -13.65 33.40 -13.62
C ASP B 490 -14.30 32.12 -14.20
N PHE B 491 -15.64 32.05 -14.16
CA PHE B 491 -16.38 30.93 -14.72
C PHE B 491 -16.49 31.06 -16.26
N PRO B 492 -16.46 29.95 -17.05
CA PRO B 492 -16.49 30.07 -18.52
C PRO B 492 -17.83 30.52 -19.11
N LEU B 493 -18.90 30.44 -18.30
CA LEU B 493 -20.23 30.85 -18.73
C LEU B 493 -20.76 31.93 -17.83
N PRO B 494 -21.56 32.89 -18.39
CA PRO B 494 -22.21 33.90 -17.54
C PRO B 494 -23.17 33.22 -16.53
N LYS B 495 -23.54 33.95 -15.47
CA LYS B 495 -24.40 33.47 -14.38
C LYS B 495 -25.76 32.89 -14.85
N ALA B 496 -26.35 33.42 -15.93
CA ALA B 496 -27.65 32.97 -16.46
C ALA B 496 -27.64 31.48 -16.88
N PHE B 497 -26.43 30.94 -17.17
CA PHE B 497 -26.21 29.56 -17.62
C PHE B 497 -25.79 28.61 -16.51
N ARG B 498 -25.62 29.12 -15.28
CA ARG B 498 -25.10 28.33 -14.17
C ARG B 498 -26.17 27.54 -13.42
N ASP B 499 -26.72 26.52 -14.08
CA ASP B 499 -27.80 25.67 -13.54
C ASP B 499 -27.37 24.21 -13.35
N ALA B 500 -26.06 23.94 -13.33
CA ALA B 500 -25.57 22.56 -13.23
C ALA B 500 -24.28 22.40 -12.40
N GLY B 501 -24.00 21.14 -12.06
CA GLY B 501 -22.78 20.72 -11.41
C GLY B 501 -21.77 20.54 -12.51
N TRP B 502 -20.47 20.70 -12.19
CA TRP B 502 -19.38 20.54 -13.17
C TRP B 502 -18.26 19.69 -12.58
N PHE B 503 -17.66 18.83 -13.42
CA PHE B 503 -16.48 18.10 -13.05
C PHE B 503 -15.30 19.07 -13.30
N LEU B 504 -14.37 19.18 -12.33
CA LEU B 504 -13.21 20.04 -12.51
C LEU B 504 -11.95 19.20 -12.44
N ASP B 505 -11.12 19.25 -13.49
CA ASP B 505 -9.86 18.53 -13.52
C ASP B 505 -8.76 19.55 -13.51
N VAL B 506 -7.86 19.46 -12.53
CA VAL B 506 -6.71 20.34 -12.44
C VAL B 506 -5.51 19.45 -12.79
N LEU B 507 -4.78 19.83 -13.83
CA LEU B 507 -3.70 19.01 -14.35
C LEU B 507 -2.35 19.70 -14.27
N PRO B 508 -1.21 18.95 -14.21
CA PRO B 508 0.09 19.64 -14.18
C PRO B 508 0.34 20.46 -15.45
N GLY B 509 1.22 21.43 -15.37
CA GLY B 509 1.48 22.27 -16.53
C GLY B 509 2.95 22.27 -16.87
N HIS B 510 3.67 23.19 -16.24
CA HIS B 510 5.11 23.14 -16.38
C HIS B 510 5.78 23.23 -15.01
N TYR B 511 7.10 23.36 -14.98
CA TYR B 511 7.92 23.39 -13.79
C TYR B 511 7.81 24.70 -13.00
N ASN B 512 7.41 25.81 -13.66
CA ASN B 512 7.29 27.16 -13.09
C ASN B 512 5.91 27.56 -12.52
N GLY B 513 4.86 26.77 -12.72
CA GLY B 513 3.58 27.14 -12.13
C GLY B 513 2.35 27.34 -12.99
N ALA B 514 2.44 27.03 -14.31
CA ALA B 514 1.28 27.05 -15.20
C ALA B 514 0.63 25.70 -15.06
N LEU B 515 -0.67 25.65 -14.73
CA LEU B 515 -1.45 24.43 -14.60
C LEU B 515 -2.58 24.48 -15.60
N ARG B 516 -3.20 23.35 -15.91
CA ARG B 516 -4.37 23.32 -16.79
C ARG B 516 -5.59 23.06 -15.92
N GLN B 517 -6.73 23.63 -16.31
CA GLN B 517 -8.00 23.37 -15.63
C GLN B 517 -8.98 23.02 -16.73
N VAL B 518 -9.76 21.96 -16.51
CA VAL B 518 -10.77 21.46 -17.45
C VAL B 518 -12.08 21.40 -16.66
N LEU B 519 -13.15 22.02 -17.21
CA LEU B 519 -14.51 22.00 -16.67
C LEU B 519 -15.42 21.26 -17.64
N THR B 520 -16.21 20.28 -17.14
CA THR B 520 -17.14 19.49 -17.93
C THR B 520 -18.47 19.50 -17.22
N ARG B 521 -19.54 19.87 -17.93
CA ARG B 521 -20.88 19.93 -17.33
C ARG B 521 -21.43 18.55 -17.01
N ASN B 522 -21.93 18.38 -15.78
CA ASN B 522 -22.55 17.13 -15.38
C ASN B 522 -23.96 17.14 -15.92
N SER B 523 -24.07 16.57 -17.13
CA SER B 523 -25.28 16.49 -17.96
C SER B 523 -25.47 15.07 -18.49
N THR B 524 -26.70 14.58 -18.38
CA THR B 524 -27.12 13.28 -18.92
C THR B 524 -28.14 13.51 -20.07
N GLY B 525 -29.02 14.50 -19.88
CA GLY B 525 -30.05 14.90 -20.83
C GLY B 525 -29.76 16.20 -21.58
N ARG B 526 -28.53 16.72 -21.46
CA ARG B 526 -28.02 17.91 -22.15
C ARG B 526 -26.57 17.58 -22.52
N ASN B 527 -25.98 18.32 -23.47
CA ASN B 527 -24.61 18.06 -23.91
C ASN B 527 -23.59 18.39 -22.81
N MET B 528 -22.51 17.62 -22.76
CA MET B 528 -21.47 17.84 -21.76
C MET B 528 -20.52 18.91 -22.25
N LEU B 529 -20.88 20.16 -21.94
CA LEU B 529 -20.07 21.34 -22.27
C LEU B 529 -18.70 21.15 -21.63
N LYS B 530 -17.62 21.43 -22.40
CA LYS B 530 -16.25 21.25 -21.94
C LYS B 530 -15.40 22.49 -22.22
N PHE B 531 -14.72 22.97 -21.19
CA PHE B 531 -13.85 24.13 -21.29
C PHE B 531 -12.50 23.82 -20.70
N GLU B 532 -11.44 24.41 -21.28
CA GLU B 532 -10.08 24.22 -20.81
C GLU B 532 -9.31 25.55 -20.83
N ARG B 533 -8.44 25.76 -19.84
CA ARG B 533 -7.58 26.94 -19.78
C ARG B 533 -6.27 26.62 -19.08
N VAL B 534 -5.32 27.54 -19.18
CA VAL B 534 -4.05 27.52 -18.46
C VAL B 534 -4.16 28.60 -17.39
N ILE B 535 -3.71 28.31 -16.17
CA ILE B 535 -3.68 29.28 -15.07
C ILE B 535 -2.25 29.42 -14.61
N ASP B 536 -1.88 30.59 -14.09
CA ASP B 536 -0.58 30.84 -13.49
C ASP B 536 -0.90 30.92 -12.01
N ILE B 537 -0.49 29.90 -11.23
CA ILE B 537 -0.81 29.86 -9.80
C ILE B 537 -0.17 30.98 -8.98
N PHE B 538 0.87 31.65 -9.52
CA PHE B 538 1.55 32.75 -8.85
C PHE B 538 1.04 34.14 -9.25
N ASN B 539 0.20 34.21 -10.31
CA ASN B 539 -0.37 35.48 -10.79
C ASN B 539 -1.60 35.24 -11.66
N LYS B 540 -2.81 35.41 -11.09
CA LYS B 540 -4.07 35.18 -11.81
C LYS B 540 -4.27 36.17 -13.00
N LYS B 541 -3.56 37.29 -13.01
CA LYS B 541 -3.63 38.27 -14.11
C LYS B 541 -3.13 37.67 -15.42
N ASN B 542 -2.28 36.64 -15.32
CA ASN B 542 -1.71 35.89 -16.46
C ASN B 542 -2.59 34.72 -16.90
N ASN B 543 -3.75 34.53 -16.25
CA ASN B 543 -4.64 33.42 -16.58
C ASN B 543 -5.23 33.52 -17.95
N GLY B 544 -5.23 32.39 -18.63
CA GLY B 544 -5.76 32.29 -19.98
C GLY B 544 -7.26 32.21 -20.01
N ALA B 545 -7.82 32.56 -21.17
CA ALA B 545 -9.24 32.48 -21.47
C ALA B 545 -9.65 31.02 -21.62
N TRP B 546 -10.89 30.71 -21.31
CA TRP B 546 -11.43 29.37 -21.43
C TRP B 546 -11.67 28.99 -22.90
N ASN B 547 -11.17 27.81 -23.30
CA ASN B 547 -11.34 27.27 -24.65
C ASN B 547 -12.51 26.33 -24.62
N PHE B 548 -13.51 26.56 -25.47
CA PHE B 548 -14.65 25.66 -25.54
C PHE B 548 -14.31 24.52 -26.48
N CYS B 549 -14.52 23.29 -26.01
CA CYS B 549 -14.26 22.11 -26.82
C CYS B 549 -15.59 21.46 -27.18
N PRO B 550 -16.09 21.65 -28.43
CA PRO B 550 -17.40 21.08 -28.76
C PRO B 550 -17.51 19.58 -28.71
N GLN B 551 -18.57 19.13 -28.07
CA GLN B 551 -18.99 17.74 -28.01
C GLN B 551 -20.49 17.73 -27.93
N ASN B 552 -21.10 16.76 -28.58
CA ASN B 552 -22.53 16.77 -28.72
C ASN B 552 -23.12 15.38 -28.67
N ALA B 553 -24.16 15.21 -27.85
CA ALA B 553 -24.89 13.93 -27.68
C ALA B 553 -26.21 13.91 -28.45
N GLY B 554 -26.50 14.98 -29.19
CA GLY B 554 -27.72 15.09 -29.96
C GLY B 554 -28.78 15.93 -29.28
N TYR B 555 -28.42 16.62 -28.19
CA TYR B 555 -29.34 17.50 -27.46
C TYR B 555 -29.26 18.94 -27.94
N TRP B 556 -30.39 19.65 -27.85
CA TRP B 556 -30.40 21.08 -28.17
C TRP B 556 -29.93 21.86 -26.93
N GLU B 557 -29.55 23.13 -27.12
CA GLU B 557 -29.09 24.01 -26.08
C GLU B 557 -29.95 25.26 -26.18
N HIS B 558 -30.60 25.61 -25.06
CA HIS B 558 -31.50 26.75 -25.00
C HIS B 558 -30.77 28.00 -24.53
N ILE B 559 -31.20 29.16 -25.04
CA ILE B 559 -30.67 30.44 -24.62
C ILE B 559 -31.46 30.85 -23.38
N PRO B 560 -30.82 31.12 -22.21
CA PRO B 560 -31.59 31.59 -21.04
C PRO B 560 -32.56 32.74 -21.37
N LYS B 561 -33.80 32.64 -20.86
CA LYS B 561 -34.88 33.61 -21.11
C LYS B 561 -34.52 35.05 -20.76
N SER B 562 -33.59 35.24 -19.82
CA SER B 562 -33.07 36.54 -19.40
C SER B 562 -32.23 37.24 -20.49
N ILE B 563 -31.81 36.50 -21.54
CA ILE B 563 -31.03 37.03 -22.68
C ILE B 563 -31.94 37.35 -23.87
N THR B 564 -31.81 38.58 -24.42
CA THR B 564 -32.60 39.04 -25.59
C THR B 564 -31.71 39.58 -26.71
N LYS B 565 -30.37 39.43 -26.55
CA LYS B 565 -29.43 39.87 -27.58
C LYS B 565 -28.62 38.66 -28.07
N LEU B 566 -28.68 38.37 -29.38
CA LEU B 566 -27.86 37.29 -29.95
C LEU B 566 -26.38 37.66 -29.82
N SER B 567 -26.06 38.97 -29.80
CA SER B 567 -24.71 39.50 -29.67
C SER B 567 -24.06 39.17 -28.31
N ASP B 568 -24.84 38.71 -27.31
CA ASP B 568 -24.35 38.26 -25.99
C ASP B 568 -23.75 36.84 -26.08
N LEU B 569 -24.04 36.09 -27.17
CA LEU B 569 -23.59 34.71 -27.35
C LEU B 569 -22.34 34.67 -28.22
N LYS B 570 -21.18 34.61 -27.56
CA LYS B 570 -19.87 34.72 -28.18
C LYS B 570 -18.95 33.52 -28.07
N ILE B 571 -19.35 32.46 -27.35
CA ILE B 571 -18.56 31.24 -27.23
C ILE B 571 -18.56 30.50 -28.56
N VAL B 572 -17.37 30.34 -29.13
CA VAL B 572 -17.14 29.69 -30.43
C VAL B 572 -17.45 28.19 -30.37
N GLY B 573 -18.33 27.73 -31.27
CA GLY B 573 -18.65 26.31 -31.39
C GLY B 573 -19.83 25.83 -30.57
N LEU B 574 -20.39 26.70 -29.72
CA LEU B 574 -21.54 26.42 -28.87
C LEU B 574 -22.82 26.89 -29.52
N ASP B 575 -23.54 25.95 -30.15
CA ASP B 575 -24.77 26.21 -30.86
C ASP B 575 -25.95 26.34 -29.89
N PHE B 576 -26.97 27.05 -30.33
CA PHE B 576 -28.22 27.21 -29.60
C PHE B 576 -29.39 26.97 -30.54
N TYR B 577 -30.51 26.50 -29.99
CA TYR B 577 -31.72 26.35 -30.79
C TYR B 577 -32.66 27.46 -30.40
N ILE B 578 -33.28 28.09 -31.42
CA ILE B 578 -34.23 29.18 -31.22
C ILE B 578 -35.57 28.76 -31.82
N THR B 579 -36.63 28.68 -30.99
CA THR B 579 -37.97 28.31 -31.49
C THR B 579 -38.60 29.52 -32.18
N THR B 580 -39.69 29.28 -32.95
CA THR B 580 -40.47 30.31 -33.65
C THR B 580 -40.88 31.43 -32.68
N GLU B 581 -41.43 31.06 -31.50
CA GLU B 581 -41.86 32.01 -30.47
C GLU B 581 -40.67 32.80 -29.92
N GLU B 582 -39.54 32.10 -29.60
CA GLU B 582 -38.31 32.69 -29.05
C GLU B 582 -37.66 33.69 -30.01
N SER B 583 -37.76 33.45 -31.35
CA SER B 583 -37.17 34.33 -32.37
C SER B 583 -37.67 35.78 -32.29
N ASN B 584 -38.87 36.00 -31.71
CA ASN B 584 -39.49 37.32 -31.55
C ASN B 584 -38.84 38.19 -30.46
N ARG B 585 -38.21 37.56 -29.46
CA ARG B 585 -37.62 38.30 -28.34
C ARG B 585 -36.23 38.87 -28.62
N PHE B 586 -35.55 38.42 -29.69
CA PHE B 586 -34.20 38.90 -29.96
C PHE B 586 -34.22 40.20 -30.74
N THR B 587 -33.77 41.28 -30.08
CA THR B 587 -33.71 42.64 -30.62
C THR B 587 -32.76 42.78 -31.83
N ASP B 588 -31.80 41.83 -31.99
CA ASP B 588 -30.84 41.84 -33.10
C ASP B 588 -31.06 40.66 -34.10
N PHE B 589 -32.25 40.04 -34.04
CA PHE B 589 -32.65 38.97 -34.97
C PHE B 589 -32.96 39.62 -36.33
N PRO B 590 -32.57 39.00 -37.49
CA PRO B 590 -32.94 39.61 -38.80
C PRO B 590 -34.41 40.00 -38.80
N LYS B 591 -34.65 41.33 -38.92
CA LYS B 591 -35.94 42.02 -38.86
C LYS B 591 -37.12 41.29 -39.53
N ASP B 592 -36.96 40.83 -40.78
CA ASP B 592 -38.05 40.19 -41.51
C ASP B 592 -38.11 38.67 -41.35
N PHE B 593 -37.42 38.12 -40.33
CA PHE B 593 -37.36 36.67 -40.11
C PHE B 593 -37.79 36.25 -38.70
N LYS B 594 -38.46 37.16 -37.98
CA LYS B 594 -38.94 36.91 -36.61
C LYS B 594 -40.31 36.20 -36.61
N GLY B 595 -40.53 35.30 -35.67
CA GLY B 595 -41.75 34.54 -35.46
C GLY B 595 -42.29 33.73 -36.63
N ILE B 596 -41.41 33.25 -37.52
CA ILE B 596 -41.85 32.46 -38.70
C ILE B 596 -41.31 31.00 -38.69
N ALA B 597 -40.18 30.75 -38.02
CA ALA B 597 -39.57 29.43 -37.98
C ALA B 597 -38.59 29.25 -36.82
N GLY B 598 -38.16 28.00 -36.63
CA GLY B 598 -37.14 27.57 -35.70
C GLY B 598 -35.79 27.72 -36.39
N TRP B 599 -34.73 28.03 -35.62
CA TRP B 599 -33.39 28.28 -36.16
C TRP B 599 -32.31 27.68 -35.27
N ILE B 600 -31.17 27.35 -35.87
CA ILE B 600 -29.99 26.94 -35.12
C ILE B 600 -29.02 28.13 -35.23
N LEU B 601 -28.59 28.63 -34.07
CA LEU B 601 -27.58 29.70 -34.04
C LEU B 601 -26.22 29.05 -33.87
N GLU B 602 -25.33 29.29 -34.83
CA GLU B 602 -23.93 28.86 -34.78
C GLU B 602 -23.10 30.09 -34.48
N VAL B 603 -22.12 29.96 -33.58
CA VAL B 603 -21.17 31.01 -33.19
C VAL B 603 -19.79 30.52 -33.67
N LYS B 604 -19.19 31.27 -34.60
CA LYS B 604 -17.94 30.91 -35.27
C LYS B 604 -16.79 31.86 -34.98
N SER B 605 -15.56 31.39 -35.27
CA SER B 605 -14.34 32.13 -35.00
C SER B 605 -14.23 33.43 -35.80
N ASN B 606 -13.47 34.37 -35.26
CA ASN B 606 -13.18 35.67 -35.84
C ASN B 606 -11.90 36.19 -35.16
N THR B 607 -11.66 37.50 -35.19
CA THR B 607 -10.50 38.14 -34.56
C THR B 607 -10.90 38.45 -33.10
N PRO B 608 -9.96 38.73 -32.17
CA PRO B 608 -10.40 39.12 -30.81
C PRO B 608 -11.25 40.41 -30.87
N GLY B 609 -12.32 40.44 -30.11
CA GLY B 609 -13.22 41.59 -30.11
C GLY B 609 -14.33 41.44 -31.13
N ASN B 610 -14.26 40.40 -32.01
CA ASN B 610 -15.27 40.14 -33.03
C ASN B 610 -15.83 38.72 -32.95
N THR B 611 -17.05 38.54 -33.49
CA THR B 611 -17.74 37.26 -33.51
C THR B 611 -18.43 37.10 -34.84
N THR B 612 -18.52 35.85 -35.31
CA THR B 612 -19.30 35.49 -36.50
C THR B 612 -20.47 34.67 -35.99
N GLN B 613 -21.66 34.96 -36.49
CA GLN B 613 -22.86 34.21 -36.17
C GLN B 613 -23.58 33.74 -37.44
N VAL B 614 -24.15 32.52 -37.40
CA VAL B 614 -24.93 31.95 -38.48
C VAL B 614 -26.28 31.53 -37.91
N LEU B 615 -27.38 31.97 -38.54
CA LEU B 615 -28.73 31.50 -38.21
C LEU B 615 -29.15 30.64 -39.39
N ARG B 616 -29.33 29.35 -39.15
CA ARG B 616 -29.76 28.45 -40.21
C ARG B 616 -31.15 27.93 -39.87
N ARG B 617 -32.05 28.04 -40.82
CA ARG B 617 -33.46 27.71 -40.68
C ARG B 617 -33.71 26.24 -40.43
N ASN B 618 -34.73 25.95 -39.62
CA ASN B 618 -35.15 24.58 -39.39
C ASN B 618 -36.41 24.34 -40.23
N ASN B 619 -36.25 24.54 -41.54
CA ASN B 619 -37.29 24.40 -42.56
C ASN B 619 -37.46 22.91 -42.90
N PHE B 620 -38.69 22.50 -43.21
CA PHE B 620 -38.93 21.11 -43.59
C PHE B 620 -39.39 21.08 -45.06
N PRO B 621 -40.63 21.43 -45.46
CA PRO B 621 -40.95 21.41 -46.91
C PRO B 621 -40.42 22.61 -47.70
N SER B 622 -40.32 23.79 -47.06
CA SER B 622 -39.87 25.05 -47.70
C SER B 622 -38.34 25.09 -47.97
N ALA B 623 -37.88 26.15 -48.66
CA ALA B 623 -36.48 26.36 -49.03
C ALA B 623 -35.59 26.69 -47.84
N HIS B 624 -34.36 26.11 -47.81
CA HIS B 624 -33.41 26.40 -46.73
C HIS B 624 -32.91 27.83 -46.85
N GLN B 625 -32.75 28.46 -45.69
CA GLN B 625 -32.23 29.81 -45.57
C GLN B 625 -31.20 29.82 -44.46
N PHE B 626 -30.12 30.58 -44.66
CA PHE B 626 -29.13 30.83 -43.62
C PHE B 626 -28.64 32.26 -43.74
N LEU B 627 -28.44 32.89 -42.57
CA LEU B 627 -28.03 34.28 -42.44
C LEU B 627 -26.74 34.34 -41.67
N VAL B 628 -25.78 35.12 -42.19
CA VAL B 628 -24.42 35.27 -41.66
C VAL B 628 -24.17 36.73 -41.29
N ARG B 629 -23.48 36.98 -40.16
CA ARG B 629 -23.05 38.30 -39.73
C ARG B 629 -21.76 38.23 -38.96
N ASN B 630 -20.99 39.33 -38.99
CA ASN B 630 -19.75 39.50 -38.26
C ASN B 630 -19.94 40.77 -37.42
N PHE B 631 -19.63 40.74 -36.12
CA PHE B 631 -19.85 41.92 -35.27
C PHE B 631 -18.87 42.03 -34.14
N GLY B 632 -18.69 43.25 -33.65
CA GLY B 632 -17.82 43.56 -32.53
C GLY B 632 -17.09 44.87 -32.71
N THR B 633 -15.77 44.86 -32.44
CA THR B 633 -14.90 46.05 -32.60
C THR B 633 -14.81 46.53 -34.07
N GLY B 634 -15.06 45.62 -35.02
CA GLY B 634 -15.08 45.92 -36.45
C GLY B 634 -16.35 46.65 -36.87
N GLY B 635 -17.31 46.71 -35.94
CA GLY B 635 -18.61 47.34 -36.09
C GLY B 635 -19.74 46.34 -35.92
N VAL B 636 -20.99 46.78 -36.02
CA VAL B 636 -22.11 45.86 -35.94
C VAL B 636 -22.46 45.55 -37.39
N GLY B 637 -21.90 44.45 -37.87
CA GLY B 637 -22.08 44.00 -39.24
C GLY B 637 -23.51 43.66 -39.53
N LYS B 638 -23.87 43.77 -40.81
CA LYS B 638 -25.22 43.47 -41.25
C LYS B 638 -25.39 41.98 -41.54
N TRP B 639 -26.61 41.47 -41.41
CA TRP B 639 -26.96 40.07 -41.71
C TRP B 639 -27.03 39.93 -43.22
N SER B 640 -26.52 38.82 -43.77
CA SER B 640 -26.59 38.53 -45.21
C SER B 640 -27.35 37.23 -45.36
N LEU B 641 -28.39 37.23 -46.19
CA LEU B 641 -29.25 36.06 -46.45
C LEU B 641 -28.74 35.22 -47.60
N PHE B 642 -28.80 33.88 -47.43
CA PHE B 642 -28.46 32.88 -48.43
C PHE B 642 -29.65 31.96 -48.49
N GLU B 643 -30.22 31.78 -49.67
CA GLU B 643 -31.41 30.95 -49.85
C GLU B 643 -31.16 29.89 -50.92
N GLY B 644 -31.64 28.68 -50.65
CA GLY B 644 -31.46 27.54 -51.54
C GLY B 644 -32.68 27.26 -52.39
N LYS B 645 -32.52 26.28 -53.31
CA LYS B 645 -33.58 25.85 -54.21
C LYS B 645 -33.99 24.42 -53.83
N VAL B 646 -35.27 24.22 -53.46
CA VAL B 646 -35.86 22.92 -53.13
C VAL B 646 -35.73 21.99 -54.35
N VAL B 647 -35.21 20.79 -54.13
CA VAL B 647 -35.02 19.78 -55.17
C VAL B 647 -35.67 18.48 -54.68
N GLU B 648 -35.83 17.50 -55.56
CA GLU B 648 -36.42 16.21 -55.20
C GLU B 648 -35.38 15.26 -54.60
N ASN C 15 -12.80 -23.18 19.50
CA ASN C 15 -14.02 -22.41 19.78
C ASN C 15 -15.04 -23.22 20.64
N LYS C 16 -16.36 -22.87 20.59
CA LYS C 16 -17.41 -23.54 21.37
C LYS C 16 -18.32 -24.47 20.55
N LEU C 17 -18.71 -25.65 21.12
CA LEU C 17 -19.61 -26.59 20.43
C LEU C 17 -20.98 -25.98 20.23
N ILE C 18 -21.55 -26.17 19.03
CA ILE C 18 -22.90 -25.70 18.72
C ILE C 18 -23.85 -26.65 19.44
N THR C 19 -24.61 -26.12 20.41
CA THR C 19 -25.56 -26.93 21.21
C THR C 19 -27.02 -26.63 20.82
N ASP C 20 -27.24 -25.58 20.01
CA ASP C 20 -28.55 -25.23 19.48
C ASP C 20 -28.46 -25.49 17.97
N LEU C 21 -28.92 -26.67 17.54
CA LEU C 21 -28.88 -27.09 16.15
C LEU C 21 -30.15 -26.73 15.41
N SER C 22 -30.03 -26.57 14.08
CA SER C 22 -31.13 -26.27 13.18
C SER C 22 -32.18 -27.38 13.29
N ARG C 23 -33.47 -26.99 13.40
CA ARG C 23 -34.55 -27.99 13.51
C ARG C 23 -35.07 -28.44 12.12
N VAL C 24 -34.36 -28.03 11.07
CA VAL C 24 -34.66 -28.42 9.70
C VAL C 24 -33.40 -29.01 9.06
N PHE C 25 -33.48 -30.22 8.46
CA PHE C 25 -32.32 -30.86 7.82
C PHE C 25 -31.96 -30.13 6.55
N ASP C 26 -30.92 -29.28 6.63
CA ASP C 26 -30.44 -28.46 5.52
C ASP C 26 -28.92 -28.33 5.52
N TYR C 27 -28.37 -27.36 4.73
CA TYR C 27 -26.94 -27.12 4.62
C TYR C 27 -26.30 -26.79 5.97
N ARG C 28 -26.94 -25.88 6.75
CA ARG C 28 -26.44 -25.43 8.05
C ARG C 28 -26.34 -26.60 9.04
N TYR C 29 -27.34 -27.50 9.04
CA TYR C 29 -27.37 -28.69 9.90
C TYR C 29 -26.14 -29.57 9.68
N VAL C 30 -25.88 -29.97 8.41
CA VAL C 30 -24.73 -30.81 8.03
C VAL C 30 -23.43 -30.08 8.39
N ASP C 31 -23.32 -28.80 8.00
CA ASP C 31 -22.15 -27.94 8.25
C ASP C 31 -21.75 -27.84 9.73
N GLU C 32 -22.72 -27.56 10.61
CA GLU C 32 -22.51 -27.43 12.05
C GLU C 32 -22.35 -28.79 12.76
N ASN C 33 -22.85 -29.86 12.13
CA ASN C 33 -22.70 -31.22 12.63
C ASN C 33 -21.26 -31.66 12.38
N GLU C 34 -20.72 -31.32 11.19
CA GLU C 34 -19.34 -31.60 10.79
C GLU C 34 -18.37 -30.79 11.65
N TYR C 35 -18.70 -29.52 11.92
CA TYR C 35 -17.97 -28.56 12.74
C TYR C 35 -17.79 -29.10 14.15
N ASN C 36 -18.88 -29.62 14.75
CA ASN C 36 -18.88 -30.17 16.08
C ASN C 36 -17.94 -31.35 16.18
N PHE C 37 -18.01 -32.31 15.24
CA PHE C 37 -17.14 -33.49 15.22
C PHE C 37 -15.66 -33.13 15.07
N LYS C 38 -15.35 -32.06 14.28
CA LYS C 38 -13.96 -31.55 14.10
C LYS C 38 -13.44 -30.99 15.43
N LEU C 39 -14.27 -30.18 16.11
CA LEU C 39 -13.95 -29.57 17.41
C LEU C 39 -13.75 -30.67 18.45
N ILE C 40 -14.64 -31.68 18.52
CA ILE C 40 -14.56 -32.83 19.45
C ILE C 40 -13.27 -33.59 19.22
N SER C 41 -12.89 -33.83 17.95
CA SER C 41 -11.66 -34.52 17.58
C SER C 41 -10.42 -33.80 18.14
N ASP C 42 -10.39 -32.47 17.99
CA ASP C 42 -9.32 -31.60 18.50
C ASP C 42 -9.27 -31.60 20.02
N MET C 43 -10.44 -31.53 20.68
CA MET C 43 -10.52 -31.54 22.15
C MET C 43 -10.06 -32.89 22.71
N LEU C 44 -10.45 -34.02 22.06
CA LEU C 44 -10.03 -35.36 22.49
C LEU C 44 -8.51 -35.50 22.34
N THR C 45 -7.95 -35.03 21.21
CA THR C 45 -6.50 -35.08 20.96
C THR C 45 -5.75 -34.23 21.99
N ASP C 46 -6.30 -33.06 22.36
CA ASP C 46 -5.71 -32.17 23.37
C ASP C 46 -5.74 -32.80 24.77
N PHE C 47 -6.84 -33.45 25.17
CA PHE C 47 -6.86 -34.07 26.49
C PHE C 47 -5.87 -35.22 26.57
N ASN C 48 -5.75 -36.02 25.48
CA ASN C 48 -4.81 -37.14 25.41
C ASN C 48 -3.36 -36.62 25.53
N PHE C 49 -3.04 -35.49 24.85
CA PHE C 49 -1.73 -34.86 24.87
C PHE C 49 -1.41 -34.38 26.28
N SER C 50 -2.37 -33.68 26.94
CA SER C 50 -2.19 -33.14 28.30
C SER C 50 -1.88 -34.25 29.33
N LEU C 51 -2.68 -35.36 29.29
CA LEU C 51 -2.47 -36.49 30.19
C LEU C 51 -1.13 -37.18 29.92
N GLU C 52 -0.74 -37.37 28.63
CA GLU C 52 0.54 -37.97 28.25
C GLU C 52 1.72 -37.11 28.62
N TYR C 53 1.56 -35.80 28.48
CA TYR C 53 2.59 -34.86 28.85
C TYR C 53 2.75 -34.84 30.38
N HIS C 54 1.63 -34.87 31.13
CA HIS C 54 1.65 -34.95 32.59
C HIS C 54 2.45 -36.18 33.04
N ARG C 55 2.14 -37.35 32.44
CA ARG C 55 2.79 -38.62 32.76
C ARG C 55 4.28 -38.68 32.46
N ASN C 56 4.68 -38.23 31.27
CA ASN C 56 6.03 -38.40 30.72
C ASN C 56 6.95 -37.21 30.71
N LYS C 57 6.46 -35.97 30.62
CA LYS C 57 7.39 -34.85 30.44
C LYS C 57 7.24 -33.72 31.45
N GLU C 58 6.07 -33.50 32.05
CA GLU C 58 5.89 -32.41 32.98
C GLU C 58 6.94 -32.41 34.13
N VAL C 59 7.68 -31.30 34.27
CA VAL C 59 8.61 -31.21 35.38
C VAL C 59 8.02 -30.25 36.36
N PHE C 60 7.69 -30.94 37.42
CA PHE C 60 6.93 -30.78 38.60
C PHE C 60 5.50 -31.04 38.17
N ALA C 61 5.28 -32.35 37.95
CA ALA C 61 3.98 -32.95 37.67
C ALA C 61 3.25 -32.93 39.00
N HIS C 62 4.01 -33.03 40.13
CA HIS C 62 3.49 -33.03 41.51
C HIS C 62 4.49 -32.49 42.51
N ASP C 63 4.00 -32.13 43.71
CA ASP C 63 4.87 -31.80 44.85
C ASP C 63 4.91 -33.10 45.67
N GLY C 64 5.99 -33.35 46.41
CA GLY C 64 6.16 -34.54 47.22
C GLY C 64 5.15 -34.74 48.32
N GLU C 65 4.52 -33.63 48.75
CA GLU C 65 3.45 -33.66 49.76
C GLU C 65 2.18 -34.36 49.26
N GLN C 66 2.02 -34.46 47.93
CA GLN C 66 0.89 -35.13 47.26
C GLN C 66 1.16 -36.62 47.10
N ILE C 67 2.39 -37.07 47.42
CA ILE C 67 2.80 -38.46 47.24
C ILE C 67 2.83 -39.14 48.58
N LYS C 68 2.00 -40.19 48.71
CA LYS C 68 1.88 -40.96 49.94
C LYS C 68 3.07 -41.87 50.15
N TYR C 69 3.53 -41.91 51.39
CA TYR C 69 4.56 -42.84 51.83
C TYR C 69 3.97 -43.55 53.05
N GLU C 70 3.71 -44.83 52.88
CA GLU C 70 3.12 -45.65 53.92
C GLU C 70 3.95 -46.91 54.10
N HIS C 71 4.33 -47.22 55.35
CA HIS C 71 5.15 -48.41 55.56
C HIS C 71 4.59 -49.36 56.64
N LEU C 72 4.70 -49.02 57.92
CA LEU C 72 4.20 -49.92 58.97
C LEU C 72 2.93 -49.34 59.55
N ASN C 73 1.85 -49.39 58.73
CA ASN C 73 0.49 -48.84 58.99
C ASN C 73 0.51 -47.33 59.41
N VAL C 74 1.67 -46.68 59.21
CA VAL C 74 1.89 -45.26 59.45
C VAL C 74 2.10 -44.58 58.08
N THR C 75 1.24 -43.59 57.82
CA THR C 75 1.18 -42.84 56.58
C THR C 75 1.79 -41.45 56.79
N SER C 76 2.75 -41.12 55.93
CA SER C 76 3.42 -39.82 55.81
C SER C 76 3.33 -39.47 54.32
N ASN C 77 4.02 -38.41 53.92
CA ASN C 77 4.12 -38.02 52.55
C ASN C 77 5.61 -38.03 52.23
N VAL C 78 5.94 -38.08 50.95
CA VAL C 78 7.32 -38.18 50.52
C VAL C 78 8.19 -36.98 50.99
N SER C 79 7.70 -35.73 50.86
CA SER C 79 8.48 -34.55 51.26
C SER C 79 8.83 -34.54 52.76
N ASP C 80 7.83 -34.76 53.62
CA ASP C 80 8.05 -34.80 55.06
C ASP C 80 8.98 -35.95 55.48
N PHE C 81 8.88 -37.11 54.79
CA PHE C 81 9.75 -38.25 55.11
C PHE C 81 11.21 -38.00 54.68
N LEU C 82 11.41 -37.27 53.57
CA LEU C 82 12.72 -36.87 53.09
C LEU C 82 13.36 -35.88 54.07
N THR C 83 12.56 -34.95 54.61
CA THR C 83 12.99 -33.97 55.61
C THR C 83 13.41 -34.71 56.86
N TYR C 84 12.61 -35.70 57.27
CA TYR C 84 12.90 -36.54 58.42
C TYR C 84 14.24 -37.29 58.27
N LEU C 85 14.47 -37.95 57.11
CA LEU C 85 15.71 -38.70 56.84
C LEU C 85 16.92 -37.80 56.84
N ASN C 86 16.83 -36.66 56.14
CA ASN C 86 17.95 -35.73 56.08
C ASN C 86 18.32 -35.19 57.47
N GLY C 87 17.33 -34.88 58.28
CA GLY C 87 17.49 -34.41 59.65
C GLY C 87 18.12 -35.45 60.56
N ARG C 88 17.74 -36.73 60.38
CA ARG C 88 18.30 -37.85 61.14
C ARG C 88 19.78 -37.94 60.86
N PHE C 89 20.14 -37.88 59.57
CA PHE C 89 21.52 -38.03 59.12
C PHE C 89 22.43 -37.01 59.75
N SER C 90 22.01 -35.75 59.70
CA SER C 90 22.75 -34.64 60.28
C SER C 90 22.91 -34.80 61.79
N ASN C 91 21.85 -35.23 62.51
CA ASN C 91 21.88 -35.46 63.98
C ASN C 91 22.82 -36.59 64.35
N MET C 92 22.86 -37.63 63.50
CA MET C 92 23.76 -38.76 63.62
C MET C 92 25.24 -38.30 63.45
N VAL C 93 25.51 -37.44 62.46
CA VAL C 93 26.84 -36.85 62.22
C VAL C 93 27.28 -36.04 63.48
N LEU C 94 26.39 -35.17 64.01
CA LEU C 94 26.63 -34.37 65.22
C LEU C 94 26.84 -35.21 66.46
N GLY C 95 26.19 -36.38 66.52
CA GLY C 95 26.35 -37.32 67.63
C GLY C 95 27.66 -38.09 67.59
N HIS C 96 28.40 -38.08 66.45
CA HIS C 96 29.69 -38.79 66.30
C HIS C 96 30.77 -37.85 65.80
N ASN C 97 30.80 -36.64 66.37
CA ASN C 97 31.68 -35.57 65.92
C ASN C 97 32.65 -35.07 66.98
N GLY C 98 32.74 -35.80 68.09
CA GLY C 98 33.54 -35.42 69.25
C GLY C 98 33.05 -34.09 69.75
N ASP C 99 33.99 -33.14 69.93
CA ASP C 99 33.70 -31.78 70.40
C ASP C 99 33.68 -30.77 69.22
N GLY C 100 33.74 -31.27 67.97
CA GLY C 100 33.75 -30.48 66.75
C GLY C 100 35.00 -29.65 66.58
N ILE C 101 35.02 -28.82 65.52
CA ILE C 101 36.09 -27.86 65.21
C ILE C 101 35.35 -26.53 65.10
N ASN C 102 35.76 -25.53 65.90
CA ASN C 102 35.08 -24.23 65.96
C ASN C 102 35.00 -23.54 64.61
N GLU C 103 36.06 -23.64 63.83
CA GLU C 103 36.12 -23.05 62.51
C GLU C 103 35.01 -23.66 61.60
N VAL C 104 34.78 -24.97 61.77
CA VAL C 104 33.76 -25.72 61.06
C VAL C 104 32.38 -25.30 61.60
N LYS C 105 32.24 -25.14 62.93
CA LYS C 105 31.01 -24.66 63.56
C LYS C 105 30.61 -23.28 63.01
N ASP C 106 31.59 -22.38 62.88
CA ASP C 106 31.36 -21.04 62.34
C ASP C 106 30.87 -21.09 60.90
N ALA C 107 31.40 -22.04 60.10
CA ALA C 107 31.09 -22.23 58.70
C ALA C 107 29.67 -22.78 58.45
N ARG C 108 28.94 -23.18 59.52
CA ARG C 108 27.55 -23.67 59.45
C ARG C 108 26.57 -22.50 59.20
N VAL C 109 27.01 -21.27 59.46
CA VAL C 109 26.18 -20.07 59.32
C VAL C 109 26.30 -19.59 57.88
N ASP C 110 25.19 -19.55 57.15
CA ASP C 110 25.25 -19.05 55.78
C ASP C 110 25.32 -17.50 55.73
N ASN C 111 25.41 -16.91 54.52
CA ASN C 111 25.54 -15.46 54.34
C ASN C 111 24.38 -14.65 54.89
N THR C 112 23.16 -15.24 55.03
CA THR C 112 21.98 -14.56 55.58
C THR C 112 22.00 -14.53 57.10
N GLY C 113 22.91 -15.29 57.70
CA GLY C 113 23.02 -15.42 59.15
C GLY C 113 22.28 -16.63 59.71
N TYR C 114 21.77 -17.50 58.83
CA TYR C 114 21.03 -18.69 59.25
C TYR C 114 22.01 -19.83 59.62
N GLY C 115 21.90 -20.33 60.86
CA GLY C 115 22.74 -21.41 61.37
C GLY C 115 22.19 -22.78 61.04
N HIS C 116 22.89 -23.49 60.14
CA HIS C 116 22.52 -24.83 59.72
C HIS C 116 23.05 -25.84 60.73
N LYS C 117 22.52 -27.09 60.71
CA LYS C 117 22.92 -28.15 61.64
C LYS C 117 24.39 -28.58 61.48
N THR C 118 24.80 -28.74 60.22
CA THR C 118 26.15 -29.21 59.88
C THR C 118 26.67 -28.39 58.71
N LEU C 119 27.99 -28.48 58.46
CA LEU C 119 28.65 -27.81 57.34
C LEU C 119 28.02 -28.28 56.01
N GLN C 120 27.74 -29.59 55.89
CA GLN C 120 27.09 -30.21 54.72
C GLN C 120 25.74 -29.51 54.42
N ASP C 121 24.90 -29.31 55.44
CA ASP C 121 23.59 -28.64 55.30
C ASP C 121 23.70 -27.22 54.77
N ARG C 122 24.70 -26.49 55.24
CA ARG C 122 25.00 -25.14 54.83
C ARG C 122 25.50 -25.12 53.36
N LEU C 123 26.46 -25.99 53.02
CA LEU C 123 26.99 -26.06 51.65
C LEU C 123 25.89 -26.44 50.67
N TYR C 124 25.04 -27.40 51.07
CA TYR C 124 23.92 -27.87 50.24
C TYR C 124 22.97 -26.71 49.92
N HIS C 125 22.56 -25.99 50.97
CA HIS C 125 21.65 -24.86 50.89
C HIS C 125 22.20 -23.75 49.99
N ASP C 126 23.47 -23.38 50.20
CA ASP C 126 24.14 -22.33 49.39
C ASP C 126 24.20 -22.69 47.91
N TYR C 127 24.67 -23.90 47.62
CA TYR C 127 24.82 -24.36 46.25
C TYR C 127 23.45 -24.42 45.54
N SER C 128 22.43 -25.01 46.21
CA SER C 128 21.07 -25.12 45.70
C SER C 128 20.47 -23.75 45.43
N THR C 129 20.61 -22.79 46.36
CA THR C 129 20.10 -21.42 46.18
C THR C 129 20.67 -20.81 44.89
N LEU C 130 22.00 -20.89 44.69
CA LEU C 130 22.65 -20.31 43.52
C LEU C 130 22.36 -21.08 42.24
N ASP C 131 22.28 -22.41 42.33
CA ASP C 131 21.97 -23.26 41.18
C ASP C 131 20.55 -22.98 40.67
N VAL C 132 19.56 -22.87 41.58
CA VAL C 132 18.15 -22.59 41.25
C VAL C 132 18.03 -21.19 40.68
N PHE C 133 18.71 -20.21 41.29
CA PHE C 133 18.71 -18.84 40.83
C PHE C 133 19.26 -18.69 39.41
N THR C 134 20.45 -19.25 39.15
CA THR C 134 21.09 -19.15 37.85
C THR C 134 20.28 -19.89 36.78
N LYS C 135 19.62 -21.02 37.12
CA LYS C 135 18.74 -21.74 36.19
C LYS C 135 17.49 -20.92 35.86
N LYS C 136 17.02 -20.10 36.81
CA LYS C 136 15.85 -19.22 36.64
C LYS C 136 16.23 -18.09 35.67
N VAL C 137 17.44 -17.52 35.82
CA VAL C 137 17.95 -16.47 34.93
C VAL C 137 18.12 -17.04 33.52
N GLU C 138 18.73 -18.25 33.40
CA GLU C 138 18.93 -18.95 32.11
C GLU C 138 17.59 -19.22 31.40
N LYS C 139 16.57 -19.67 32.16
CA LYS C 139 15.26 -19.95 31.59
C LYS C 139 14.66 -18.66 30.99
N ALA C 140 14.74 -17.52 31.72
CA ALA C 140 14.24 -16.23 31.25
C ALA C 140 15.01 -15.77 29.99
N VAL C 141 16.32 -16.02 29.91
CA VAL C 141 17.14 -15.67 28.74
C VAL C 141 16.67 -16.43 27.50
N ASP C 142 16.51 -17.76 27.61
CA ASP C 142 16.07 -18.62 26.52
C ASP C 142 14.67 -18.26 26.05
N GLU C 143 13.75 -17.98 27.01
CA GLU C 143 12.37 -17.60 26.70
C GLU C 143 12.24 -16.24 26.01
N HIS C 144 13.03 -15.25 26.46
CA HIS C 144 13.01 -13.92 25.86
C HIS C 144 13.57 -14.01 24.44
N TYR C 145 14.64 -14.82 24.26
CA TYR C 145 15.27 -15.01 22.95
C TYR C 145 14.39 -15.77 22.00
N LYS C 146 13.65 -16.79 22.49
CA LYS C 146 12.73 -17.56 21.67
C LYS C 146 11.60 -16.66 21.18
N GLU C 147 11.06 -15.80 22.06
CA GLU C 147 9.99 -14.86 21.75
C GLU C 147 10.45 -13.84 20.69
N TYR C 148 11.66 -13.29 20.88
CA TYR C 148 12.26 -12.33 19.97
C TYR C 148 12.46 -12.92 18.56
N ARG C 149 13.04 -14.14 18.49
CA ARG C 149 13.30 -14.85 17.24
C ARG C 149 12.01 -15.23 16.51
N ALA C 150 10.95 -15.63 17.24
CA ALA C 150 9.65 -15.95 16.64
C ALA C 150 9.00 -14.68 16.03
N THR C 151 9.07 -13.53 16.73
CA THR C 151 8.53 -12.24 16.27
C THR C 151 9.26 -11.74 15.00
N GLU C 152 10.58 -11.89 14.98
CA GLU C 152 11.42 -11.38 13.89
C GLU C 152 11.66 -12.29 12.70
N TYR C 153 11.85 -13.60 12.95
CA TYR C 153 12.29 -14.52 11.93
C TYR C 153 11.35 -15.68 11.62
N ARG C 154 10.10 -15.61 12.10
CA ARG C 154 9.09 -16.63 11.80
C ARG C 154 8.91 -16.70 10.27
N PHE C 155 9.06 -17.92 9.75
CA PHE C 155 8.94 -18.21 8.34
C PHE C 155 8.22 -19.54 8.23
N GLU C 156 6.91 -19.48 7.98
CA GLU C 156 6.01 -20.65 7.87
C GLU C 156 5.19 -20.69 6.58
N PRO C 157 5.81 -21.08 5.45
CA PRO C 157 5.07 -21.21 4.20
C PRO C 157 3.82 -22.10 4.26
N LYS C 158 3.72 -23.02 5.25
CA LYS C 158 2.55 -23.90 5.42
C LYS C 158 1.31 -23.19 5.98
N GLU C 159 1.46 -22.04 6.65
CA GLU C 159 0.28 -21.41 7.23
C GLU C 159 0.14 -19.89 7.00
N GLN C 160 1.26 -19.15 6.84
CA GLN C 160 1.21 -17.68 6.62
C GLN C 160 0.44 -17.35 5.35
N GLU C 161 -0.33 -16.28 5.40
CA GLU C 161 -1.12 -15.86 4.24
C GLU C 161 -0.27 -14.99 3.30
N PRO C 162 -0.19 -15.34 2.00
CA PRO C 162 0.56 -14.52 1.06
C PRO C 162 0.00 -13.09 0.96
N GLU C 163 0.92 -12.12 0.92
CA GLU C 163 0.62 -10.69 0.85
C GLU C 163 0.99 -10.19 -0.53
N PHE C 164 0.14 -9.33 -1.12
CA PHE C 164 0.39 -8.72 -2.42
C PHE C 164 1.62 -7.82 -2.34
N ILE C 165 2.52 -7.94 -3.31
CA ILE C 165 3.73 -7.11 -3.39
C ILE C 165 3.59 -6.11 -4.52
N THR C 166 3.38 -6.60 -5.75
CA THR C 166 3.32 -5.77 -6.95
C THR C 166 2.71 -6.49 -8.13
N ASP C 167 2.31 -5.72 -9.16
CA ASP C 167 1.92 -6.27 -10.46
C ASP C 167 3.21 -6.27 -11.25
N LEU C 168 3.27 -7.08 -12.30
CA LEU C 168 4.41 -7.16 -13.23
C LEU C 168 3.82 -6.78 -14.57
N SER C 169 4.44 -5.82 -15.27
CA SER C 169 3.84 -5.32 -16.49
C SER C 169 4.74 -5.46 -17.73
N PRO C 170 5.00 -6.70 -18.23
CA PRO C 170 5.78 -6.81 -19.48
C PRO C 170 4.86 -6.39 -20.65
N TYR C 171 5.43 -6.19 -21.84
CA TYR C 171 4.59 -5.90 -23.00
C TYR C 171 4.49 -7.12 -23.89
N THR C 172 4.48 -8.31 -23.25
CA THR C 172 4.35 -9.61 -23.90
C THR C 172 3.11 -10.19 -23.26
N ASN C 173 2.08 -10.46 -24.08
CA ASN C 173 0.85 -11.07 -23.59
C ASN C 173 0.95 -12.59 -23.67
N ALA C 174 1.48 -13.18 -22.61
CA ALA C 174 1.69 -14.62 -22.45
C ALA C 174 1.77 -14.89 -20.96
N VAL C 175 1.49 -16.13 -20.54
CA VAL C 175 1.58 -16.51 -19.14
C VAL C 175 3.04 -16.36 -18.69
N MET C 176 3.24 -16.02 -17.42
CA MET C 176 4.59 -15.90 -16.90
C MET C 176 5.09 -17.31 -16.54
N GLN C 177 6.33 -17.64 -16.91
CA GLN C 177 6.90 -18.94 -16.53
C GLN C 177 7.60 -18.80 -15.20
N SER C 178 8.42 -17.75 -15.05
CA SER C 178 9.23 -17.54 -13.87
C SER C 178 9.58 -16.08 -13.66
N PHE C 179 10.09 -15.81 -12.48
CA PHE C 179 10.54 -14.47 -12.12
C PHE C 179 11.61 -14.60 -11.08
N TRP C 180 12.48 -13.59 -11.03
CA TRP C 180 13.54 -13.50 -10.04
C TRP C 180 13.73 -12.06 -9.70
N VAL C 181 13.76 -11.76 -8.39
CA VAL C 181 13.96 -10.41 -7.90
C VAL C 181 15.46 -10.28 -7.60
N ASP C 182 16.16 -9.39 -8.30
CA ASP C 182 17.59 -9.17 -8.09
C ASP C 182 17.77 -8.43 -6.76
N PRO C 183 18.40 -9.06 -5.72
CA PRO C 183 18.53 -8.36 -4.42
C PRO C 183 19.44 -7.15 -4.43
N ARG C 184 20.36 -7.07 -5.41
CA ARG C 184 21.27 -5.93 -5.50
C ARG C 184 20.61 -4.76 -6.23
N THR C 185 20.15 -4.98 -7.46
CA THR C 185 19.55 -3.90 -8.28
C THR C 185 18.05 -3.70 -8.08
N LYS C 186 17.33 -4.73 -7.56
CA LYS C 186 15.86 -4.75 -7.37
C LYS C 186 15.10 -4.91 -8.69
N ILE C 187 15.84 -5.15 -9.79
CA ILE C 187 15.25 -5.41 -11.10
C ILE C 187 14.63 -6.82 -11.04
N ILE C 188 13.42 -6.98 -11.59
CA ILE C 188 12.73 -8.25 -11.70
C ILE C 188 12.97 -8.86 -13.10
N TYR C 189 13.54 -10.07 -13.14
CA TYR C 189 13.80 -10.81 -14.38
C TYR C 189 12.69 -11.81 -14.55
N MET C 190 11.85 -11.65 -15.58
CA MET C 190 10.76 -12.61 -15.77
C MET C 190 10.84 -13.32 -17.13
N THR C 191 10.38 -14.57 -17.19
CA THR C 191 10.38 -15.30 -18.46
C THR C 191 8.95 -15.58 -18.91
N GLN C 192 8.75 -15.57 -20.23
CA GLN C 192 7.49 -15.88 -20.90
C GLN C 192 7.85 -16.68 -22.15
N ALA C 193 7.26 -17.86 -22.31
CA ALA C 193 7.49 -18.70 -23.49
C ALA C 193 6.82 -18.01 -24.71
N ARG C 194 7.45 -18.16 -25.88
CA ARG C 194 7.03 -17.60 -27.15
C ARG C 194 6.89 -18.70 -28.19
N PRO C 195 6.11 -18.47 -29.29
CA PRO C 195 6.07 -19.47 -30.38
C PRO C 195 7.49 -19.65 -30.98
N GLY C 196 7.72 -20.76 -31.67
CA GLY C 196 9.01 -21.02 -32.29
C GLY C 196 10.07 -21.52 -31.33
N ASN C 197 9.64 -21.97 -30.13
CA ASN C 197 10.48 -22.53 -29.08
C ASN C 197 11.51 -21.51 -28.52
N HIS C 198 11.10 -20.24 -28.43
CA HIS C 198 11.92 -19.19 -27.86
C HIS C 198 11.28 -18.78 -26.53
N TYR C 199 12.03 -18.05 -25.71
CA TYR C 199 11.44 -17.45 -24.53
C TYR C 199 11.90 -16.03 -24.43
N MET C 200 11.02 -15.14 -23.93
CA MET C 200 11.32 -13.72 -23.72
C MET C 200 11.70 -13.50 -22.26
N LEU C 201 12.87 -12.91 -22.03
CA LEU C 201 13.32 -12.54 -20.70
C LEU C 201 13.19 -11.02 -20.58
N SER C 202 12.13 -10.55 -19.87
CA SER C 202 11.85 -9.11 -19.65
C SER C 202 12.37 -8.67 -18.31
N ARG C 203 12.94 -7.45 -18.28
CA ARG C 203 13.45 -6.86 -17.04
C ARG C 203 12.48 -5.76 -16.61
N LEU C 204 12.07 -5.77 -15.35
CA LEU C 204 11.12 -4.80 -14.84
C LEU C 204 11.64 -4.12 -13.62
N LYS C 205 11.10 -2.91 -13.33
CA LYS C 205 11.41 -2.17 -12.12
C LYS C 205 10.69 -2.92 -10.97
N PRO C 206 11.02 -2.71 -9.67
CA PRO C 206 10.31 -3.45 -8.59
C PRO C 206 8.80 -3.11 -8.42
N ASN C 207 8.27 -2.12 -9.16
CA ASN C 207 6.81 -1.84 -9.18
C ASN C 207 6.17 -2.51 -10.43
N GLY C 208 6.96 -3.30 -11.17
CA GLY C 208 6.50 -4.00 -12.36
C GLY C 208 6.66 -3.27 -13.67
N GLN C 209 7.12 -2.00 -13.62
CA GLN C 209 7.26 -1.23 -14.86
C GLN C 209 8.34 -1.82 -15.80
N PHE C 210 7.99 -1.99 -17.05
CA PHE C 210 8.88 -2.57 -18.06
C PHE C 210 10.14 -1.72 -18.30
N ILE C 211 11.33 -2.34 -18.37
CA ILE C 211 12.60 -1.64 -18.61
C ILE C 211 13.07 -1.97 -20.02
N ASP C 212 13.45 -3.25 -20.22
CA ASP C 212 13.96 -3.75 -21.50
C ASP C 212 13.79 -5.27 -21.57
N ARG C 213 14.22 -5.91 -22.68
CA ARG C 213 14.01 -7.35 -22.82
C ARG C 213 15.03 -8.01 -23.71
N LEU C 214 15.14 -9.35 -23.57
CA LEU C 214 16.02 -10.20 -24.34
C LEU C 214 15.28 -11.43 -24.85
N LEU C 215 15.29 -11.64 -26.15
CA LEU C 215 14.68 -12.83 -26.72
C LEU C 215 15.75 -13.95 -26.78
N VAL C 216 15.47 -15.05 -26.07
CA VAL C 216 16.38 -16.19 -26.02
C VAL C 216 15.93 -17.19 -27.09
N LYS C 217 16.47 -17.00 -28.29
CA LYS C 217 16.17 -17.78 -29.46
C LYS C 217 16.56 -19.23 -29.23
N ASN C 218 15.60 -20.15 -29.50
CA ASN C 218 15.72 -21.59 -29.29
C ASN C 218 16.06 -21.92 -27.85
N GLY C 219 15.63 -21.06 -26.93
CA GLY C 219 15.85 -21.24 -25.49
C GLY C 219 14.93 -22.28 -24.89
N GLY C 220 13.84 -22.59 -25.60
CA GLY C 220 12.80 -23.46 -25.10
C GLY C 220 11.74 -22.64 -24.38
N HIS C 221 11.12 -23.20 -23.32
CA HIS C 221 10.02 -22.55 -22.60
C HIS C 221 10.42 -21.51 -21.54
N GLY C 222 11.67 -21.52 -21.11
CA GLY C 222 12.17 -20.63 -20.06
C GLY C 222 11.56 -20.91 -18.70
N THR C 223 11.25 -22.20 -18.41
CA THR C 223 10.61 -22.66 -17.17
C THR C 223 11.23 -21.99 -15.93
N HIS C 224 12.58 -21.88 -15.90
CA HIS C 224 13.35 -21.15 -14.90
C HIS C 224 14.82 -21.11 -15.25
N ASN C 225 15.46 -20.02 -14.79
CA ASN C 225 16.89 -19.78 -14.89
C ASN C 225 17.48 -19.64 -13.47
N ALA C 226 18.81 -19.84 -13.34
CA ALA C 226 19.53 -19.62 -12.08
C ALA C 226 20.21 -18.27 -12.28
N TYR C 227 20.10 -17.39 -11.30
CA TYR C 227 20.67 -16.05 -11.39
C TYR C 227 21.68 -15.93 -10.26
N ARG C 228 22.92 -15.69 -10.64
CA ARG C 228 24.01 -15.70 -9.69
C ARG C 228 25.01 -14.60 -9.95
N TYR C 229 25.38 -13.90 -8.90
CA TYR C 229 26.45 -12.91 -8.95
C TYR C 229 27.78 -13.61 -8.65
N ILE C 230 28.79 -13.33 -9.49
CA ILE C 230 30.16 -13.85 -9.36
C ILE C 230 31.10 -12.63 -9.45
N ASP C 231 31.60 -12.17 -8.29
CA ASP C 231 32.47 -10.99 -8.13
C ASP C 231 31.90 -9.75 -8.82
N GLY C 232 30.67 -9.40 -8.43
CA GLY C 232 29.95 -8.24 -8.94
C GLY C 232 29.33 -8.39 -10.32
N GLU C 233 29.52 -9.56 -10.95
CA GLU C 233 28.98 -9.84 -12.30
C GLU C 233 27.78 -10.80 -12.25
N LEU C 234 26.64 -10.37 -12.84
CA LEU C 234 25.44 -11.21 -12.87
C LEU C 234 25.48 -12.22 -14.01
N TRP C 235 25.27 -13.49 -13.68
CA TRP C 235 25.23 -14.57 -14.65
C TRP C 235 23.88 -15.26 -14.63
N ILE C 236 23.40 -15.64 -15.82
CA ILE C 236 22.13 -16.36 -16.02
C ILE C 236 22.44 -17.76 -16.53
N TYR C 237 22.02 -18.79 -15.80
CA TYR C 237 22.19 -20.19 -16.14
C TYR C 237 20.86 -20.68 -16.67
N SER C 238 20.83 -21.03 -17.95
CA SER C 238 19.62 -21.41 -18.66
C SER C 238 19.75 -22.74 -19.36
N ALA C 239 18.58 -23.34 -19.62
CA ALA C 239 18.42 -24.50 -20.45
C ALA C 239 18.16 -23.87 -21.83
N VAL C 240 18.87 -24.30 -22.85
CA VAL C 240 18.70 -23.77 -24.21
C VAL C 240 18.80 -24.95 -25.16
N LEU C 241 18.46 -24.75 -26.44
CA LEU C 241 18.61 -25.76 -27.47
C LEU C 241 19.63 -25.29 -28.49
N ASP C 242 20.36 -26.25 -29.11
CA ASP C 242 21.30 -25.93 -30.18
C ASP C 242 20.57 -26.08 -31.53
N SER C 243 21.30 -25.89 -32.64
CA SER C 243 20.82 -25.99 -34.02
C SER C 243 20.12 -27.33 -34.34
N ASN C 244 20.53 -28.41 -33.66
CA ASN C 244 19.99 -29.78 -33.82
C ASN C 244 18.86 -30.06 -32.81
N LYS C 245 18.40 -29.03 -32.05
CA LYS C 245 17.36 -29.14 -31.02
C LYS C 245 17.78 -30.07 -29.84
N ASN C 246 19.10 -30.14 -29.60
CA ASN C 246 19.68 -30.86 -28.46
C ASN C 246 19.79 -29.91 -27.28
N ASN C 247 19.52 -30.43 -26.08
CA ASN C 247 19.55 -29.73 -24.81
C ASN C 247 20.97 -29.27 -24.45
N LYS C 248 21.09 -27.98 -24.11
CA LYS C 248 22.35 -27.36 -23.71
C LYS C 248 22.14 -26.58 -22.44
N PHE C 249 22.92 -26.92 -21.41
CA PHE C 249 22.89 -26.20 -20.16
C PHE C 249 24.04 -25.21 -20.26
N VAL C 250 23.69 -23.91 -20.20
CA VAL C 250 24.62 -22.81 -20.42
C VAL C 250 24.52 -21.71 -19.38
N ARG C 251 25.38 -20.71 -19.54
CA ARG C 251 25.38 -19.46 -18.82
C ARG C 251 25.74 -18.33 -19.76
N PHE C 252 25.17 -17.16 -19.49
CA PHE C 252 25.43 -15.92 -20.21
C PHE C 252 25.05 -14.76 -19.34
N GLN C 253 25.60 -13.59 -19.66
CA GLN C 253 25.27 -12.36 -18.97
C GLN C 253 24.18 -11.69 -19.78
N TYR C 254 23.31 -10.94 -19.11
CA TYR C 254 22.22 -10.21 -19.75
C TYR C 254 22.71 -9.13 -20.72
N ARG C 255 21.91 -8.92 -21.79
CA ARG C 255 22.04 -7.86 -22.78
C ARG C 255 20.66 -7.74 -23.41
N THR C 256 20.32 -6.60 -23.99
CA THR C 256 19.00 -6.41 -24.64
C THR C 256 19.04 -6.97 -26.07
N GLY C 257 17.86 -7.22 -26.63
CA GLY C 257 17.74 -7.69 -28.01
C GLY C 257 17.50 -9.17 -28.15
N GLU C 258 18.49 -9.91 -28.67
CA GLU C 258 18.42 -11.33 -28.99
C GLU C 258 19.73 -12.05 -28.68
N ILE C 259 19.61 -13.33 -28.31
CA ILE C 259 20.73 -14.22 -28.03
C ILE C 259 20.33 -15.64 -28.46
N THR C 260 21.32 -16.43 -28.90
CA THR C 260 21.11 -17.82 -29.30
C THR C 260 22.32 -18.64 -28.96
N TYR C 261 22.15 -19.98 -28.90
CA TYR C 261 23.24 -20.91 -28.62
C TYR C 261 24.37 -20.73 -29.62
N GLY C 262 25.57 -20.60 -29.08
CA GLY C 262 26.78 -20.37 -29.85
C GLY C 262 27.80 -19.64 -29.00
N ASN C 263 28.70 -18.86 -29.66
CA ASN C 263 29.80 -18.09 -29.05
C ASN C 263 29.39 -17.10 -27.94
N GLU C 264 28.13 -16.64 -27.93
CA GLU C 264 27.59 -15.70 -26.92
C GLU C 264 27.18 -16.38 -25.61
N MET C 265 27.10 -17.72 -25.61
CA MET C 265 26.72 -18.50 -24.43
C MET C 265 27.85 -19.45 -24.09
N GLN C 266 28.13 -19.61 -22.80
CA GLN C 266 29.15 -20.54 -22.32
C GLN C 266 28.52 -21.85 -21.86
N ASP C 267 29.06 -22.99 -22.32
CA ASP C 267 28.62 -24.30 -21.86
C ASP C 267 29.00 -24.47 -20.40
N VAL C 268 28.12 -25.16 -19.64
CA VAL C 268 28.36 -25.39 -18.22
C VAL C 268 28.33 -26.90 -18.04
N MET C 269 29.54 -27.51 -17.88
CA MET C 269 29.70 -28.95 -17.69
C MET C 269 28.83 -29.72 -18.71
N PRO C 270 29.03 -29.48 -20.04
CA PRO C 270 28.17 -30.14 -21.05
C PRO C 270 28.17 -31.67 -20.99
N ASN C 271 29.33 -32.29 -20.68
CA ASN C 271 29.45 -33.75 -20.60
C ASN C 271 28.65 -34.35 -19.44
N ILE C 272 28.27 -33.53 -18.45
CA ILE C 272 27.51 -33.98 -17.27
C ILE C 272 26.00 -33.73 -17.40
N PHE C 273 25.60 -32.58 -17.96
CA PHE C 273 24.19 -32.23 -18.01
C PHE C 273 23.47 -32.42 -19.33
N ASN C 274 24.19 -32.44 -20.46
CA ASN C 274 23.52 -32.45 -21.77
C ASN C 274 23.01 -33.83 -22.23
N ASP C 275 22.93 -34.80 -21.32
CA ASP C 275 22.33 -36.10 -21.63
C ASP C 275 20.80 -36.03 -21.43
N ARG C 276 20.29 -34.90 -20.86
CA ARG C 276 18.86 -34.66 -20.63
C ARG C 276 18.56 -33.18 -20.52
N TYR C 277 17.25 -32.82 -20.46
CA TYR C 277 16.81 -31.45 -20.23
C TYR C 277 17.29 -31.12 -18.82
N THR C 278 18.01 -30.00 -18.66
CA THR C 278 18.52 -29.57 -17.38
C THR C 278 18.30 -28.07 -17.22
N SER C 279 17.70 -27.69 -16.10
CA SER C 279 17.50 -26.29 -15.73
C SER C 279 17.96 -26.15 -14.26
N ALA C 280 18.18 -24.92 -13.80
CA ALA C 280 18.67 -24.67 -12.45
C ALA C 280 18.09 -23.42 -11.79
N ILE C 281 18.29 -23.32 -10.47
CA ILE C 281 17.99 -22.17 -9.61
C ILE C 281 19.24 -22.06 -8.73
N TYR C 282 19.59 -20.85 -8.29
CA TYR C 282 20.78 -20.69 -7.48
C TYR C 282 20.44 -20.16 -6.09
N ASN C 283 20.96 -20.82 -5.03
CA ASN C 283 20.76 -20.42 -3.64
C ASN C 283 22.00 -19.67 -3.17
N PRO C 284 21.91 -18.35 -2.89
CA PRO C 284 23.11 -17.61 -2.46
C PRO C 284 23.57 -17.85 -1.02
N VAL C 285 22.67 -18.36 -0.15
CA VAL C 285 22.96 -18.58 1.27
C VAL C 285 23.95 -19.73 1.46
N GLU C 286 23.68 -20.86 0.83
CA GLU C 286 24.53 -22.05 0.94
C GLU C 286 25.42 -22.24 -0.30
N ASN C 287 25.36 -21.32 -1.29
CA ASN C 287 26.13 -21.36 -2.54
C ASN C 287 25.86 -22.68 -3.28
N LEU C 288 24.57 -23.02 -3.42
CA LEU C 288 24.11 -24.23 -4.06
C LEU C 288 23.40 -23.96 -5.34
N MET C 289 23.62 -24.84 -6.33
CA MET C 289 22.89 -24.78 -7.57
C MET C 289 22.00 -26.01 -7.57
N ILE C 290 20.67 -25.79 -7.58
CA ILE C 290 19.63 -26.82 -7.51
C ILE C 290 19.12 -27.06 -8.91
N PHE C 291 19.33 -28.27 -9.41
CA PHE C 291 19.00 -28.70 -10.77
C PHE C 291 17.71 -29.49 -10.87
N ARG C 292 16.83 -29.10 -11.80
CA ARG C 292 15.61 -29.83 -12.08
C ARG C 292 15.84 -30.43 -13.47
N ARG C 293 15.85 -31.76 -13.52
CA ARG C 293 16.16 -32.52 -14.72
C ARG C 293 15.04 -33.47 -15.06
N GLU C 294 14.93 -33.80 -16.36
CA GLU C 294 13.88 -34.66 -16.87
C GLU C 294 14.29 -36.11 -17.08
N TYR C 295 13.36 -37.02 -16.80
CA TYR C 295 13.53 -38.44 -17.13
C TYR C 295 13.00 -38.60 -18.56
N LYS C 296 13.65 -39.44 -19.37
CA LYS C 296 13.26 -39.75 -20.76
C LYS C 296 11.95 -40.56 -20.76
N PRO C 297 11.11 -40.51 -21.82
CA PRO C 297 9.85 -41.31 -21.83
C PRO C 297 9.95 -42.75 -21.33
N THR C 298 11.04 -43.46 -21.66
CA THR C 298 11.27 -44.86 -21.25
C THR C 298 11.54 -44.98 -19.73
N GLU C 299 12.19 -43.96 -19.15
CA GLU C 299 12.56 -43.88 -17.74
C GLU C 299 11.37 -43.53 -16.85
N ARG C 300 10.42 -42.73 -17.39
CA ARG C 300 9.24 -42.21 -16.68
C ARG C 300 8.35 -43.28 -16.03
N GLN C 301 7.99 -44.35 -16.74
CA GLN C 301 7.13 -45.38 -16.17
C GLN C 301 7.80 -46.19 -15.03
N LEU C 302 9.08 -46.58 -15.21
CA LEU C 302 9.84 -47.34 -14.21
C LEU C 302 10.03 -46.57 -12.88
N LYS C 303 10.27 -45.25 -12.97
CA LYS C 303 10.49 -44.41 -11.79
C LYS C 303 9.21 -43.69 -11.29
N ASN C 304 8.12 -43.69 -12.12
CA ASN C 304 6.83 -42.97 -11.90
C ASN C 304 7.10 -41.50 -11.56
N SER C 305 7.98 -40.89 -12.36
CA SER C 305 8.44 -39.52 -12.17
C SER C 305 8.95 -38.93 -13.48
N LEU C 306 8.58 -37.66 -13.77
CA LEU C 306 8.97 -36.89 -14.95
C LEU C 306 10.23 -36.07 -14.64
N ASN C 307 10.32 -35.53 -13.40
CA ASN C 307 11.44 -34.70 -12.95
C ASN C 307 12.13 -35.22 -11.70
N PHE C 308 13.44 -34.94 -11.60
CA PHE C 308 14.28 -35.22 -10.45
C PHE C 308 15.12 -33.97 -10.16
N VAL C 309 15.40 -33.74 -8.91
CA VAL C 309 16.12 -32.57 -8.45
C VAL C 309 17.48 -32.96 -7.88
N GLU C 310 18.54 -32.25 -8.26
CA GLU C 310 19.90 -32.48 -7.76
C GLU C 310 20.36 -31.24 -7.00
N VAL C 311 20.98 -31.44 -5.84
CA VAL C 311 21.54 -30.32 -5.07
C VAL C 311 23.05 -30.43 -5.29
N ARG C 312 23.69 -29.37 -5.81
CA ARG C 312 25.14 -29.36 -6.05
C ARG C 312 25.77 -28.05 -5.56
N SER C 313 27.07 -28.06 -5.28
CA SER C 313 27.78 -26.86 -4.82
C SER C 313 28.11 -26.01 -6.05
N ALA C 314 27.87 -24.68 -5.98
CA ALA C 314 28.16 -23.77 -7.10
C ALA C 314 29.67 -23.69 -7.37
N ASP C 315 30.49 -23.93 -6.32
CA ASP C 315 31.96 -23.97 -6.39
C ASP C 315 32.38 -25.15 -7.26
N ASP C 316 31.77 -26.34 -7.03
CA ASP C 316 31.98 -27.56 -7.79
C ASP C 316 31.62 -27.35 -9.26
N ILE C 317 30.52 -26.62 -9.53
CA ILE C 317 30.09 -26.27 -10.89
C ILE C 317 31.16 -25.42 -11.59
N ASP C 318 31.69 -24.40 -10.87
CA ASP C 318 32.76 -23.52 -11.34
C ASP C 318 34.02 -24.29 -11.68
N LYS C 319 34.34 -25.32 -10.88
CA LYS C 319 35.54 -26.16 -11.01
C LYS C 319 35.34 -27.32 -12.00
N GLY C 320 34.10 -27.54 -12.43
CA GLY C 320 33.75 -28.61 -13.35
C GLY C 320 33.74 -29.98 -12.72
N ILE C 321 33.60 -30.05 -11.37
CA ILE C 321 33.60 -31.34 -10.70
C ILE C 321 32.16 -31.83 -10.53
N ASP C 322 31.92 -33.09 -10.90
CA ASP C 322 30.61 -33.75 -10.84
C ASP C 322 30.46 -34.48 -9.49
N LYS C 323 29.61 -33.93 -8.59
CA LYS C 323 29.33 -34.46 -7.25
C LYS C 323 27.88 -34.07 -6.81
N VAL C 324 26.92 -35.02 -6.90
CA VAL C 324 25.53 -34.79 -6.49
C VAL C 324 25.49 -34.93 -4.96
N LEU C 325 25.25 -33.81 -4.27
CA LEU C 325 25.20 -33.78 -2.81
C LEU C 325 23.98 -34.51 -2.29
N TYR C 326 22.80 -34.21 -2.85
CA TYR C 326 21.50 -34.80 -2.53
C TYR C 326 20.66 -34.84 -3.80
N GLN C 327 19.88 -35.90 -3.98
CA GLN C 327 19.04 -36.09 -5.15
C GLN C 327 17.68 -36.60 -4.69
N MET C 328 16.64 -36.26 -5.45
CA MET C 328 15.28 -36.66 -5.12
C MET C 328 14.44 -36.72 -6.39
N ASP C 329 13.62 -37.76 -6.54
CA ASP C 329 12.69 -37.83 -7.66
C ASP C 329 11.38 -37.17 -7.23
N ILE C 330 10.75 -36.41 -8.14
CA ILE C 330 9.46 -35.79 -7.83
C ILE C 330 8.36 -36.80 -8.22
N PRO C 331 7.49 -37.24 -7.27
CA PRO C 331 6.40 -38.16 -7.65
C PRO C 331 5.50 -37.57 -8.74
N MET C 332 5.09 -38.41 -9.71
CA MET C 332 4.26 -38.02 -10.88
C MET C 332 3.03 -37.18 -10.50
N GLU C 333 2.41 -37.43 -9.31
CA GLU C 333 1.22 -36.69 -8.82
C GLU C 333 1.49 -35.15 -8.70
N TYR C 334 2.79 -34.73 -8.63
CA TYR C 334 3.21 -33.32 -8.57
C TYR C 334 3.65 -32.75 -9.96
N THR C 335 3.56 -33.57 -11.02
CA THR C 335 3.89 -33.24 -12.41
C THR C 335 2.82 -33.91 -13.30
N SER C 336 1.53 -33.77 -12.93
CA SER C 336 0.41 -34.41 -13.62
C SER C 336 -0.39 -33.47 -14.50
N ASP C 337 -1.47 -33.97 -15.11
CA ASP C 337 -2.38 -33.17 -15.93
C ASP C 337 -3.15 -32.16 -15.10
N THR C 338 -3.67 -32.61 -13.94
CA THR C 338 -4.44 -31.79 -12.99
C THR C 338 -3.52 -30.88 -12.14
N GLN C 339 -2.33 -31.40 -11.78
CA GLN C 339 -1.35 -30.70 -10.96
C GLN C 339 0.04 -30.61 -11.65
N PRO C 340 0.17 -29.88 -12.80
CA PRO C 340 1.50 -29.74 -13.41
C PRO C 340 2.38 -28.76 -12.64
N MET C 341 3.72 -28.89 -12.77
CA MET C 341 4.67 -28.00 -12.13
C MET C 341 4.50 -26.56 -12.68
N GLN C 342 4.38 -25.59 -11.75
CA GLN C 342 4.25 -24.15 -12.06
C GLN C 342 5.35 -23.32 -11.44
N GLY C 343 5.98 -23.84 -10.40
CA GLY C 343 7.01 -23.14 -9.66
C GLY C 343 7.88 -24.05 -8.84
N ILE C 344 9.13 -23.62 -8.70
CA ILE C 344 10.16 -24.33 -7.94
C ILE C 344 11.08 -23.31 -7.27
N THR C 345 11.38 -23.53 -5.99
CA THR C 345 12.37 -22.78 -5.26
C THR C 345 12.89 -23.68 -4.13
N TYR C 346 13.91 -23.21 -3.42
CA TYR C 346 14.58 -23.94 -2.34
C TYR C 346 15.02 -22.96 -1.27
N ASP C 347 14.96 -23.43 -0.01
CA ASP C 347 15.44 -22.68 1.14
C ASP C 347 15.65 -23.60 2.30
N ALA C 348 16.81 -23.44 2.98
CA ALA C 348 17.19 -24.13 4.22
C ALA C 348 16.71 -25.60 4.28
N GLY C 349 17.21 -26.40 3.33
CA GLY C 349 16.93 -27.84 3.23
C GLY C 349 15.56 -28.22 2.72
N ILE C 350 14.76 -27.23 2.29
CA ILE C 350 13.41 -27.52 1.79
C ILE C 350 13.26 -27.16 0.32
N LEU C 351 12.71 -28.10 -0.46
CA LEU C 351 12.39 -27.89 -1.87
C LEU C 351 10.90 -27.51 -1.95
N TYR C 352 10.63 -26.31 -2.44
CA TYR C 352 9.27 -25.80 -2.60
C TYR C 352 8.79 -26.05 -4.02
N TRP C 353 7.61 -26.62 -4.15
CA TRP C 353 7.04 -27.07 -5.41
C TRP C 353 5.61 -26.58 -5.49
N TYR C 354 5.35 -25.78 -6.51
CA TYR C 354 4.09 -25.11 -6.79
C TYR C 354 3.46 -25.78 -8.00
N THR C 355 2.21 -26.25 -7.86
CA THR C 355 1.48 -26.89 -8.95
C THR C 355 0.11 -26.28 -9.16
N GLY C 356 -0.47 -26.52 -10.32
CA GLY C 356 -1.81 -26.03 -10.56
C GLY C 356 -2.23 -26.02 -12.00
N ASP C 357 -3.55 -26.05 -12.19
CA ASP C 357 -4.16 -26.03 -13.51
C ASP C 357 -4.85 -24.70 -13.77
N SER C 358 -4.86 -24.33 -15.05
CA SER C 358 -5.47 -23.12 -15.57
C SER C 358 -6.93 -23.39 -15.95
N ASN C 359 -7.88 -23.37 -14.96
CA ASN C 359 -9.33 -23.61 -15.15
C ASN C 359 -10.03 -24.32 -13.97
N THR C 360 -10.62 -25.49 -14.33
CA THR C 360 -11.34 -26.61 -13.72
C THR C 360 -11.70 -26.64 -12.20
N ALA C 361 -11.66 -25.49 -11.48
CA ALA C 361 -11.99 -25.41 -10.04
C ALA C 361 -11.08 -26.26 -9.13
N ASN C 362 -10.05 -26.93 -9.70
CA ASN C 362 -9.07 -27.68 -8.92
C ASN C 362 -8.22 -26.57 -8.32
N PRO C 363 -7.91 -26.59 -7.01
CA PRO C 363 -7.06 -25.52 -6.49
C PRO C 363 -5.59 -25.71 -6.83
N ASN C 364 -4.82 -24.62 -6.79
CA ASN C 364 -3.38 -24.67 -6.97
C ASN C 364 -2.79 -25.04 -5.61
N TYR C 365 -1.67 -25.76 -5.62
CA TYR C 365 -1.01 -26.18 -4.39
C TYR C 365 0.43 -25.77 -4.28
N LEU C 366 0.85 -25.56 -3.03
CA LEU C 366 2.23 -25.32 -2.65
C LEU C 366 2.61 -26.47 -1.76
N GLN C 367 3.66 -27.17 -2.14
CA GLN C 367 4.20 -28.29 -1.36
C GLN C 367 5.64 -27.96 -0.97
N GLY C 368 6.05 -28.55 0.12
CA GLY C 368 7.41 -28.46 0.65
C GLY C 368 7.89 -29.86 0.92
N PHE C 369 9.10 -30.17 0.42
CA PHE C 369 9.75 -31.47 0.61
C PHE C 369 11.08 -31.28 1.29
N ASP C 370 11.38 -32.18 2.24
CA ASP C 370 12.67 -32.23 2.90
C ASP C 370 13.58 -32.87 1.84
N ILE C 371 14.57 -32.11 1.33
CA ILE C 371 15.46 -32.58 0.26
C ILE C 371 16.37 -33.76 0.69
N LYS C 372 16.73 -33.83 1.98
CA LYS C 372 17.59 -34.89 2.53
C LYS C 372 16.84 -36.22 2.72
N THR C 373 15.65 -36.20 3.37
CA THR C 373 14.83 -37.36 3.68
C THR C 373 13.82 -37.75 2.58
N LYS C 374 13.57 -36.84 1.59
CA LYS C 374 12.64 -37.02 0.46
C LYS C 374 11.15 -36.94 0.88
N GLU C 375 10.87 -36.66 2.16
CA GLU C 375 9.51 -36.62 2.70
C GLU C 375 8.76 -35.31 2.42
N LEU C 376 7.44 -35.43 2.20
CA LEU C 376 6.55 -34.30 2.01
C LEU C 376 6.30 -33.71 3.41
N LEU C 377 6.66 -32.43 3.61
CA LEU C 377 6.47 -31.77 4.90
C LEU C 377 5.10 -31.13 5.02
N PHE C 378 4.58 -30.57 3.91
CA PHE C 378 3.29 -29.92 3.85
C PHE C 378 2.78 -29.83 2.40
N LYS C 379 1.46 -29.73 2.26
CA LYS C 379 0.73 -29.54 1.02
C LYS C 379 -0.37 -28.58 1.42
N ARG C 380 -0.41 -27.44 0.74
CA ARG C 380 -1.33 -26.39 1.09
C ARG C 380 -1.94 -25.72 -0.16
N ARG C 381 -3.25 -25.44 -0.11
CA ARG C 381 -3.95 -24.76 -1.19
C ARG C 381 -3.58 -23.29 -1.13
N ILE C 382 -3.21 -22.71 -2.29
CA ILE C 382 -2.85 -21.32 -2.42
C ILE C 382 -4.02 -20.61 -3.09
N ASP C 383 -4.82 -19.91 -2.29
CA ASP C 383 -5.97 -19.18 -2.79
C ASP C 383 -5.86 -17.73 -2.42
N ILE C 384 -5.60 -16.90 -3.43
CA ILE C 384 -5.54 -15.47 -3.20
C ILE C 384 -7.00 -14.94 -3.18
N GLY C 385 -7.64 -15.16 -2.03
CA GLY C 385 -8.99 -14.72 -1.74
C GLY C 385 -8.88 -13.47 -0.89
N GLY C 386 -8.26 -12.44 -1.48
CA GLY C 386 -7.99 -11.17 -0.83
C GLY C 386 -8.72 -9.99 -1.41
N VAL C 387 -8.24 -8.78 -1.07
CA VAL C 387 -8.82 -7.52 -1.48
C VAL C 387 -8.12 -6.93 -2.73
N ASN C 388 -6.84 -7.30 -2.95
CA ASN C 388 -6.04 -6.87 -4.10
C ASN C 388 -6.36 -7.70 -5.35
N ASN C 389 -7.07 -8.83 -5.18
CA ASN C 389 -7.49 -9.71 -6.25
C ASN C 389 -8.87 -9.27 -6.79
N ASN C 390 -9.81 -8.89 -5.86
CA ASN C 390 -11.17 -8.42 -6.16
C ASN C 390 -11.14 -7.04 -6.78
N PHE C 395 -10.28 -16.41 -12.36
CA PHE C 395 -9.54 -17.13 -11.31
C PHE C 395 -8.01 -17.16 -11.54
N GLN C 396 -7.28 -17.66 -10.52
CA GLN C 396 -5.82 -17.72 -10.43
C GLN C 396 -5.12 -18.78 -11.28
N GLU C 397 -4.03 -18.39 -11.95
CA GLU C 397 -3.15 -19.26 -12.73
C GLU C 397 -1.73 -19.16 -12.10
N ALA C 398 -1.33 -20.22 -11.38
CA ALA C 398 -0.05 -20.35 -10.69
C ALA C 398 1.14 -19.98 -11.62
N GLU C 399 2.18 -19.28 -11.13
CA GLU C 399 3.27 -18.94 -12.04
C GLU C 399 4.61 -18.58 -11.35
N GLY C 400 5.32 -19.60 -10.94
CA GLY C 400 6.65 -19.44 -10.40
C GLY C 400 6.74 -19.12 -8.94
N LEU C 401 7.91 -19.43 -8.41
CA LEU C 401 8.31 -19.17 -7.04
C LEU C 401 9.69 -18.57 -7.14
N ASP C 402 10.04 -17.81 -6.13
CA ASP C 402 11.35 -17.26 -5.96
C ASP C 402 11.55 -17.14 -4.46
N MET C 403 12.80 -17.28 -4.02
CA MET C 403 13.20 -17.11 -2.62
C MET C 403 13.97 -15.84 -2.60
N TYR C 404 13.39 -14.80 -2.05
CA TYR C 404 14.07 -13.51 -1.95
C TYR C 404 14.95 -13.50 -0.70
N TYR C 405 16.23 -13.07 -0.85
CA TYR C 405 17.16 -12.96 0.28
C TYR C 405 17.63 -11.53 0.33
N ASP C 406 17.29 -10.82 1.43
CA ASP C 406 17.61 -9.41 1.60
C ASP C 406 19.10 -9.21 1.86
N LEU C 407 19.75 -8.40 1.00
CA LEU C 407 21.19 -8.10 1.06
C LEU C 407 21.59 -7.41 2.36
N GLU C 408 20.83 -6.37 2.76
CA GLU C 408 21.11 -5.59 3.98
C GLU C 408 20.92 -6.34 5.29
N THR C 409 19.81 -7.10 5.43
CA THR C 409 19.42 -7.75 6.68
C THR C 409 19.56 -9.28 6.74
N GLY C 410 19.69 -9.94 5.59
CA GLY C 410 19.73 -11.39 5.55
C GLY C 410 18.36 -12.04 5.68
N ARG C 411 17.30 -11.20 5.82
CA ARG C 411 15.91 -11.64 5.94
C ARG C 411 15.41 -12.20 4.62
N LYS C 412 14.42 -13.08 4.67
CA LYS C 412 13.94 -13.76 3.48
C LYS C 412 12.43 -13.77 3.31
N ALA C 413 12.00 -14.14 2.10
CA ALA C 413 10.60 -14.27 1.74
C ALA C 413 10.46 -15.25 0.61
N LEU C 414 9.37 -16.03 0.67
CA LEU C 414 8.98 -16.94 -0.37
C LEU C 414 8.02 -16.14 -1.25
N LEU C 415 8.44 -15.87 -2.52
CA LEU C 415 7.64 -15.14 -3.48
C LEU C 415 6.84 -16.10 -4.35
N ILE C 416 5.56 -15.76 -4.53
CA ILE C 416 4.61 -16.59 -5.28
C ILE C 416 4.07 -15.75 -6.43
N GLY C 417 4.31 -16.21 -7.63
CA GLY C 417 3.85 -15.53 -8.84
C GLY C 417 2.50 -16.02 -9.28
N VAL C 418 1.65 -15.10 -9.64
CA VAL C 418 0.33 -15.41 -10.16
C VAL C 418 0.08 -14.64 -11.47
N THR C 419 -0.54 -15.33 -12.43
CA THR C 419 -1.01 -14.79 -13.69
C THR C 419 -2.53 -14.98 -13.51
N ILE C 420 -3.28 -13.90 -13.23
CA ILE C 420 -4.74 -13.98 -12.99
C ILE C 420 -5.51 -13.54 -14.26
N GLY C 421 -6.84 -13.65 -14.21
CA GLY C 421 -7.75 -13.24 -15.29
C GLY C 421 -8.49 -14.37 -15.99
N PRO C 422 -9.77 -14.15 -16.37
CA PRO C 422 -10.48 -15.20 -17.11
C PRO C 422 -10.05 -15.16 -18.58
N GLY C 423 -9.22 -16.14 -18.94
CA GLY C 423 -8.68 -16.28 -20.29
C GLY C 423 -7.68 -15.21 -20.62
N ASN C 424 -8.10 -14.25 -21.46
CA ASN C 424 -7.29 -13.13 -21.91
C ASN C 424 -7.99 -11.78 -21.61
N ASN C 425 -7.23 -10.71 -21.28
CA ASN C 425 -5.77 -10.70 -21.24
C ASN C 425 -5.19 -10.99 -19.85
N ARG C 426 -3.95 -11.46 -19.81
CA ARG C 426 -3.29 -11.85 -18.58
C ARG C 426 -2.74 -10.66 -17.79
N HIS C 427 -2.94 -10.66 -16.47
CA HIS C 427 -2.26 -9.75 -15.57
C HIS C 427 -1.43 -10.54 -14.55
N HIS C 428 -0.21 -10.08 -14.26
CA HIS C 428 0.71 -10.79 -13.37
C HIS C 428 0.95 -10.05 -12.08
N SER C 429 1.09 -10.81 -10.99
CA SER C 429 1.33 -10.28 -9.65
C SER C 429 2.25 -11.17 -8.87
N ILE C 430 2.97 -10.58 -7.92
CA ILE C 430 3.84 -11.29 -6.99
C ILE C 430 3.17 -11.11 -5.62
N TYR C 431 3.04 -12.23 -4.90
CA TYR C 431 2.55 -12.36 -3.53
C TYR C 431 3.71 -12.91 -2.72
N SER C 432 3.71 -12.70 -1.41
CA SER C 432 4.83 -13.12 -0.60
C SER C 432 4.47 -13.58 0.79
N ILE C 433 5.23 -14.58 1.27
CA ILE C 433 5.22 -15.09 2.64
C ILE C 433 6.63 -14.69 3.11
N GLY C 434 6.73 -13.66 3.93
CA GLY C 434 8.04 -13.19 4.38
C GLY C 434 8.25 -13.11 5.88
N GLN C 435 9.51 -12.91 6.27
CA GLN C 435 9.89 -12.64 7.66
C GLN C 435 9.53 -11.18 7.94
N ARG C 436 9.51 -10.77 9.22
CA ARG C 436 9.14 -9.41 9.64
C ARG C 436 9.85 -8.28 8.84
N GLY C 437 9.03 -7.36 8.33
CA GLY C 437 9.47 -6.21 7.54
C GLY C 437 9.83 -6.45 6.07
N VAL C 438 9.96 -7.71 5.63
CA VAL C 438 10.39 -8.01 4.24
C VAL C 438 9.35 -7.57 3.19
N ASN C 439 8.08 -7.91 3.40
CA ASN C 439 6.98 -7.59 2.49
C ASN C 439 6.79 -6.10 2.38
N GLN C 440 6.89 -5.37 3.52
CA GLN C 440 6.78 -3.90 3.55
C GLN C 440 7.89 -3.28 2.72
N PHE C 441 9.10 -3.82 2.87
CA PHE C 441 10.26 -3.38 2.12
C PHE C 441 10.04 -3.60 0.62
N LEU C 442 9.71 -4.83 0.21
CA LEU C 442 9.51 -5.15 -1.22
C LEU C 442 8.40 -4.33 -1.88
N LYS C 443 7.27 -4.15 -1.17
CA LYS C 443 6.12 -3.37 -1.65
C LYS C 443 6.50 -1.92 -1.93
N ASN C 444 7.46 -1.37 -1.19
CA ASN C 444 7.75 0.07 -1.24
C ASN C 444 9.10 0.48 -1.84
N ILE C 445 9.85 -0.43 -2.52
CA ILE C 445 11.15 -0.07 -3.15
C ILE C 445 10.93 1.05 -4.17
N ALA C 446 9.92 0.89 -5.02
CA ALA C 446 9.54 1.88 -6.00
C ALA C 446 8.04 2.08 -5.88
N PRO C 447 7.54 3.31 -5.69
CA PRO C 447 6.07 3.49 -5.62
C PRO C 447 5.43 3.12 -6.97
N GLN C 448 4.16 2.72 -6.92
CA GLN C 448 3.42 2.38 -8.14
C GLN C 448 3.51 3.56 -9.14
N VAL C 449 3.47 3.23 -10.42
CA VAL C 449 3.55 4.23 -11.49
C VAL C 449 2.48 5.33 -11.32
N SER C 450 2.93 6.56 -11.47
CA SER C 450 2.14 7.78 -11.34
C SER C 450 2.27 8.63 -12.62
N MET C 451 1.29 9.47 -12.92
CA MET C 451 1.34 10.39 -14.06
C MET C 451 2.24 11.60 -13.73
N THR C 452 2.52 11.83 -12.44
CA THR C 452 3.34 12.93 -11.97
C THR C 452 4.52 12.41 -11.15
N ASP C 453 5.38 13.33 -10.67
CA ASP C 453 6.41 12.94 -9.73
C ASP C 453 5.64 12.81 -8.37
N SER C 454 6.30 12.40 -7.30
CA SER C 454 5.60 12.22 -6.01
C SER C 454 4.84 13.48 -5.48
N GLY C 455 5.31 14.68 -5.83
CA GLY C 455 4.73 15.95 -5.41
C GLY C 455 3.68 16.56 -6.33
N GLY C 456 3.24 15.83 -7.34
CA GLY C 456 2.20 16.28 -8.28
C GLY C 456 2.66 17.23 -9.37
N ARG C 457 3.95 17.28 -9.62
CA ARG C 457 4.52 18.11 -10.65
C ARG C 457 4.73 17.24 -11.89
N VAL C 458 4.83 17.90 -13.03
CA VAL C 458 5.13 17.31 -14.32
C VAL C 458 6.41 16.44 -14.21
N LYS C 459 6.43 15.26 -14.83
CA LYS C 459 7.57 14.36 -14.81
C LYS C 459 8.67 14.91 -15.71
N PRO C 460 9.96 14.57 -15.47
CA PRO C 460 11.01 15.06 -16.38
C PRO C 460 10.99 14.34 -17.73
N LEU C 461 11.40 15.00 -18.82
CA LEU C 461 11.50 14.34 -20.14
C LEU C 461 12.74 13.45 -20.18
N PRO C 462 12.74 12.29 -20.86
CA PRO C 462 13.97 11.47 -20.91
C PRO C 462 15.04 11.97 -21.89
N ILE C 463 14.69 12.88 -22.81
CA ILE C 463 15.60 13.43 -23.84
C ILE C 463 15.38 14.94 -24.01
N GLN C 464 16.45 15.70 -24.22
CA GLN C 464 16.39 17.15 -24.44
C GLN C 464 16.37 17.40 -25.96
N ASN C 465 15.43 18.25 -26.43
CA ASN C 465 15.14 18.56 -27.85
C ASN C 465 15.07 17.22 -28.62
N PRO C 466 14.09 16.35 -28.28
CA PRO C 466 14.06 15.00 -28.88
C PRO C 466 13.81 14.99 -30.36
N ALA C 467 14.43 14.01 -31.04
CA ALA C 467 14.21 13.81 -32.46
C ALA C 467 12.77 13.27 -32.62
N TYR C 468 12.33 12.37 -31.74
CA TYR C 468 10.98 11.81 -31.78
C TYR C 468 10.27 11.89 -30.46
N LEU C 469 9.04 12.46 -30.48
CA LEU C 469 8.18 12.50 -29.30
C LEU C 469 7.72 11.09 -28.96
N SER C 470 7.73 10.18 -29.96
CA SER C 470 7.34 8.78 -29.77
C SER C 470 8.37 8.02 -28.90
N ASP C 471 9.54 8.65 -28.61
CA ASP C 471 10.58 8.08 -27.74
C ASP C 471 10.21 8.27 -26.26
N ILE C 472 9.15 9.07 -25.99
CA ILE C 472 8.62 9.27 -24.64
C ILE C 472 7.54 8.21 -24.46
N THR C 473 7.97 7.06 -23.93
CA THR C 473 7.17 5.84 -23.83
C THR C 473 6.65 5.50 -22.44
N GLU C 474 7.00 6.29 -21.44
CA GLU C 474 6.48 6.03 -20.10
C GLU C 474 5.28 6.92 -19.92
N VAL C 475 4.18 6.37 -19.37
CA VAL C 475 2.97 7.16 -19.13
C VAL C 475 3.31 8.32 -18.20
N GLY C 476 2.63 9.45 -18.35
CA GLY C 476 2.87 10.62 -17.53
C GLY C 476 2.49 11.94 -18.18
N HIS C 477 2.52 13.01 -17.37
CA HIS C 477 2.32 14.39 -17.77
C HIS C 477 3.70 15.01 -17.85
N TYR C 478 4.01 15.61 -19.02
CA TYR C 478 5.29 16.23 -19.35
C TYR C 478 5.06 17.62 -19.91
N TYR C 479 6.16 18.37 -20.03
CA TYR C 479 6.13 19.70 -20.61
C TYR C 479 7.30 19.84 -21.53
N ILE C 480 7.02 20.33 -22.74
CA ILE C 480 8.06 20.53 -23.74
C ILE C 480 8.15 22.03 -24.01
N TYR C 481 9.33 22.65 -23.74
CA TYR C 481 9.60 24.07 -23.98
C TYR C 481 9.73 24.28 -25.46
N THR C 482 9.54 25.53 -25.93
CA THR C 482 9.63 25.91 -27.36
C THR C 482 10.89 25.33 -28.03
N GLN C 483 12.06 25.54 -27.42
CA GLN C 483 13.34 25.10 -27.95
C GLN C 483 13.45 23.58 -28.07
N ASP C 484 12.69 22.83 -27.25
CA ASP C 484 12.71 21.38 -27.30
C ASP C 484 11.71 20.79 -28.31
N THR C 485 10.97 21.63 -29.05
CA THR C 485 10.02 21.19 -30.10
C THR C 485 10.65 21.40 -31.48
N GLN C 486 11.78 22.15 -31.55
CA GLN C 486 12.45 22.52 -32.79
C GLN C 486 12.95 21.34 -33.63
N ASN C 487 13.49 20.31 -32.95
CA ASN C 487 14.05 19.11 -33.59
C ASN C 487 13.07 17.99 -33.85
N ALA C 488 11.89 18.04 -33.25
CA ALA C 488 10.92 16.97 -33.40
C ALA C 488 10.59 16.68 -34.87
N LEU C 489 10.80 15.43 -35.25
CA LEU C 489 10.59 14.95 -36.61
C LEU C 489 9.15 14.44 -36.78
N ASP C 490 8.44 14.26 -35.65
CA ASP C 490 7.05 13.75 -35.59
C ASP C 490 6.11 14.72 -34.87
N PHE C 491 6.36 16.03 -34.98
CA PHE C 491 5.55 17.06 -34.37
C PHE C 491 4.29 17.29 -35.21
N PRO C 492 3.12 17.58 -34.59
CA PRO C 492 1.87 17.73 -35.37
C PRO C 492 1.80 18.98 -36.27
N LEU C 493 2.70 19.95 -36.02
CA LEU C 493 2.75 21.19 -36.79
C LEU C 493 4.12 21.34 -37.43
N PRO C 494 4.17 21.94 -38.65
CA PRO C 494 5.48 22.25 -39.26
C PRO C 494 6.27 23.24 -38.39
N LYS C 495 7.58 23.32 -38.61
CA LYS C 495 8.54 24.14 -37.86
C LYS C 495 8.19 25.61 -37.80
N ALA C 496 7.56 26.18 -38.85
CA ALA C 496 7.16 27.60 -38.92
C ALA C 496 6.18 28.00 -37.80
N PHE C 497 5.44 27.00 -37.24
CA PHE C 497 4.43 27.17 -36.20
C PHE C 497 4.96 26.87 -34.79
N ARG C 498 6.24 26.47 -34.66
CA ARG C 498 6.80 26.04 -33.39
C ARG C 498 7.36 27.18 -32.56
N ASP C 499 6.45 28.01 -32.02
CA ASP C 499 6.80 29.20 -31.22
C ASP C 499 6.28 29.11 -29.77
N ALA C 500 5.90 27.91 -29.31
CA ALA C 500 5.32 27.76 -27.97
C ALA C 500 5.74 26.48 -27.23
N GLY C 501 5.47 26.48 -25.93
CA GLY C 501 5.63 25.32 -25.06
C GLY C 501 4.36 24.50 -25.22
N TRP C 502 4.45 23.16 -25.01
CA TRP C 502 3.32 22.26 -25.11
C TRP C 502 3.27 21.32 -23.92
N PHE C 503 2.08 21.01 -23.44
CA PHE C 503 1.87 19.99 -22.41
C PHE C 503 1.81 18.66 -23.18
N LEU C 504 2.54 17.64 -22.73
CA LEU C 504 2.50 16.32 -23.35
C LEU C 504 1.98 15.30 -22.36
N ASP C 505 0.91 14.60 -22.72
CA ASP C 505 0.34 13.53 -21.89
C ASP C 505 0.55 12.24 -22.61
N VAL C 506 1.20 11.29 -21.95
CA VAL C 506 1.41 9.95 -22.51
C VAL C 506 0.51 9.06 -21.67
N LEU C 507 -0.45 8.43 -22.34
CA LEU C 507 -1.45 7.61 -21.67
C LEU C 507 -1.34 6.15 -22.05
N PRO C 508 -1.83 5.23 -21.18
CA PRO C 508 -1.86 3.81 -21.57
C PRO C 508 -2.72 3.60 -22.83
N GLY C 509 -2.35 2.61 -23.61
CA GLY C 509 -3.06 2.21 -24.81
C GLY C 509 -3.64 0.83 -24.60
N HIS C 510 -2.88 -0.19 -25.03
CA HIS C 510 -3.24 -1.59 -24.77
C HIS C 510 -2.06 -2.32 -24.09
N TYR C 511 -2.24 -3.63 -23.87
CA TYR C 511 -1.34 -4.57 -23.20
C TYR C 511 -0.06 -4.90 -24.01
N ASN C 512 -0.09 -4.70 -25.33
CA ASN C 512 0.98 -5.08 -26.25
C ASN C 512 1.95 -3.96 -26.66
N GLY C 513 1.72 -2.73 -26.21
CA GLY C 513 2.65 -1.67 -26.54
C GLY C 513 2.13 -0.46 -27.29
N ALA C 514 0.82 -0.36 -27.50
CA ALA C 514 0.27 0.88 -28.07
C ALA C 514 0.06 1.86 -26.92
N LEU C 515 0.36 3.12 -27.15
CA LEU C 515 0.14 4.16 -26.15
C LEU C 515 -0.54 5.34 -26.84
N ARG C 516 -1.14 6.24 -26.05
CA ARG C 516 -1.72 7.45 -26.61
C ARG C 516 -0.82 8.60 -26.22
N GLN C 517 -0.73 9.59 -27.08
CA GLN C 517 0.02 10.82 -26.78
C GLN C 517 -0.92 11.96 -27.10
N VAL C 518 -1.00 12.95 -26.19
CA VAL C 518 -1.82 14.14 -26.34
C VAL C 518 -0.90 15.35 -26.17
N LEU C 519 -0.92 16.27 -27.16
CA LEU C 519 -0.18 17.54 -27.12
C LEU C 519 -1.16 18.70 -27.04
N THR C 520 -0.96 19.63 -26.10
CA THR C 520 -1.82 20.80 -25.90
C THR C 520 -0.92 22.03 -25.82
N ARG C 521 -1.17 23.05 -26.64
CA ARG C 521 -0.37 24.25 -26.66
C ARG C 521 -0.53 25.08 -25.40
N ASN C 522 0.60 25.48 -24.79
CA ASN C 522 0.57 26.33 -23.62
C ASN C 522 0.35 27.75 -24.11
N SER C 523 -0.95 28.11 -24.16
CA SER C 523 -1.47 29.37 -24.65
C SER C 523 -2.48 29.96 -23.67
N THR C 524 -2.33 31.24 -23.40
CA THR C 524 -3.23 32.03 -22.55
C THR C 524 -3.95 33.07 -23.44
N GLY C 525 -3.19 33.66 -24.39
CA GLY C 525 -3.66 34.66 -25.34
C GLY C 525 -3.84 34.15 -26.76
N ARG C 526 -3.78 32.83 -26.95
CA ARG C 526 -4.01 32.12 -28.21
C ARG C 526 -4.80 30.85 -27.86
N ASN C 527 -5.45 30.21 -28.84
CA ASN C 527 -6.23 29.00 -28.57
C ASN C 527 -5.34 27.83 -28.20
N MET C 528 -5.83 26.96 -27.32
CA MET C 528 -5.07 25.80 -26.87
C MET C 528 -5.25 24.68 -27.88
N LEU C 529 -4.38 24.69 -28.91
CA LEU C 529 -4.34 23.65 -29.94
C LEU C 529 -4.12 22.32 -29.27
N LYS C 530 -4.91 21.29 -29.67
CA LYS C 530 -4.83 19.97 -29.08
C LYS C 530 -4.75 18.89 -30.16
N PHE C 531 -3.76 18.00 -30.03
CA PHE C 531 -3.56 16.89 -30.95
C PHE C 531 -3.43 15.60 -30.16
N GLU C 532 -3.90 14.50 -30.78
CA GLU C 532 -3.84 13.17 -30.17
C GLU C 532 -3.48 12.11 -31.20
N ARG C 533 -2.67 11.12 -30.81
CA ARG C 533 -2.30 10.00 -31.68
C ARG C 533 -2.06 8.75 -30.87
N VAL C 534 -1.94 7.62 -31.56
CA VAL C 534 -1.58 6.32 -31.00
C VAL C 534 -0.16 6.06 -31.51
N ILE C 535 0.72 5.57 -30.64
CA ILE C 535 2.08 5.19 -31.03
C ILE C 535 2.27 3.70 -30.73
N ASP C 536 3.17 3.04 -31.46
CA ASP C 536 3.59 1.66 -31.21
C ASP C 536 5.02 1.83 -30.68
N ILE C 537 5.22 1.59 -29.39
CA ILE C 537 6.53 1.80 -28.76
C ILE C 537 7.62 0.85 -29.30
N PHE C 538 7.25 -0.25 -29.96
CA PHE C 538 8.20 -1.20 -30.52
C PHE C 538 8.51 -0.95 -32.00
N ASN C 539 7.75 -0.04 -32.66
CA ASN C 539 7.93 0.27 -34.09
C ASN C 539 7.24 1.58 -34.46
N LYS C 540 8.01 2.67 -34.58
CA LYS C 540 7.49 4.00 -34.92
C LYS C 540 6.86 4.06 -36.34
N LYS C 541 7.21 3.12 -37.24
CA LYS C 541 6.60 3.05 -38.59
C LYS C 541 5.08 2.81 -38.51
N ASN C 542 4.61 2.19 -37.41
CA ASN C 542 3.20 1.90 -37.14
C ASN C 542 2.49 3.06 -36.44
N ASN C 543 3.20 4.18 -36.17
CA ASN C 543 2.59 5.32 -35.49
C ASN C 543 1.51 5.99 -36.29
N GLY C 544 0.43 6.30 -35.58
CA GLY C 544 -0.71 6.98 -36.15
C GLY C 544 -0.48 8.46 -36.37
N ALA C 545 -1.27 9.03 -37.27
CA ALA C 545 -1.26 10.46 -37.58
C ALA C 545 -1.90 11.21 -36.42
N TRP C 546 -1.50 12.48 -36.22
CA TRP C 546 -2.04 13.32 -35.17
C TRP C 546 -3.45 13.78 -35.54
N ASN C 547 -4.40 13.63 -34.61
CA ASN C 547 -5.78 14.06 -34.76
C ASN C 547 -5.90 15.41 -34.12
N PHE C 548 -6.40 16.40 -34.87
CA PHE C 548 -6.60 17.73 -34.32
C PHE C 548 -7.95 17.77 -33.65
N CYS C 549 -7.99 18.20 -32.37
CA CYS C 549 -9.25 18.33 -31.64
C CYS C 549 -9.55 19.81 -31.45
N PRO C 550 -10.47 20.40 -32.25
CA PRO C 550 -10.72 21.84 -32.11
C PRO C 550 -11.28 22.27 -30.75
N GLN C 551 -10.67 23.33 -30.24
CA GLN C 551 -11.11 24.07 -29.07
C GLN C 551 -10.75 25.50 -29.29
N ASN C 552 -11.62 26.39 -28.86
CA ASN C 552 -11.45 27.80 -29.17
C ASN C 552 -11.84 28.71 -28.01
N ALA C 553 -10.97 29.69 -27.69
CA ALA C 553 -11.20 30.68 -26.63
C ALA C 553 -11.64 32.04 -27.17
N GLY C 554 -11.81 32.14 -28.48
CA GLY C 554 -12.19 33.38 -29.15
C GLY C 554 -11.02 34.12 -29.75
N TYR C 555 -9.83 33.47 -29.81
CA TYR C 555 -8.64 34.08 -30.41
C TYR C 555 -8.47 33.71 -31.88
N TRP C 556 -7.79 34.56 -32.63
CA TRP C 556 -7.47 34.27 -34.02
C TRP C 556 -6.16 33.49 -34.07
N GLU C 557 -5.89 32.86 -35.20
CA GLU C 557 -4.70 32.06 -35.47
C GLU C 557 -4.10 32.61 -36.76
N HIS C 558 -2.83 33.01 -36.68
CA HIS C 558 -2.12 33.59 -37.81
C HIS C 558 -1.38 32.57 -38.62
N ILE C 559 -1.29 32.80 -39.94
CA ILE C 559 -0.50 31.94 -40.82
C ILE C 559 0.93 32.49 -40.79
N PRO C 560 1.95 31.66 -40.46
CA PRO C 560 3.34 32.16 -40.49
C PRO C 560 3.72 32.84 -41.82
N LYS C 561 4.42 33.98 -41.71
CA LYS C 561 4.85 34.81 -42.84
C LYS C 561 5.63 34.05 -43.92
N SER C 562 6.35 32.98 -43.53
CA SER C 562 7.11 32.13 -44.44
C SER C 562 6.22 31.32 -45.40
N ILE C 563 4.89 31.22 -45.11
CA ILE C 563 3.90 30.49 -45.91
C ILE C 563 3.17 31.45 -46.88
N THR C 564 3.17 31.14 -48.19
CA THR C 564 2.54 31.95 -49.24
C THR C 564 1.52 31.16 -50.05
N LYS C 565 1.29 29.90 -49.68
CA LYS C 565 0.29 29.07 -50.36
C LYS C 565 -0.71 28.57 -49.34
N LEU C 566 -2.01 28.84 -49.57
CA LEU C 566 -3.10 28.36 -48.70
C LEU C 566 -3.16 26.82 -48.76
N SER C 567 -2.69 26.23 -49.88
CA SER C 567 -2.65 24.79 -50.09
C SER C 567 -1.72 24.04 -49.09
N ASP C 568 -0.84 24.78 -48.36
CA ASP C 568 0.06 24.25 -47.32
C ASP C 568 -0.69 23.98 -46.01
N LEU C 569 -1.90 24.55 -45.87
CA LEU C 569 -2.71 24.46 -44.65
C LEU C 569 -3.75 23.37 -44.80
N LYS C 570 -3.44 22.18 -44.26
CA LYS C 570 -4.21 20.96 -44.44
C LYS C 570 -4.78 20.31 -43.17
N ILE C 571 -4.49 20.88 -41.97
CA ILE C 571 -5.04 20.36 -40.72
C ILE C 571 -6.52 20.70 -40.66
N VAL C 572 -7.35 19.66 -40.56
CA VAL C 572 -8.80 19.73 -40.52
C VAL C 572 -9.31 20.35 -39.20
N GLY C 573 -10.10 21.43 -39.32
CA GLY C 573 -10.73 22.07 -38.16
C GLY C 573 -9.94 23.20 -37.56
N LEU C 574 -8.71 23.45 -38.08
CA LEU C 574 -7.82 24.52 -37.63
C LEU C 574 -7.96 25.73 -38.54
N ASP C 575 -8.74 26.72 -38.08
CA ASP C 575 -9.00 27.95 -38.82
C ASP C 575 -7.86 28.95 -38.67
N PHE C 576 -7.74 29.81 -39.65
CA PHE C 576 -6.76 30.88 -39.66
C PHE C 576 -7.45 32.18 -40.03
N TYR C 577 -6.90 33.31 -39.58
CA TYR C 577 -7.42 34.61 -39.96
C TYR C 577 -6.44 35.22 -40.94
N ILE C 578 -6.96 35.82 -42.00
CA ILE C 578 -6.16 36.46 -43.04
C ILE C 578 -6.57 37.93 -43.10
N THR C 579 -5.64 38.87 -42.82
CA THR C 579 -5.94 40.30 -42.89
C THR C 579 -5.95 40.75 -44.36
N THR C 580 -6.51 41.94 -44.63
CA THR C 580 -6.54 42.56 -45.96
C THR C 580 -5.14 42.59 -46.60
N GLU C 581 -4.12 43.06 -45.84
CA GLU C 581 -2.73 43.13 -46.31
C GLU C 581 -2.18 41.73 -46.62
N GLU C 582 -2.41 40.76 -45.70
CA GLU C 582 -1.96 39.37 -45.82
C GLU C 582 -2.54 38.65 -47.02
N SER C 583 -3.79 38.93 -47.40
CA SER C 583 -4.42 38.27 -48.55
C SER C 583 -3.63 38.41 -49.87
N ASN C 584 -2.86 39.51 -50.01
CA ASN C 584 -2.06 39.80 -51.20
C ASN C 584 -0.89 38.83 -51.41
N ARG C 585 -0.37 38.27 -50.32
CA ARG C 585 0.78 37.36 -50.25
C ARG C 585 0.48 35.95 -50.82
N PHE C 586 -0.79 35.50 -50.75
CA PHE C 586 -1.13 34.14 -51.15
C PHE C 586 -1.32 33.98 -52.65
N THR C 587 -0.40 33.23 -53.28
CA THR C 587 -0.36 32.93 -54.71
C THR C 587 -1.56 32.12 -55.19
N ASP C 588 -2.29 31.43 -54.26
CA ASP C 588 -3.48 30.62 -54.58
C ASP C 588 -4.79 31.22 -54.02
N PHE C 589 -4.75 32.51 -53.65
CA PHE C 589 -5.92 33.25 -53.16
C PHE C 589 -6.82 33.58 -54.37
N PRO C 590 -8.17 33.48 -54.27
CA PRO C 590 -9.02 33.88 -55.41
C PRO C 590 -8.57 35.24 -55.98
N LYS C 591 -8.11 35.21 -57.24
CA LYS C 591 -7.51 36.32 -58.02
C LYS C 591 -8.15 37.70 -57.80
N ASP C 592 -9.48 37.81 -57.89
CA ASP C 592 -10.18 39.08 -57.78
C ASP C 592 -10.63 39.43 -56.35
N PHE C 593 -10.05 38.76 -55.34
CA PHE C 593 -10.44 38.96 -53.94
C PHE C 593 -9.26 39.31 -53.02
N LYS C 594 -8.10 39.65 -53.62
CA LYS C 594 -6.88 40.01 -52.90
C LYS C 594 -6.87 41.50 -52.49
N GLY C 595 -6.35 41.78 -51.30
CA GLY C 595 -6.20 43.10 -50.71
C GLY C 595 -7.45 43.96 -50.55
N ILE C 596 -8.63 43.33 -50.38
CA ILE C 596 -9.90 44.05 -50.23
C ILE C 596 -10.58 43.83 -48.85
N ALA C 597 -10.34 42.69 -48.19
CA ALA C 597 -10.96 42.37 -46.89
C ALA C 597 -10.18 41.37 -46.08
N GLY C 598 -10.64 41.20 -44.84
CA GLY C 598 -10.18 40.18 -43.91
C GLY C 598 -11.02 38.93 -44.15
N TRP C 599 -10.43 37.72 -43.93
CA TRP C 599 -11.09 36.45 -44.20
C TRP C 599 -10.76 35.41 -43.13
N ILE C 600 -11.68 34.47 -42.92
CA ILE C 600 -11.42 33.31 -42.07
C ILE C 600 -11.24 32.14 -43.03
N LEU C 601 -10.09 31.46 -42.93
CA LEU C 601 -9.85 30.26 -43.72
C LEU C 601 -10.22 29.05 -42.87
N GLU C 602 -11.17 28.25 -43.36
CA GLU C 602 -11.60 27.01 -42.75
C GLU C 602 -11.02 25.88 -43.58
N VAL C 603 -10.51 24.84 -42.91
CA VAL C 603 -9.93 23.65 -43.52
C VAL C 603 -10.84 22.51 -43.10
N LYS C 604 -11.47 21.87 -44.08
CA LYS C 604 -12.48 20.84 -43.86
C LYS C 604 -12.08 19.47 -44.40
N SER C 605 -12.77 18.42 -43.91
CA SER C 605 -12.50 17.02 -44.26
C SER C 605 -12.71 16.71 -45.75
N ASN C 606 -11.99 15.69 -46.23
CA ASN C 606 -12.03 15.19 -47.59
C ASN C 606 -11.49 13.75 -47.59
N THR C 607 -11.05 13.24 -48.74
CA THR C 607 -10.48 11.90 -48.88
C THR C 607 -8.97 12.00 -48.60
N PRO C 608 -8.24 10.89 -48.34
CA PRO C 608 -6.78 11.01 -48.17
C PRO C 608 -6.14 11.59 -49.44
N GLY C 609 -5.21 12.52 -49.25
CA GLY C 609 -4.55 13.19 -50.37
C GLY C 609 -5.29 14.41 -50.86
N ASN C 610 -6.49 14.69 -50.30
CA ASN C 610 -7.29 15.86 -50.65
C ASN C 610 -7.68 16.71 -49.45
N THR C 611 -7.96 18.00 -49.71
CA THR C 611 -8.36 18.97 -48.70
C THR C 611 -9.49 19.83 -49.24
N THR C 612 -10.40 20.26 -48.33
CA THR C 612 -11.43 21.23 -48.66
C THR C 612 -11.07 22.50 -47.90
N GLN C 613 -11.18 23.66 -48.56
CA GLN C 613 -10.95 24.95 -47.95
C GLN C 613 -12.10 25.89 -48.18
N VAL C 614 -12.43 26.71 -47.16
CA VAL C 614 -13.47 27.75 -47.25
C VAL C 614 -12.84 29.08 -46.82
N LEU C 615 -13.00 30.12 -47.63
CA LEU C 615 -12.60 31.49 -47.26
C LEU C 615 -13.92 32.24 -47.06
N ARG C 616 -14.19 32.64 -45.83
CA ARG C 616 -15.41 33.41 -45.54
C ARG C 616 -15.00 34.82 -45.15
N ARG C 617 -15.63 35.79 -45.81
CA ARG C 617 -15.34 37.20 -45.64
C ARG C 617 -15.64 37.74 -44.27
N ASN C 618 -14.82 38.67 -43.79
CA ASN C 618 -15.09 39.34 -42.53
C ASN C 618 -15.66 40.72 -42.87
N ASN C 619 -16.78 40.69 -43.59
CA ASN C 619 -17.53 41.88 -44.05
C ASN C 619 -18.39 42.40 -42.91
N PHE C 620 -18.56 43.71 -42.85
CA PHE C 620 -19.40 44.30 -41.82
C PHE C 620 -20.62 44.95 -42.50
N PRO C 621 -20.55 46.13 -43.17
CA PRO C 621 -21.77 46.66 -43.82
C PRO C 621 -22.13 46.00 -45.16
N SER C 622 -21.12 45.52 -45.91
CA SER C 622 -21.29 44.91 -47.23
C SER C 622 -21.84 43.46 -47.18
N ALA C 623 -22.11 42.87 -48.35
CA ALA C 623 -22.67 41.52 -48.51
C ALA C 623 -21.66 40.42 -48.15
N HIS C 624 -22.13 39.36 -47.46
CA HIS C 624 -21.27 38.23 -47.11
C HIS C 624 -20.90 37.47 -48.35
N GLN C 625 -19.67 37.00 -48.39
CA GLN C 625 -19.12 36.20 -49.46
C GLN C 625 -18.33 35.05 -48.83
N PHE C 626 -18.43 33.87 -49.44
CA PHE C 626 -17.60 32.74 -49.07
C PHE C 626 -17.23 31.96 -50.32
N LEU C 627 -15.99 31.46 -50.34
CA LEU C 627 -15.39 30.74 -51.47
C LEU C 627 -14.97 29.37 -51.01
N VAL C 628 -15.32 28.33 -51.79
CA VAL C 628 -15.06 26.93 -51.50
C VAL C 628 -14.20 26.31 -52.59
N ARG C 629 -13.25 25.42 -52.21
CA ARG C 629 -12.41 24.66 -53.14
C ARG C 629 -12.02 23.31 -52.54
N ASN C 630 -11.77 22.34 -53.41
CA ASN C 630 -11.30 21.00 -53.05
C ASN C 630 -10.00 20.79 -53.83
N PHE C 631 -8.93 20.31 -53.20
CA PHE C 631 -7.64 20.18 -53.91
C PHE C 631 -6.77 19.06 -53.37
N GLY C 632 -5.87 18.56 -54.20
CA GLY C 632 -4.91 17.52 -53.86
C GLY C 632 -4.70 16.52 -54.99
N THR C 633 -4.76 15.21 -54.68
CA THR C 633 -4.60 14.13 -55.67
C THR C 633 -5.72 14.13 -56.72
N GLY C 634 -6.88 14.69 -56.36
CA GLY C 634 -8.03 14.82 -57.26
C GLY C 634 -7.84 15.94 -58.26
N GLY C 635 -6.78 16.73 -58.06
CA GLY C 635 -6.39 17.87 -58.87
C GLY C 635 -6.44 19.16 -58.08
N VAL C 636 -6.12 20.28 -58.71
CA VAL C 636 -6.21 21.56 -58.04
C VAL C 636 -7.55 22.13 -58.45
N GLY C 637 -8.54 21.92 -57.61
CA GLY C 637 -9.89 22.37 -57.84
C GLY C 637 -9.99 23.88 -57.89
N LYS C 638 -10.98 24.39 -58.60
CA LYS C 638 -11.20 25.83 -58.73
C LYS C 638 -12.04 26.36 -57.57
N TRP C 639 -11.88 27.64 -57.22
CA TRP C 639 -12.64 28.30 -56.17
C TRP C 639 -14.04 28.59 -56.71
N SER C 640 -15.07 28.42 -55.88
CA SER C 640 -16.45 28.74 -56.24
C SER C 640 -16.95 29.78 -55.25
N LEU C 641 -17.47 30.90 -55.75
CA LEU C 641 -17.99 32.01 -54.95
C LEU C 641 -19.46 31.85 -54.62
N PHE C 642 -19.83 32.19 -53.38
CA PHE C 642 -21.21 32.20 -52.87
C PHE C 642 -21.39 33.59 -52.25
N GLU C 643 -22.41 34.32 -52.69
CA GLU C 643 -22.66 35.67 -52.21
C GLU C 643 -24.07 35.81 -51.69
N GLY C 644 -24.22 36.52 -50.57
CA GLY C 644 -25.51 36.74 -49.92
C GLY C 644 -26.12 38.10 -50.22
N LYS C 645 -27.33 38.31 -49.72
CA LYS C 645 -28.08 39.54 -49.88
C LYS C 645 -28.25 40.18 -48.50
N VAL C 646 -27.73 41.42 -48.34
CA VAL C 646 -27.82 42.21 -47.11
C VAL C 646 -29.29 42.44 -46.76
N VAL C 647 -29.66 42.19 -45.51
CA VAL C 647 -31.01 42.35 -44.99
C VAL C 647 -30.89 43.17 -43.70
N GLU C 648 -32.02 43.64 -43.15
CA GLU C 648 -32.00 44.43 -41.93
C GLU C 648 -31.94 43.59 -40.64
FE FE D . 0.10 -37.70 38.25
#